data_2KTA
#
_entry.id   2KTA
#
_entity_poly.entity_id   1
_entity_poly.type   'polypeptide(L)'
_entity_poly.pdbx_seq_one_letter_code
;MNQNLQGEWMKNYEELKSFVRKYRRFPKSTEGNLGGWCHTQRKMRKQGKLPNDRRLLLDKIGFVWSLEHHHHHH
;
_entity_poly.pdbx_strand_id   A
#
# COMPACT_ATOMS: atom_id res chain seq x y z
N MET A 1 -6.35 -2.72 -17.95
CA MET A 1 -6.62 -2.75 -19.41
C MET A 1 -7.29 -1.44 -19.84
N ASN A 2 -8.47 -1.18 -19.29
CA ASN A 2 -9.19 0.07 -19.58
C ASN A 2 -9.29 0.89 -18.30
N GLN A 3 -10.19 1.87 -18.29
CA GLN A 3 -10.39 2.70 -17.11
C GLN A 3 -10.91 1.87 -15.94
N ASN A 4 -11.91 1.04 -16.21
CA ASN A 4 -12.55 0.21 -15.19
C ASN A 4 -13.16 1.12 -14.10
N LEU A 5 -13.48 0.56 -12.97
CA LEU A 5 -14.02 1.33 -11.86
C LEU A 5 -12.92 1.55 -10.83
N GLN A 6 -11.72 1.12 -11.17
CA GLN A 6 -10.58 1.16 -10.27
C GLN A 6 -9.71 2.39 -10.52
N GLY A 7 -10.35 3.51 -10.82
CA GLY A 7 -9.63 4.76 -11.03
C GLY A 7 -8.88 5.20 -9.80
N GLU A 8 -9.50 4.98 -8.64
CA GLU A 8 -8.87 5.25 -7.36
C GLU A 8 -7.57 4.47 -7.22
N TRP A 9 -7.64 3.17 -7.53
CA TRP A 9 -6.47 2.30 -7.49
C TRP A 9 -5.37 2.84 -8.39
N MET A 10 -5.73 3.17 -9.63
CA MET A 10 -4.77 3.70 -10.59
C MET A 10 -4.09 4.95 -10.05
N LYS A 11 -4.89 5.86 -9.48
CA LYS A 11 -4.38 7.12 -8.99
C LYS A 11 -3.49 6.91 -7.77
N ASN A 12 -3.94 6.07 -6.84
CA ASN A 12 -3.21 5.82 -5.61
C ASN A 12 -1.94 5.03 -5.87
N TYR A 13 -1.98 4.11 -6.83
CA TYR A 13 -0.83 3.29 -7.16
C TYR A 13 0.36 4.15 -7.59
N GLU A 14 0.12 5.06 -8.53
CA GLU A 14 1.19 5.92 -9.02
C GLU A 14 1.65 6.91 -7.96
N GLU A 15 0.75 7.22 -7.03
CA GLU A 15 1.06 8.11 -5.93
C GLU A 15 1.99 7.42 -4.94
N LEU A 16 1.71 6.15 -4.68
CA LEU A 16 2.48 5.37 -3.72
C LEU A 16 3.77 4.91 -4.39
N LYS A 17 3.66 4.69 -5.68
CA LYS A 17 4.80 4.35 -6.53
C LYS A 17 5.89 5.42 -6.41
N SER A 18 5.48 6.66 -6.55
CA SER A 18 6.39 7.79 -6.46
C SER A 18 6.84 8.03 -5.01
N PHE A 19 5.95 7.71 -4.07
CA PHE A 19 6.23 7.92 -2.66
C PHE A 19 7.29 6.91 -2.17
N VAL A 20 7.09 5.64 -2.53
CA VAL A 20 8.05 4.60 -2.17
C VAL A 20 9.39 4.82 -2.86
N ARG A 21 9.37 5.34 -4.07
CA ARG A 21 10.62 5.66 -4.77
C ARG A 21 11.44 6.67 -3.93
N LYS A 22 10.76 7.36 -3.03
CA LYS A 22 11.39 8.40 -2.23
C LYS A 22 11.72 7.89 -0.82
N TYR A 23 10.75 7.24 -0.17
CA TYR A 23 10.92 6.80 1.22
C TYR A 23 11.00 5.28 1.38
N ARG A 24 10.40 4.54 0.44
CA ARG A 24 10.15 3.12 0.60
C ARG A 24 9.26 2.88 1.81
N ARG A 25 7.95 2.83 1.57
CA ARG A 25 6.95 2.69 2.62
C ARG A 25 6.91 3.93 3.52
N PHE A 26 5.81 4.05 4.24
CA PHE A 26 5.59 5.17 5.14
C PHE A 26 5.16 4.68 6.52
N PRO A 27 6.15 4.38 7.38
CA PRO A 27 5.90 3.84 8.73
C PRO A 27 5.17 4.83 9.64
N LYS A 28 5.23 6.10 9.30
CA LYS A 28 4.58 7.14 10.09
C LYS A 28 3.12 7.32 9.66
N SER A 29 2.94 7.47 8.35
CA SER A 29 1.62 7.59 7.74
C SER A 29 0.93 8.88 8.19
N THR A 30 1.28 9.98 7.54
CA THR A 30 0.72 11.28 7.86
C THR A 30 0.41 12.08 6.58
N GLU A 31 0.36 11.37 5.45
CA GLU A 31 0.20 12.02 4.15
C GLU A 31 -1.25 12.01 3.68
N GLY A 32 -2.16 11.72 4.59
CA GLY A 32 -3.58 11.81 4.29
C GLY A 32 -4.10 10.68 3.41
N ASN A 33 -3.92 10.82 2.10
CA ASN A 33 -4.52 9.89 1.14
C ASN A 33 -3.91 8.49 1.29
N LEU A 34 -2.59 8.40 1.20
CA LEU A 34 -1.92 7.11 1.36
C LEU A 34 -2.06 6.63 2.79
N GLY A 35 -2.07 7.58 3.73
CA GLY A 35 -2.23 7.24 5.12
C GLY A 35 -3.53 6.52 5.39
N GLY A 36 -4.60 7.01 4.77
CA GLY A 36 -5.89 6.38 4.92
C GLY A 36 -5.97 5.07 4.19
N TRP A 37 -5.36 5.03 3.01
CA TRP A 37 -5.31 3.84 2.19
C TRP A 37 -4.61 2.71 2.93
N CYS A 38 -3.50 3.06 3.60
CA CYS A 38 -2.74 2.10 4.38
C CYS A 38 -3.55 1.60 5.58
N HIS A 39 -4.30 2.50 6.21
CA HIS A 39 -5.13 2.15 7.34
C HIS A 39 -6.14 1.08 6.97
N THR A 40 -6.82 1.29 5.84
CA THR A 40 -7.76 0.30 5.33
C THR A 40 -7.03 -0.95 4.87
N GLN A 41 -5.83 -0.76 4.33
CA GLN A 41 -5.04 -1.84 3.75
C GLN A 41 -4.62 -2.85 4.80
N ARG A 42 -4.47 -2.40 6.04
CA ARG A 42 -4.13 -3.28 7.15
C ARG A 42 -5.12 -4.44 7.25
N LYS A 43 -6.40 -4.12 7.18
CA LYS A 43 -7.45 -5.11 7.33
C LYS A 43 -7.54 -5.98 6.08
N MET A 44 -7.06 -5.47 4.97
CA MET A 44 -7.08 -6.22 3.72
C MET A 44 -6.15 -7.42 3.84
N ARG A 45 -4.95 -7.15 4.34
CA ARG A 45 -3.95 -8.20 4.53
C ARG A 45 -4.31 -9.06 5.74
N LYS A 46 -4.87 -8.42 6.75
CA LYS A 46 -5.33 -9.12 7.94
C LYS A 46 -6.41 -10.15 7.58
N GLN A 47 -7.40 -9.71 6.79
CA GLN A 47 -8.52 -10.56 6.43
C GLN A 47 -8.10 -11.59 5.38
N GLY A 48 -7.15 -11.22 4.53
CA GLY A 48 -6.72 -12.10 3.47
C GLY A 48 -7.52 -11.89 2.20
N LYS A 49 -8.14 -10.71 2.09
CA LYS A 49 -8.94 -10.39 0.92
C LYS A 49 -8.10 -9.60 -0.08
N LEU A 50 -6.89 -9.27 0.35
CA LEU A 50 -5.96 -8.51 -0.47
C LEU A 50 -5.71 -9.24 -1.80
N PRO A 51 -5.65 -8.49 -2.91
CA PRO A 51 -5.30 -9.03 -4.21
C PRO A 51 -3.79 -9.13 -4.38
N ASN A 52 -3.34 -10.31 -4.76
CA ASN A 52 -1.91 -10.56 -4.96
C ASN A 52 -1.33 -9.67 -6.04
N ASP A 53 -2.14 -9.26 -7.00
CA ASP A 53 -1.67 -8.34 -8.03
C ASP A 53 -1.39 -6.98 -7.41
N ARG A 54 -2.31 -6.51 -6.58
CA ARG A 54 -2.13 -5.27 -5.85
C ARG A 54 -0.92 -5.41 -4.93
N ARG A 55 -0.83 -6.56 -4.29
CA ARG A 55 0.26 -6.88 -3.38
C ARG A 55 1.61 -6.86 -4.12
N LEU A 56 1.62 -7.47 -5.29
CA LEU A 56 2.82 -7.58 -6.10
C LEU A 56 3.26 -6.23 -6.66
N LEU A 57 2.31 -5.45 -7.14
CA LEU A 57 2.61 -4.15 -7.72
C LEU A 57 3.35 -3.23 -6.74
N LEU A 58 2.91 -3.23 -5.49
CA LEU A 58 3.59 -2.42 -4.47
C LEU A 58 4.93 -3.03 -4.10
N ASP A 59 5.02 -4.35 -4.14
CA ASP A 59 6.26 -5.04 -3.82
C ASP A 59 7.33 -4.70 -4.87
N LYS A 60 6.88 -4.60 -6.12
CA LYS A 60 7.75 -4.31 -7.24
C LYS A 60 8.28 -2.88 -7.20
N ILE A 61 7.51 -1.96 -6.64
CA ILE A 61 7.95 -0.57 -6.56
C ILE A 61 8.83 -0.35 -5.32
N GLY A 62 8.89 -1.37 -4.47
CA GLY A 62 9.78 -1.31 -3.34
C GLY A 62 9.07 -1.13 -2.01
N PHE A 63 7.78 -1.41 -1.97
CA PHE A 63 7.03 -1.31 -0.73
C PHE A 63 7.28 -2.55 0.12
N VAL A 64 8.09 -2.36 1.14
CA VAL A 64 8.48 -3.44 2.01
C VAL A 64 7.38 -3.73 3.04
N TRP A 65 7.12 -5.01 3.25
CA TRP A 65 6.10 -5.43 4.19
C TRP A 65 6.70 -5.59 5.57
N SER A 66 7.99 -5.92 5.60
CA SER A 66 8.74 -6.11 6.83
C SER A 66 8.21 -7.30 7.63
N LEU A 67 8.81 -7.56 8.78
CA LEU A 67 8.32 -8.58 9.68
C LEU A 67 7.74 -7.93 10.92
N GLU A 68 6.49 -7.52 10.80
CA GLU A 68 5.79 -6.82 11.87
C GLU A 68 5.24 -7.83 12.86
N HIS A 69 4.77 -8.94 12.31
CA HIS A 69 4.30 -10.05 13.12
C HIS A 69 5.45 -11.04 13.31
N HIS A 70 6.16 -10.92 14.42
CA HIS A 70 7.30 -11.77 14.69
C HIS A 70 6.86 -13.16 15.14
N HIS A 71 6.64 -14.02 14.16
CA HIS A 71 6.20 -15.39 14.42
C HIS A 71 6.23 -16.18 13.11
N HIS A 72 7.37 -16.78 12.82
CA HIS A 72 7.52 -17.55 11.59
C HIS A 72 7.29 -19.03 11.86
N HIS A 73 6.40 -19.62 11.09
CA HIS A 73 6.07 -21.03 11.25
C HIS A 73 7.03 -21.87 10.41
N HIS A 74 7.84 -21.17 9.63
CA HIS A 74 8.89 -21.79 8.84
C HIS A 74 10.05 -20.82 8.75
N MET A 1 -20.01 6.58 2.58
CA MET A 1 -19.92 8.06 2.63
C MET A 1 -20.25 8.64 1.27
N ASN A 2 -19.27 8.66 0.39
CA ASN A 2 -19.45 9.17 -0.97
C ASN A 2 -18.47 8.48 -1.91
N GLN A 3 -18.25 7.19 -1.67
CA GLN A 3 -17.30 6.41 -2.47
C GLN A 3 -17.70 6.40 -3.95
N ASN A 4 -16.97 7.18 -4.74
CA ASN A 4 -17.25 7.30 -6.16
C ASN A 4 -16.51 6.23 -6.96
N LEU A 5 -16.80 6.16 -8.25
CA LEU A 5 -16.03 5.34 -9.16
C LEU A 5 -14.99 6.22 -9.83
N GLN A 6 -13.94 6.54 -9.09
CA GLN A 6 -12.92 7.46 -9.55
C GLN A 6 -11.62 6.72 -9.80
N GLY A 7 -10.85 7.18 -10.78
CA GLY A 7 -9.57 6.56 -11.08
C GLY A 7 -8.49 6.97 -10.09
N GLU A 8 -8.90 7.24 -8.86
CA GLU A 8 -7.98 7.67 -7.82
C GLU A 8 -7.10 6.50 -7.39
N TRP A 9 -7.49 5.29 -7.81
CA TRP A 9 -6.65 4.12 -7.61
C TRP A 9 -5.35 4.28 -8.38
N MET A 10 -5.46 4.66 -9.63
CA MET A 10 -4.28 4.92 -10.46
C MET A 10 -3.46 6.04 -9.84
N LYS A 11 -4.15 7.05 -9.34
CA LYS A 11 -3.53 8.18 -8.68
C LYS A 11 -2.77 7.70 -7.43
N ASN A 12 -3.44 6.91 -6.60
CA ASN A 12 -2.83 6.32 -5.41
C ASN A 12 -1.60 5.51 -5.78
N TYR A 13 -1.73 4.72 -6.83
CA TYR A 13 -0.66 3.84 -7.26
C TYR A 13 0.58 4.66 -7.65
N GLU A 14 0.38 5.65 -8.52
CA GLU A 14 1.48 6.51 -8.96
C GLU A 14 2.08 7.27 -7.78
N GLU A 15 1.21 7.70 -6.86
CA GLU A 15 1.65 8.40 -5.67
C GLU A 15 2.50 7.47 -4.79
N LEU A 16 2.04 6.23 -4.66
CA LEU A 16 2.74 5.24 -3.86
C LEU A 16 4.07 4.86 -4.51
N LYS A 17 4.09 4.79 -5.84
CA LYS A 17 5.34 4.59 -6.57
C LYS A 17 6.32 5.68 -6.19
N SER A 18 5.83 6.90 -6.25
CA SER A 18 6.61 8.07 -5.84
C SER A 18 7.04 7.97 -4.38
N PHE A 19 6.13 7.49 -3.52
CA PHE A 19 6.46 7.30 -2.12
C PHE A 19 7.55 6.23 -1.96
N VAL A 20 7.48 5.20 -2.78
CA VAL A 20 8.48 4.14 -2.76
C VAL A 20 9.82 4.58 -3.33
N ARG A 21 9.83 5.35 -4.40
CA ARG A 21 11.10 5.82 -4.96
C ARG A 21 11.80 6.75 -3.97
N LYS A 22 11.04 7.25 -3.01
CA LYS A 22 11.59 8.09 -1.96
C LYS A 22 11.87 7.28 -0.68
N TYR A 23 10.82 6.76 -0.07
CA TYR A 23 10.94 6.12 1.24
C TYR A 23 10.75 4.60 1.16
N ARG A 24 10.39 4.11 -0.02
CA ARG A 24 10.11 2.68 -0.24
C ARG A 24 8.92 2.21 0.58
N ARG A 25 8.19 3.18 1.13
CA ARG A 25 7.13 2.91 2.08
C ARG A 25 6.35 4.19 2.31
N PHE A 26 5.21 4.08 2.97
CA PHE A 26 4.45 5.26 3.35
C PHE A 26 4.28 5.29 4.88
N PRO A 27 5.27 5.86 5.58
CA PRO A 27 5.25 5.96 7.04
C PRO A 27 4.28 7.05 7.51
N LYS A 28 4.17 8.09 6.71
CA LYS A 28 3.26 9.19 7.00
C LYS A 28 2.39 9.47 5.78
N SER A 29 1.14 9.07 5.85
CA SER A 29 0.22 9.25 4.75
C SER A 29 -0.19 10.72 4.63
N THR A 30 0.44 11.43 3.70
CA THR A 30 0.16 12.83 3.47
C THR A 30 -1.28 13.03 2.97
N GLU A 31 -1.73 12.14 2.12
CA GLU A 31 -3.06 12.24 1.55
C GLU A 31 -4.04 11.36 2.30
N GLY A 32 -5.31 11.75 2.27
CA GLY A 32 -6.35 10.91 2.83
C GLY A 32 -6.50 9.63 2.03
N ASN A 33 -6.01 9.67 0.80
CA ASN A 33 -6.01 8.52 -0.08
C ASN A 33 -5.13 7.41 0.49
N LEU A 34 -3.87 7.75 0.75
CA LEU A 34 -2.93 6.81 1.32
C LEU A 34 -3.25 6.53 2.78
N GLY A 35 -3.88 7.52 3.42
CA GLY A 35 -4.37 7.32 4.77
C GLY A 35 -5.40 6.23 4.80
N GLY A 36 -6.30 6.27 3.82
CA GLY A 36 -7.32 5.25 3.72
C GLY A 36 -6.75 3.95 3.18
N TRP A 37 -5.70 4.06 2.37
CA TRP A 37 -4.98 2.89 1.88
C TRP A 37 -4.50 2.06 3.06
N CYS A 38 -3.86 2.72 4.00
CA CYS A 38 -3.35 2.07 5.19
C CYS A 38 -4.48 1.51 6.04
N HIS A 39 -5.57 2.27 6.16
CA HIS A 39 -6.69 1.89 7.04
C HIS A 39 -7.48 0.72 6.45
N THR A 40 -7.95 0.87 5.23
CA THR A 40 -8.82 -0.11 4.61
C THR A 40 -8.11 -1.45 4.43
N GLN A 41 -6.84 -1.39 4.03
CA GLN A 41 -6.07 -2.58 3.77
C GLN A 41 -5.47 -3.16 5.04
N ARG A 42 -5.53 -2.39 6.12
CA ARG A 42 -5.09 -2.86 7.43
C ARG A 42 -5.96 -4.03 7.86
N LYS A 43 -7.22 -3.94 7.50
CA LYS A 43 -8.20 -4.97 7.78
C LYS A 43 -7.99 -6.19 6.87
N MET A 44 -7.98 -5.95 5.57
CA MET A 44 -7.82 -7.02 4.57
C MET A 44 -6.54 -7.81 4.78
N ARG A 45 -5.46 -7.15 5.15
CA ARG A 45 -4.18 -7.84 5.37
C ARG A 45 -4.27 -8.81 6.54
N LYS A 46 -5.08 -8.45 7.53
CA LYS A 46 -5.31 -9.29 8.69
C LYS A 46 -6.22 -10.45 8.31
N GLN A 47 -7.27 -10.13 7.57
CA GLN A 47 -8.27 -11.09 7.15
C GLN A 47 -7.74 -12.04 6.09
N GLY A 48 -6.81 -11.56 5.28
CA GLY A 48 -6.37 -12.32 4.13
C GLY A 48 -7.25 -12.01 2.93
N LYS A 49 -7.77 -10.80 2.89
CA LYS A 49 -8.69 -10.37 1.85
C LYS A 49 -7.96 -9.50 0.85
N LEU A 50 -6.74 -9.14 1.19
CA LEU A 50 -5.92 -8.31 0.32
C LEU A 50 -5.66 -9.05 -0.99
N PRO A 51 -5.72 -8.34 -2.13
CA PRO A 51 -5.46 -8.95 -3.43
C PRO A 51 -3.97 -9.19 -3.67
N ASN A 52 -3.68 -10.28 -4.36
CA ASN A 52 -2.31 -10.67 -4.67
C ASN A 52 -1.68 -9.65 -5.60
N ASP A 53 -2.50 -9.03 -6.44
CA ASP A 53 -2.05 -7.98 -7.34
C ASP A 53 -1.45 -6.82 -6.57
N ARG A 54 -2.19 -6.33 -5.58
CA ARG A 54 -1.74 -5.20 -4.76
C ARG A 54 -0.41 -5.54 -4.10
N ARG A 55 -0.27 -6.79 -3.68
CA ARG A 55 0.96 -7.27 -3.08
C ARG A 55 2.10 -7.24 -4.09
N LEU A 56 1.83 -7.80 -5.27
CA LEU A 56 2.83 -7.91 -6.32
C LEU A 56 3.25 -6.51 -6.80
N LEU A 57 2.27 -5.62 -6.91
CA LEU A 57 2.53 -4.25 -7.35
C LEU A 57 3.57 -3.58 -6.46
N LEU A 58 3.49 -3.85 -5.16
CA LEU A 58 4.44 -3.29 -4.20
C LEU A 58 5.85 -3.77 -4.51
N ASP A 59 5.99 -5.07 -4.77
CA ASP A 59 7.29 -5.64 -5.10
C ASP A 59 7.80 -5.09 -6.43
N LYS A 60 6.88 -4.82 -7.34
CA LYS A 60 7.21 -4.37 -8.67
C LYS A 60 7.79 -2.95 -8.66
N ILE A 61 7.29 -2.11 -7.77
CA ILE A 61 7.81 -0.76 -7.62
C ILE A 61 9.01 -0.72 -6.68
N GLY A 62 9.07 -1.67 -5.74
CA GLY A 62 10.20 -1.73 -4.83
C GLY A 62 9.83 -1.35 -3.41
N PHE A 63 8.61 -1.69 -3.02
CA PHE A 63 8.12 -1.41 -1.67
C PHE A 63 8.78 -2.34 -0.67
N VAL A 64 9.21 -1.77 0.45
CA VAL A 64 9.88 -2.54 1.48
C VAL A 64 8.88 -3.03 2.51
N TRP A 65 8.90 -4.33 2.75
CA TRP A 65 7.98 -4.96 3.69
C TRP A 65 8.60 -5.03 5.07
N SER A 66 9.44 -4.03 5.37
CA SER A 66 10.22 -3.97 6.61
C SER A 66 11.40 -4.94 6.56
N LEU A 67 11.12 -6.17 6.14
CA LEU A 67 12.16 -7.16 5.96
C LEU A 67 12.06 -7.78 4.57
N GLU A 68 13.16 -8.36 4.10
CA GLU A 68 13.18 -9.04 2.83
C GLU A 68 13.27 -10.54 3.07
N HIS A 69 14.50 -11.03 3.26
CA HIS A 69 14.78 -12.42 3.55
C HIS A 69 16.11 -12.52 4.25
N HIS A 70 16.59 -13.73 4.43
CA HIS A 70 17.96 -13.93 4.89
C HIS A 70 18.81 -14.24 3.67
N HIS A 71 18.83 -13.28 2.74
CA HIS A 71 19.39 -13.49 1.42
C HIS A 71 20.86 -13.11 1.37
N HIS A 72 21.17 -11.87 1.72
CA HIS A 72 22.53 -11.37 1.58
C HIS A 72 22.98 -10.63 2.85
N HIS A 73 23.23 -11.40 3.91
CA HIS A 73 23.86 -10.90 5.12
C HIS A 73 23.75 -11.95 6.24
N HIS A 74 22.62 -11.93 6.93
CA HIS A 74 22.37 -12.83 8.05
C HIS A 74 20.96 -12.62 8.58
N MET A 1 -5.28 11.98 -14.36
CA MET A 1 -6.00 11.44 -15.53
C MET A 1 -7.13 10.53 -15.08
N ASN A 2 -8.32 10.74 -15.66
CA ASN A 2 -9.50 9.91 -15.41
C ASN A 2 -10.02 10.08 -13.99
N GLN A 3 -9.33 9.47 -13.02
CA GLN A 3 -9.76 9.47 -11.62
C GLN A 3 -11.16 8.88 -11.47
N ASN A 4 -11.45 7.86 -12.26
CA ASN A 4 -12.70 7.14 -12.16
C ASN A 4 -12.83 6.49 -10.78
N LEU A 5 -14.04 6.41 -10.26
CA LEU A 5 -14.32 5.76 -8.99
C LEU A 5 -13.73 4.35 -8.99
N GLN A 6 -13.87 3.67 -10.12
CA GLN A 6 -13.38 2.32 -10.28
C GLN A 6 -11.99 2.31 -10.92
N GLY A 7 -11.35 3.48 -10.95
CA GLY A 7 -10.05 3.59 -11.58
C GLY A 7 -9.12 4.50 -10.80
N GLU A 8 -9.33 4.57 -9.49
CA GLU A 8 -8.49 5.42 -8.65
C GLU A 8 -7.21 4.68 -8.26
N TRP A 9 -7.22 3.37 -8.46
CA TRP A 9 -6.04 2.55 -8.15
C TRP A 9 -4.85 3.06 -8.95
N MET A 10 -5.01 3.11 -10.26
CA MET A 10 -3.97 3.62 -11.15
C MET A 10 -3.54 5.02 -10.75
N LYS A 11 -4.51 5.79 -10.26
CA LYS A 11 -4.27 7.17 -9.87
C LYS A 11 -3.35 7.24 -8.64
N ASN A 12 -3.73 6.54 -7.57
CA ASN A 12 -2.97 6.60 -6.32
C ASN A 12 -1.70 5.76 -6.41
N TYR A 13 -1.68 4.83 -7.35
CA TYR A 13 -0.49 4.03 -7.65
C TYR A 13 0.70 4.95 -7.87
N GLU A 14 0.47 6.03 -8.62
CA GLU A 14 1.53 7.01 -8.91
C GLU A 14 2.01 7.68 -7.64
N GLU A 15 1.10 7.93 -6.69
CA GLU A 15 1.46 8.55 -5.43
C GLU A 15 2.39 7.65 -4.62
N LEU A 16 2.09 6.36 -4.56
CA LEU A 16 2.89 5.45 -3.75
C LEU A 16 4.14 5.10 -4.52
N LYS A 17 4.01 5.07 -5.83
CA LYS A 17 5.11 4.87 -6.75
C LYS A 17 6.24 5.86 -6.44
N SER A 18 5.88 7.12 -6.37
CA SER A 18 6.85 8.17 -6.08
C SER A 18 7.21 8.18 -4.59
N PHE A 19 6.24 7.87 -3.73
CA PHE A 19 6.48 7.89 -2.29
C PHE A 19 7.48 6.81 -1.89
N VAL A 20 7.29 5.60 -2.42
CA VAL A 20 8.13 4.47 -2.06
C VAL A 20 9.58 4.67 -2.50
N ARG A 21 9.78 5.32 -3.64
CA ARG A 21 11.13 5.59 -4.13
C ARG A 21 11.73 6.78 -3.40
N LYS A 22 10.87 7.55 -2.74
CA LYS A 22 11.27 8.80 -2.10
C LYS A 22 11.72 8.55 -0.67
N TYR A 23 10.87 7.91 0.12
CA TYR A 23 11.19 7.65 1.53
C TYR A 23 11.31 6.15 1.80
N ARG A 24 10.90 5.34 0.82
CA ARG A 24 10.76 3.90 0.99
C ARG A 24 9.68 3.59 2.01
N ARG A 25 8.48 3.37 1.49
CA ARG A 25 7.27 3.22 2.31
C ARG A 25 6.96 4.52 3.04
N PHE A 26 5.95 4.46 3.90
CA PHE A 26 5.65 5.57 4.80
C PHE A 26 5.56 5.06 6.23
N PRO A 27 6.73 4.89 6.88
CA PRO A 27 6.83 4.35 8.23
C PRO A 27 6.19 5.26 9.27
N LYS A 28 5.03 4.85 9.77
CA LYS A 28 4.32 5.59 10.82
C LYS A 28 3.97 6.99 10.35
N SER A 29 3.85 7.16 9.04
CA SER A 29 3.45 8.43 8.47
C SER A 29 1.94 8.48 8.37
N THR A 30 1.36 9.59 8.78
CA THR A 30 -0.08 9.74 8.76
C THR A 30 -0.59 9.91 7.33
N GLU A 31 0.13 10.72 6.55
CA GLU A 31 -0.20 10.94 5.15
C GLU A 31 -1.65 11.45 5.02
N GLY A 32 -2.24 11.28 3.86
CA GLY A 32 -3.61 11.64 3.66
C GLY A 32 -4.39 10.52 3.01
N ASN A 33 -4.37 10.50 1.69
CA ASN A 33 -5.08 9.46 0.94
C ASN A 33 -4.39 8.09 1.09
N LEU A 34 -3.06 8.07 1.11
CA LEU A 34 -2.33 6.82 1.31
C LEU A 34 -2.39 6.40 2.77
N GLY A 35 -2.51 7.38 3.66
CA GLY A 35 -2.60 7.09 5.07
C GLY A 35 -3.82 6.25 5.39
N GLY A 36 -4.95 6.63 4.81
CA GLY A 36 -6.17 5.87 4.98
C GLY A 36 -6.14 4.62 4.13
N TRP A 37 -5.44 4.71 3.00
CA TRP A 37 -5.26 3.60 2.08
C TRP A 37 -4.63 2.41 2.78
N CYS A 38 -3.47 2.65 3.40
CA CYS A 38 -2.75 1.58 4.08
C CYS A 38 -3.57 1.05 5.25
N HIS A 39 -4.12 1.95 6.04
CA HIS A 39 -4.91 1.58 7.22
C HIS A 39 -6.08 0.67 6.87
N THR A 40 -6.82 1.02 5.83
CA THR A 40 -8.01 0.27 5.47
C THR A 40 -7.64 -1.11 4.89
N GLN A 41 -6.54 -1.16 4.17
CA GLN A 41 -6.17 -2.36 3.44
C GLN A 41 -5.38 -3.36 4.29
N ARG A 42 -4.74 -2.90 5.37
CA ARG A 42 -4.06 -3.83 6.27
C ARG A 42 -5.10 -4.67 7.01
N LYS A 43 -6.31 -4.14 7.09
CA LYS A 43 -7.41 -4.83 7.70
C LYS A 43 -7.90 -5.97 6.80
N MET A 44 -7.75 -5.79 5.48
CA MET A 44 -8.06 -6.85 4.52
C MET A 44 -7.08 -7.99 4.66
N ARG A 45 -5.83 -7.67 4.99
CA ARG A 45 -4.80 -8.70 5.12
C ARG A 45 -5.02 -9.50 6.39
N LYS A 46 -5.42 -8.82 7.45
CA LYS A 46 -5.81 -9.49 8.69
C LYS A 46 -6.94 -10.47 8.41
N GLN A 47 -7.92 -10.02 7.63
CA GLN A 47 -9.01 -10.86 7.17
C GLN A 47 -8.51 -11.97 6.26
N GLY A 48 -7.42 -11.70 5.56
CA GLY A 48 -6.89 -12.65 4.61
C GLY A 48 -7.65 -12.60 3.29
N LYS A 49 -8.18 -11.43 2.98
CA LYS A 49 -8.99 -11.25 1.77
C LYS A 49 -8.29 -10.34 0.78
N LEU A 50 -7.10 -9.87 1.15
CA LEU A 50 -6.32 -9.00 0.28
C LEU A 50 -6.04 -9.70 -1.05
N PRO A 51 -6.11 -8.96 -2.17
CA PRO A 51 -5.73 -9.47 -3.47
C PRO A 51 -4.23 -9.39 -3.68
N ASN A 52 -3.75 -10.20 -4.59
CA ASN A 52 -2.34 -10.26 -4.91
C ASN A 52 -1.90 -9.00 -5.65
N ASP A 53 -2.81 -8.42 -6.43
CA ASP A 53 -2.52 -7.27 -7.27
C ASP A 53 -1.83 -6.14 -6.50
N ARG A 54 -2.41 -5.76 -5.38
CA ARG A 54 -1.86 -4.68 -4.56
C ARG A 54 -0.46 -5.05 -4.08
N ARG A 55 -0.33 -6.23 -3.51
CA ARG A 55 0.94 -6.71 -2.98
C ARG A 55 1.97 -6.90 -4.10
N LEU A 56 1.48 -7.15 -5.30
CA LEU A 56 2.35 -7.34 -6.46
C LEU A 56 2.86 -5.98 -6.96
N LEU A 57 1.95 -5.05 -7.19
CA LEU A 57 2.30 -3.72 -7.68
C LEU A 57 3.26 -3.02 -6.72
N LEU A 58 2.97 -3.13 -5.42
CA LEU A 58 3.83 -2.54 -4.41
C LEU A 58 5.22 -3.17 -4.45
N ASP A 59 5.25 -4.48 -4.64
CA ASP A 59 6.50 -5.22 -4.72
C ASP A 59 7.38 -4.70 -5.83
N LYS A 60 6.77 -4.38 -6.97
CA LYS A 60 7.49 -3.97 -8.16
C LYS A 60 7.98 -2.53 -8.08
N ILE A 61 7.28 -1.67 -7.35
CA ILE A 61 7.74 -0.30 -7.19
C ILE A 61 8.78 -0.20 -6.08
N GLY A 62 8.89 -1.25 -5.27
CA GLY A 62 9.94 -1.31 -4.27
C GLY A 62 9.41 -1.22 -2.85
N PHE A 63 8.16 -1.59 -2.66
CA PHE A 63 7.55 -1.55 -1.33
C PHE A 63 7.80 -2.87 -0.62
N VAL A 64 8.73 -2.84 0.31
CA VAL A 64 9.11 -4.02 1.05
C VAL A 64 8.42 -4.05 2.41
N TRP A 65 7.78 -5.17 2.73
CA TRP A 65 7.00 -5.29 3.96
C TRP A 65 7.91 -5.29 5.18
N SER A 66 9.14 -5.77 5.01
CA SER A 66 10.15 -5.79 6.07
C SER A 66 9.74 -6.70 7.22
N LEU A 67 10.57 -6.75 8.25
CA LEU A 67 10.34 -7.63 9.40
C LEU A 67 9.44 -6.95 10.44
N GLU A 68 8.77 -5.88 10.05
CA GLU A 68 7.91 -5.15 10.97
C GLU A 68 6.56 -5.84 11.12
N HIS A 69 6.41 -6.98 10.46
CA HIS A 69 5.23 -7.80 10.62
C HIS A 69 5.64 -9.26 10.72
N HIS A 70 6.45 -9.70 9.77
CA HIS A 70 7.00 -11.04 9.80
C HIS A 70 8.39 -11.00 10.43
N HIS A 71 8.48 -11.46 11.67
CA HIS A 71 9.73 -11.39 12.41
C HIS A 71 10.64 -12.54 12.04
N HIS A 72 11.88 -12.47 12.48
CA HIS A 72 12.86 -13.50 12.19
C HIS A 72 12.84 -14.54 13.31
N HIS A 73 12.90 -15.82 12.92
CA HIS A 73 12.82 -16.90 13.89
C HIS A 73 13.92 -16.79 14.94
N HIS A 74 15.08 -16.34 14.52
CA HIS A 74 16.18 -16.06 15.44
C HIS A 74 16.51 -14.57 15.40
N MET A 1 -22.55 9.74 -3.72
CA MET A 1 -22.87 10.65 -4.84
C MET A 1 -21.60 11.32 -5.35
N ASN A 2 -20.82 11.90 -4.43
CA ASN A 2 -19.60 12.59 -4.82
C ASN A 2 -18.46 11.61 -5.06
N GLN A 3 -18.49 11.00 -6.23
CA GLN A 3 -17.43 10.13 -6.71
C GLN A 3 -17.64 9.91 -8.20
N ASN A 4 -17.16 10.87 -8.99
CA ASN A 4 -17.45 10.91 -10.42
C ASN A 4 -16.18 11.02 -11.24
N LEU A 5 -15.04 11.10 -10.57
CA LEU A 5 -13.76 11.21 -11.26
C LEU A 5 -13.36 9.86 -11.83
N GLN A 6 -13.58 8.80 -11.05
CA GLN A 6 -13.21 7.43 -11.41
C GLN A 6 -11.70 7.23 -11.47
N GLY A 7 -11.27 6.04 -11.11
CA GLY A 7 -9.88 5.67 -11.24
C GLY A 7 -8.99 6.40 -10.26
N GLU A 8 -9.48 6.63 -9.05
CA GLU A 8 -8.67 7.26 -8.02
C GLU A 8 -7.50 6.37 -7.69
N TRP A 9 -7.67 5.07 -7.87
CA TRP A 9 -6.58 4.12 -7.71
C TRP A 9 -5.46 4.42 -8.72
N MET A 10 -5.85 4.60 -9.97
CA MET A 10 -4.87 4.89 -11.03
C MET A 10 -4.15 6.20 -10.73
N LYS A 11 -4.85 7.10 -10.06
CA LYS A 11 -4.29 8.38 -9.64
C LYS A 11 -3.42 8.17 -8.39
N ASN A 12 -3.99 7.47 -7.40
CA ASN A 12 -3.32 7.16 -6.13
C ASN A 12 -1.96 6.50 -6.36
N TYR A 13 -1.92 5.68 -7.41
CA TYR A 13 -0.71 4.95 -7.77
C TYR A 13 0.48 5.88 -7.88
N GLU A 14 0.26 7.07 -8.45
CA GLU A 14 1.34 8.03 -8.66
C GLU A 14 1.95 8.49 -7.35
N GLU A 15 1.11 8.77 -6.36
CA GLU A 15 1.56 9.21 -5.05
C GLU A 15 2.39 8.12 -4.37
N LEU A 16 1.93 6.89 -4.52
CA LEU A 16 2.53 5.76 -3.81
C LEU A 16 3.80 5.35 -4.53
N LYS A 17 3.70 5.27 -5.84
CA LYS A 17 4.79 4.93 -6.73
C LYS A 17 6.01 5.79 -6.45
N SER A 18 5.77 7.10 -6.42
CA SER A 18 6.85 8.06 -6.24
C SER A 18 7.41 8.00 -4.82
N PHE A 19 6.52 7.81 -3.84
CA PHE A 19 6.93 7.88 -2.45
C PHE A 19 7.69 6.61 -2.03
N VAL A 20 7.14 5.47 -2.42
CA VAL A 20 7.76 4.19 -2.14
C VAL A 20 9.13 4.09 -2.80
N ARG A 21 9.29 4.70 -3.96
CA ARG A 21 10.59 4.74 -4.62
C ARG A 21 11.64 5.40 -3.72
N LYS A 22 11.19 6.31 -2.88
CA LYS A 22 12.10 7.07 -2.04
C LYS A 22 12.32 6.38 -0.68
N TYR A 23 11.25 6.22 0.09
CA TYR A 23 11.38 5.69 1.46
C TYR A 23 10.99 4.21 1.55
N ARG A 24 10.48 3.66 0.44
CA ARG A 24 10.02 2.26 0.38
C ARG A 24 8.77 2.04 1.22
N ARG A 25 8.33 3.11 1.87
CA ARG A 25 7.19 3.10 2.78
C ARG A 25 6.82 4.54 3.10
N PHE A 26 5.70 4.72 3.79
CA PHE A 26 5.32 6.04 4.28
C PHE A 26 5.04 5.99 5.78
N PRO A 27 6.09 6.13 6.60
CA PRO A 27 5.97 6.06 8.06
C PRO A 27 5.27 7.27 8.64
N LYS A 28 5.70 8.46 8.24
CA LYS A 28 5.15 9.69 8.79
C LYS A 28 4.18 10.33 7.79
N SER A 29 4.54 10.27 6.51
CA SER A 29 3.71 10.85 5.47
C SER A 29 2.53 9.96 5.14
N THR A 30 1.43 10.16 5.85
CA THR A 30 0.23 9.39 5.62
C THR A 30 -0.59 9.96 4.47
N GLU A 31 -0.92 11.25 4.57
CA GLU A 31 -1.77 11.92 3.59
C GLU A 31 -3.19 11.34 3.63
N GLY A 32 -4.16 12.08 3.11
CA GLY A 32 -5.53 11.61 3.12
C GLY A 32 -5.72 10.35 2.30
N ASN A 33 -5.25 10.40 1.07
CA ASN A 33 -5.41 9.29 0.13
C ASN A 33 -4.64 8.05 0.57
N LEU A 34 -3.34 8.21 0.80
CA LEU A 34 -2.48 7.07 1.10
C LEU A 34 -2.74 6.52 2.50
N GLY A 35 -2.98 7.41 3.46
CA GLY A 35 -3.27 6.98 4.82
C GLY A 35 -4.49 6.09 4.87
N GLY A 36 -5.53 6.48 4.14
CA GLY A 36 -6.75 5.70 4.10
C GLY A 36 -6.57 4.46 3.26
N TRP A 37 -5.77 4.59 2.20
CA TRP A 37 -5.39 3.46 1.36
C TRP A 37 -4.79 2.35 2.21
N CYS A 38 -3.80 2.73 3.01
CA CYS A 38 -3.13 1.81 3.90
C CYS A 38 -4.09 1.22 4.94
N HIS A 39 -4.90 2.08 5.55
CA HIS A 39 -5.83 1.65 6.60
C HIS A 39 -6.77 0.56 6.10
N THR A 40 -7.33 0.75 4.92
CA THR A 40 -8.25 -0.21 4.34
C THR A 40 -7.57 -1.54 4.03
N GLN A 41 -6.41 -1.48 3.38
CA GLN A 41 -5.78 -2.69 2.88
C GLN A 41 -4.93 -3.41 3.92
N ARG A 42 -4.45 -2.69 4.93
CA ARG A 42 -3.75 -3.34 6.04
C ARG A 42 -4.73 -4.27 6.76
N LYS A 43 -5.99 -3.87 6.77
CA LYS A 43 -7.06 -4.68 7.31
C LYS A 43 -7.20 -5.99 6.52
N MET A 44 -7.27 -5.87 5.20
CA MET A 44 -7.36 -7.03 4.33
C MET A 44 -6.13 -7.92 4.47
N ARG A 45 -4.99 -7.29 4.71
CA ARG A 45 -3.73 -8.00 4.93
C ARG A 45 -3.85 -8.87 6.18
N LYS A 46 -4.36 -8.25 7.24
CA LYS A 46 -4.56 -8.94 8.52
C LYS A 46 -5.62 -10.02 8.40
N GLN A 47 -6.77 -9.65 7.83
CA GLN A 47 -7.87 -10.58 7.62
C GLN A 47 -7.47 -11.74 6.72
N GLY A 48 -6.57 -11.48 5.79
CA GLY A 48 -6.13 -12.51 4.87
C GLY A 48 -7.01 -12.58 3.64
N LYS A 49 -7.38 -11.42 3.11
CA LYS A 49 -8.20 -11.35 1.91
C LYS A 49 -7.66 -10.35 0.92
N LEU A 50 -6.44 -9.90 1.16
CA LEU A 50 -5.76 -9.01 0.22
C LEU A 50 -5.50 -9.74 -1.09
N PRO A 51 -5.64 -9.05 -2.24
CA PRO A 51 -5.29 -9.60 -3.54
C PRO A 51 -3.79 -9.78 -3.69
N ASN A 52 -3.41 -10.94 -4.21
CA ASN A 52 -2.02 -11.25 -4.48
C ASN A 52 -1.43 -10.24 -5.45
N ASP A 53 -2.23 -9.86 -6.45
CA ASP A 53 -1.84 -8.85 -7.42
C ASP A 53 -1.48 -7.55 -6.72
N ARG A 54 -2.31 -7.18 -5.75
CA ARG A 54 -2.12 -5.96 -4.99
C ARG A 54 -0.80 -5.99 -4.24
N ARG A 55 -0.59 -7.08 -3.52
CA ARG A 55 0.68 -7.32 -2.82
C ARG A 55 1.86 -7.14 -3.77
N LEU A 56 1.74 -7.70 -4.98
CA LEU A 56 2.79 -7.60 -5.98
C LEU A 56 3.01 -6.17 -6.43
N LEU A 57 1.92 -5.43 -6.61
CA LEU A 57 2.00 -4.03 -7.02
C LEU A 57 2.91 -3.25 -6.08
N LEU A 58 2.80 -3.56 -4.80
CA LEU A 58 3.62 -2.91 -3.78
C LEU A 58 5.08 -3.28 -3.91
N ASP A 59 5.39 -4.57 -4.01
CA ASP A 59 6.78 -4.99 -4.05
C ASP A 59 7.42 -4.67 -5.40
N LYS A 60 6.59 -4.46 -6.41
CA LYS A 60 7.06 -4.02 -7.72
C LYS A 60 7.63 -2.61 -7.66
N ILE A 61 6.97 -1.73 -6.91
CA ILE A 61 7.47 -0.37 -6.73
C ILE A 61 8.49 -0.32 -5.59
N GLY A 62 8.70 -1.46 -4.93
CA GLY A 62 9.74 -1.56 -3.93
C GLY A 62 9.24 -1.37 -2.51
N PHE A 63 7.96 -1.62 -2.30
CA PHE A 63 7.38 -1.51 -0.96
C PHE A 63 7.79 -2.70 -0.11
N VAL A 64 8.22 -2.40 1.10
CA VAL A 64 8.70 -3.40 2.02
C VAL A 64 7.56 -3.91 2.90
N TRP A 65 7.39 -5.23 2.94
CA TRP A 65 6.36 -5.88 3.74
C TRP A 65 6.98 -6.42 5.02
N SER A 66 8.15 -5.89 5.37
CA SER A 66 8.95 -6.38 6.49
C SER A 66 9.59 -7.71 6.15
N LEU A 67 10.53 -8.14 6.99
CA LEU A 67 11.26 -9.38 6.76
C LEU A 67 10.44 -10.61 7.13
N GLU A 68 9.29 -10.74 6.48
CA GLU A 68 8.43 -11.89 6.70
C GLU A 68 8.99 -13.14 6.01
N HIS A 69 9.85 -13.84 6.72
CA HIS A 69 10.41 -15.09 6.24
C HIS A 69 10.39 -16.10 7.38
N HIS A 70 10.00 -17.33 7.08
CA HIS A 70 9.85 -18.34 8.11
C HIS A 70 11.20 -18.86 8.58
N HIS A 71 11.40 -18.81 9.89
CA HIS A 71 12.61 -19.30 10.52
C HIS A 71 12.72 -20.82 10.36
N HIS A 72 13.95 -21.31 10.32
CA HIS A 72 14.19 -22.74 10.14
C HIS A 72 14.68 -23.34 11.45
N HIS A 73 14.30 -24.57 11.72
CA HIS A 73 14.74 -25.25 12.93
C HIS A 73 16.23 -25.53 12.85
N HIS A 74 16.64 -26.18 11.77
CA HIS A 74 18.04 -26.47 11.54
C HIS A 74 18.27 -26.75 10.06
N MET A 1 -5.00 18.10 -16.41
CA MET A 1 -4.87 19.57 -16.27
C MET A 1 -5.33 20.02 -14.88
N ASN A 2 -6.61 19.84 -14.59
CA ASN A 2 -7.17 20.25 -13.31
C ASN A 2 -7.97 19.11 -12.68
N GLN A 3 -8.69 19.42 -11.61
CA GLN A 3 -9.53 18.43 -10.95
C GLN A 3 -10.85 18.28 -11.69
N ASN A 4 -10.83 17.44 -12.72
CA ASN A 4 -12.00 17.16 -13.55
C ASN A 4 -12.61 15.82 -13.16
N LEU A 5 -12.21 15.36 -11.99
CA LEU A 5 -12.62 14.05 -11.46
C LEU A 5 -11.85 12.95 -12.19
N GLN A 6 -10.79 12.48 -11.57
CA GLN A 6 -9.88 11.54 -12.20
C GLN A 6 -10.12 10.14 -11.64
N GLY A 7 -9.50 9.15 -12.26
CA GLY A 7 -9.47 7.83 -11.68
C GLY A 7 -8.60 7.83 -10.43
N GLU A 8 -9.22 8.03 -9.28
CA GLU A 8 -8.49 8.23 -8.04
C GLU A 8 -7.65 7.01 -7.71
N TRP A 9 -8.16 5.82 -8.00
CA TRP A 9 -7.39 4.58 -7.83
C TRP A 9 -6.13 4.62 -8.69
N MET A 10 -6.31 4.89 -9.97
CA MET A 10 -5.18 4.97 -10.89
C MET A 10 -4.17 6.01 -10.41
N LYS A 11 -4.70 7.10 -9.85
CA LYS A 11 -3.85 8.16 -9.33
C LYS A 11 -3.18 7.73 -8.03
N ASN A 12 -3.95 7.13 -7.11
CA ASN A 12 -3.41 6.65 -5.84
C ASN A 12 -2.29 5.66 -6.08
N TYR A 13 -2.42 4.86 -7.13
CA TYR A 13 -1.39 3.93 -7.52
C TYR A 13 -0.09 4.67 -7.83
N GLU A 14 -0.19 5.70 -8.66
CA GLU A 14 0.95 6.54 -9.00
C GLU A 14 1.45 7.28 -7.76
N GLU A 15 0.51 7.74 -6.94
CA GLU A 15 0.81 8.48 -5.71
C GLU A 15 1.63 7.61 -4.75
N LEU A 16 1.32 6.32 -4.72
CA LEU A 16 2.04 5.39 -3.86
C LEU A 16 3.40 5.04 -4.46
N LYS A 17 3.44 4.80 -5.76
CA LYS A 17 4.70 4.48 -6.44
C LYS A 17 5.72 5.57 -6.21
N SER A 18 5.33 6.78 -6.60
CA SER A 18 6.18 7.95 -6.43
C SER A 18 6.57 8.15 -4.96
N PHE A 19 5.69 7.74 -4.05
CA PHE A 19 5.98 7.84 -2.62
C PHE A 19 7.06 6.84 -2.23
N VAL A 20 6.88 5.58 -2.63
CA VAL A 20 7.87 4.54 -2.35
C VAL A 20 9.24 4.88 -2.95
N ARG A 21 9.25 5.47 -4.15
CA ARG A 21 10.53 5.82 -4.77
C ARG A 21 11.13 7.06 -4.09
N LYS A 22 10.29 7.81 -3.38
CA LYS A 22 10.70 9.08 -2.81
C LYS A 22 11.16 8.92 -1.35
N TYR A 23 10.38 8.18 -0.56
CA TYR A 23 10.69 8.03 0.85
C TYR A 23 10.95 6.57 1.22
N ARG A 24 10.49 5.67 0.36
CA ARG A 24 10.62 4.23 0.57
C ARG A 24 9.81 3.77 1.78
N ARG A 25 8.62 3.23 1.49
CA ARG A 25 7.70 2.71 2.51
C ARG A 25 7.09 3.84 3.33
N PHE A 26 6.03 3.53 4.04
CA PHE A 26 5.40 4.48 4.94
C PHE A 26 4.94 3.80 6.22
N PRO A 27 5.86 3.62 7.17
CA PRO A 27 5.53 3.05 8.48
C PRO A 27 4.98 4.11 9.43
N LYS A 28 3.65 4.18 9.51
CA LYS A 28 2.97 5.15 10.37
C LYS A 28 3.14 6.57 9.84
N SER A 29 3.50 6.69 8.56
CA SER A 29 3.71 8.00 7.95
C SER A 29 2.39 8.76 7.80
N THR A 30 1.34 8.03 7.43
CA THR A 30 0.00 8.59 7.31
C THR A 30 -0.06 9.79 6.37
N GLU A 31 0.81 9.80 5.38
CA GLU A 31 0.88 10.90 4.42
C GLU A 31 0.02 10.65 3.19
N GLY A 32 -0.56 11.72 2.67
CA GLY A 32 -1.34 11.63 1.45
C GLY A 32 -2.55 10.74 1.62
N ASN A 33 -3.08 10.26 0.50
CA ASN A 33 -4.20 9.33 0.53
C ASN A 33 -3.73 7.98 1.05
N LEU A 34 -2.42 7.77 0.96
CA LEU A 34 -1.80 6.52 1.39
C LEU A 34 -1.97 6.30 2.88
N GLY A 35 -1.96 7.40 3.64
CA GLY A 35 -2.26 7.33 5.05
C GLY A 35 -3.56 6.60 5.33
N GLY A 36 -4.56 6.90 4.53
CA GLY A 36 -5.84 6.22 4.66
C GLY A 36 -5.84 4.87 3.99
N TRP A 37 -5.06 4.77 2.92
CA TRP A 37 -4.93 3.52 2.17
C TRP A 37 -4.47 2.38 3.08
N CYS A 38 -3.39 2.64 3.82
CA CYS A 38 -2.82 1.63 4.72
C CYS A 38 -3.80 1.29 5.84
N HIS A 39 -4.62 2.26 6.23
CA HIS A 39 -5.60 2.05 7.29
C HIS A 39 -6.63 1.00 6.89
N THR A 40 -7.17 1.12 5.69
CA THR A 40 -8.15 0.19 5.19
C THR A 40 -7.48 -1.12 4.73
N GLN A 41 -6.19 -1.05 4.44
CA GLN A 41 -5.46 -2.23 4.00
C GLN A 41 -5.13 -3.13 5.19
N ARG A 42 -5.04 -2.55 6.38
CA ARG A 42 -4.90 -3.33 7.62
C ARG A 42 -6.00 -4.36 7.71
N LYS A 43 -7.21 -3.90 7.45
CA LYS A 43 -8.41 -4.73 7.39
C LYS A 43 -8.20 -5.92 6.46
N MET A 44 -7.97 -5.63 5.19
CA MET A 44 -7.80 -6.67 4.16
C MET A 44 -6.69 -7.65 4.51
N ARG A 45 -5.55 -7.12 4.93
CA ARG A 45 -4.36 -7.95 5.11
C ARG A 45 -4.53 -8.99 6.21
N LYS A 46 -5.17 -8.62 7.30
CA LYS A 46 -5.37 -9.55 8.40
C LYS A 46 -6.53 -10.49 8.11
N GLN A 47 -7.37 -10.07 7.18
CA GLN A 47 -8.51 -10.88 6.75
C GLN A 47 -8.13 -11.79 5.60
N GLY A 48 -6.99 -11.50 4.99
CA GLY A 48 -6.51 -12.29 3.87
C GLY A 48 -7.31 -12.04 2.61
N LYS A 49 -7.88 -10.84 2.49
CA LYS A 49 -8.70 -10.51 1.33
C LYS A 49 -7.91 -9.67 0.35
N LEU A 50 -6.76 -9.17 0.79
CA LEU A 50 -5.89 -8.38 -0.07
C LEU A 50 -5.46 -9.24 -1.27
N PRO A 51 -5.42 -8.63 -2.47
CA PRO A 51 -5.00 -9.34 -3.69
C PRO A 51 -3.49 -9.58 -3.73
N ASN A 52 -3.13 -10.83 -3.95
CA ASN A 52 -1.75 -11.26 -4.09
C ASN A 52 -1.09 -10.51 -5.23
N ASP A 53 -1.86 -10.30 -6.29
CA ASP A 53 -1.37 -9.60 -7.49
C ASP A 53 -0.83 -8.23 -7.14
N ARG A 54 -1.60 -7.47 -6.37
CA ARG A 54 -1.25 -6.09 -6.05
C ARG A 54 -0.06 -6.07 -5.09
N ARG A 55 0.09 -7.14 -4.30
CA ARG A 55 1.23 -7.27 -3.42
C ARG A 55 2.52 -7.30 -4.23
N LEU A 56 2.47 -8.00 -5.36
CA LEU A 56 3.61 -8.09 -6.25
C LEU A 56 3.87 -6.75 -6.94
N LEU A 57 2.81 -5.99 -7.18
CA LEU A 57 2.94 -4.66 -7.76
C LEU A 57 3.69 -3.75 -6.79
N LEU A 58 3.41 -3.91 -5.50
CA LEU A 58 4.11 -3.15 -4.47
C LEU A 58 5.54 -3.65 -4.33
N ASP A 59 5.73 -4.94 -4.55
CA ASP A 59 7.05 -5.55 -4.51
C ASP A 59 7.94 -4.99 -5.62
N LYS A 60 7.33 -4.66 -6.75
CA LYS A 60 8.05 -4.11 -7.90
C LYS A 60 8.72 -2.79 -7.56
N ILE A 61 8.02 -1.94 -6.82
CA ILE A 61 8.56 -0.64 -6.45
C ILE A 61 9.38 -0.72 -5.17
N GLY A 62 9.27 -1.84 -4.46
CA GLY A 62 10.09 -2.07 -3.29
C GLY A 62 9.34 -1.86 -1.98
N PHE A 63 8.04 -2.03 -2.01
CA PHE A 63 7.23 -1.97 -0.80
C PHE A 63 7.41 -3.25 0.01
N VAL A 64 8.18 -3.16 1.08
CA VAL A 64 8.50 -4.31 1.90
C VAL A 64 7.35 -4.66 2.85
N TRP A 65 7.25 -5.93 3.20
CA TRP A 65 6.15 -6.43 4.03
C TRP A 65 6.64 -6.95 5.37
N SER A 66 7.75 -6.41 5.86
CA SER A 66 8.33 -6.86 7.13
C SER A 66 7.39 -6.62 8.32
N LEU A 67 6.46 -5.70 8.16
CA LEU A 67 5.54 -5.33 9.24
C LEU A 67 4.26 -6.17 9.18
N GLU A 68 4.24 -7.17 8.32
CA GLU A 68 3.08 -8.03 8.16
C GLU A 68 2.94 -8.99 9.34
N HIS A 69 1.75 -9.02 9.92
CA HIS A 69 1.44 -9.93 11.03
C HIS A 69 1.34 -11.35 10.50
N HIS A 70 1.80 -12.33 11.28
CA HIS A 70 1.96 -13.70 10.79
C HIS A 70 0.63 -14.39 10.49
N HIS A 71 -0.48 -13.81 10.96
CA HIS A 71 -1.82 -14.32 10.65
C HIS A 71 -2.03 -15.72 11.23
N HIS A 72 -1.26 -16.05 12.26
CA HIS A 72 -1.40 -17.34 12.91
C HIS A 72 -2.10 -17.18 14.25
N HIS A 73 -2.64 -18.27 14.76
CA HIS A 73 -3.41 -18.23 15.99
C HIS A 73 -2.51 -18.44 17.19
N HIS A 74 -2.56 -17.50 18.12
CA HIS A 74 -1.82 -17.59 19.37
C HIS A 74 -2.53 -18.55 20.32
N MET A 1 -25.83 1.76 -10.15
CA MET A 1 -25.14 1.70 -11.47
C MET A 1 -23.74 2.31 -11.36
N ASN A 2 -22.74 1.56 -11.81
CA ASN A 2 -21.39 2.10 -11.92
C ASN A 2 -21.12 2.46 -13.38
N GLN A 3 -21.51 3.67 -13.74
CA GLN A 3 -21.47 4.12 -15.12
C GLN A 3 -20.17 4.88 -15.39
N ASN A 4 -19.90 5.88 -14.57
CA ASN A 4 -18.72 6.70 -14.73
C ASN A 4 -17.56 6.14 -13.93
N LEU A 5 -16.53 5.73 -14.64
CA LEU A 5 -15.36 5.14 -14.02
C LEU A 5 -14.27 6.18 -13.84
N GLN A 6 -13.52 6.06 -12.76
CA GLN A 6 -12.43 6.98 -12.49
C GLN A 6 -11.25 6.21 -11.92
N GLY A 7 -10.10 6.35 -12.56
CA GLY A 7 -8.93 5.58 -12.18
C GLY A 7 -8.23 6.13 -10.96
N GLU A 8 -8.92 6.11 -9.83
CA GLU A 8 -8.36 6.62 -8.60
C GLU A 8 -7.39 5.61 -8.02
N TRP A 9 -7.58 4.34 -8.34
CA TRP A 9 -6.63 3.32 -7.92
C TRP A 9 -5.30 3.58 -8.59
N MET A 10 -5.34 3.85 -9.90
CA MET A 10 -4.13 4.18 -10.65
C MET A 10 -3.46 5.41 -10.04
N LYS A 11 -4.29 6.37 -9.64
CA LYS A 11 -3.80 7.58 -8.98
C LYS A 11 -3.04 7.22 -7.71
N ASN A 12 -3.72 6.47 -6.83
CA ASN A 12 -3.13 6.03 -5.57
C ASN A 12 -1.88 5.20 -5.80
N TYR A 13 -1.92 4.35 -6.83
CA TYR A 13 -0.78 3.52 -7.19
C TYR A 13 0.44 4.38 -7.52
N GLU A 14 0.23 5.39 -8.35
CA GLU A 14 1.30 6.32 -8.72
C GLU A 14 1.80 7.10 -7.51
N GLU A 15 0.87 7.53 -6.68
CA GLU A 15 1.21 8.26 -5.46
C GLU A 15 2.04 7.38 -4.51
N LEU A 16 1.78 6.08 -4.54
CA LEU A 16 2.48 5.15 -3.66
C LEU A 16 3.79 4.76 -4.32
N LYS A 17 3.76 4.67 -5.63
CA LYS A 17 4.95 4.47 -6.43
C LYS A 17 5.97 5.57 -6.11
N SER A 18 5.45 6.76 -5.89
CA SER A 18 6.28 7.89 -5.50
C SER A 18 6.55 7.86 -3.99
N PHE A 19 5.63 7.28 -3.23
CA PHE A 19 5.75 7.26 -1.77
C PHE A 19 6.80 6.24 -1.33
N VAL A 20 6.88 5.12 -2.05
CA VAL A 20 7.94 4.14 -1.81
C VAL A 20 9.31 4.79 -1.97
N ARG A 21 9.43 5.67 -2.94
CA ARG A 21 10.66 6.43 -3.14
C ARG A 21 10.79 7.53 -2.08
N LYS A 22 9.64 7.95 -1.56
CA LYS A 22 9.58 9.05 -0.59
C LYS A 22 10.13 8.62 0.77
N TYR A 23 9.53 7.62 1.39
CA TYR A 23 9.94 7.17 2.72
C TYR A 23 10.26 5.68 2.77
N ARG A 24 10.18 5.02 1.61
CA ARG A 24 10.30 3.56 1.53
C ARG A 24 9.20 2.88 2.32
N ARG A 25 8.12 2.54 1.63
CA ARG A 25 6.92 2.00 2.25
C ARG A 25 6.38 2.99 3.28
N PHE A 26 5.43 2.55 4.08
CA PHE A 26 4.98 3.33 5.22
C PHE A 26 4.70 2.40 6.40
N PRO A 27 5.07 2.85 7.60
CA PRO A 27 4.70 2.19 8.84
C PRO A 27 3.39 2.74 9.39
N LYS A 28 3.12 3.99 9.03
CA LYS A 28 1.94 4.70 9.45
C LYS A 28 1.91 6.05 8.75
N SER A 29 1.44 6.06 7.51
CA SER A 29 1.49 7.24 6.67
C SER A 29 0.39 8.22 7.03
N THR A 30 0.71 9.50 6.96
CA THR A 30 -0.27 10.56 7.20
C THR A 30 -0.37 11.48 5.99
N GLU A 31 0.36 11.12 4.93
CA GLU A 31 0.50 11.97 3.76
C GLU A 31 -0.55 11.66 2.70
N GLY A 32 -1.48 12.58 2.54
CA GLY A 32 -2.48 12.49 1.48
C GLY A 32 -3.26 11.20 1.46
N ASN A 33 -3.48 10.67 0.26
CA ASN A 33 -4.30 9.49 0.05
C ASN A 33 -3.67 8.27 0.72
N LEU A 34 -2.34 8.21 0.70
CA LEU A 34 -1.62 7.06 1.23
C LEU A 34 -1.84 6.92 2.72
N GLY A 35 -2.09 8.05 3.38
CA GLY A 35 -2.43 8.01 4.80
C GLY A 35 -3.62 7.13 5.08
N GLY A 36 -4.65 7.25 4.25
CA GLY A 36 -5.83 6.42 4.41
C GLY A 36 -5.66 5.06 3.75
N TRP A 37 -4.83 5.03 2.71
CA TRP A 37 -4.59 3.81 1.94
C TRP A 37 -4.07 2.70 2.84
N CYS A 38 -3.04 3.00 3.62
CA CYS A 38 -2.45 2.02 4.53
C CYS A 38 -3.48 1.52 5.52
N HIS A 39 -4.29 2.43 6.03
CA HIS A 39 -5.34 2.11 6.99
C HIS A 39 -6.31 1.09 6.41
N THR A 40 -6.73 1.32 5.18
CA THR A 40 -7.73 0.50 4.53
C THR A 40 -7.13 -0.83 4.06
N GLN A 41 -5.92 -0.79 3.53
CA GLN A 41 -5.31 -1.97 2.96
C GLN A 41 -4.75 -2.89 4.04
N ARG A 42 -4.45 -2.34 5.21
CA ARG A 42 -3.99 -3.16 6.34
C ARG A 42 -5.10 -4.12 6.77
N LYS A 43 -6.34 -3.66 6.66
CA LYS A 43 -7.48 -4.48 7.02
C LYS A 43 -7.49 -5.75 6.19
N MET A 44 -7.39 -5.59 4.88
CA MET A 44 -7.38 -6.72 3.96
C MET A 44 -6.22 -7.67 4.27
N ARG A 45 -5.12 -7.10 4.73
CA ARG A 45 -3.92 -7.86 5.08
C ARG A 45 -4.18 -8.70 6.33
N LYS A 46 -4.88 -8.12 7.29
CA LYS A 46 -5.26 -8.82 8.51
C LYS A 46 -6.34 -9.86 8.24
N GLN A 47 -7.37 -9.43 7.53
CA GLN A 47 -8.49 -10.29 7.16
C GLN A 47 -8.05 -11.43 6.24
N GLY A 48 -6.93 -11.25 5.57
CA GLY A 48 -6.42 -12.26 4.67
C GLY A 48 -7.20 -12.27 3.36
N LYS A 49 -7.72 -11.11 2.99
CA LYS A 49 -8.52 -10.98 1.77
C LYS A 49 -7.79 -10.13 0.76
N LEU A 50 -6.58 -9.72 1.11
CA LEU A 50 -5.74 -8.98 0.18
C LEU A 50 -5.49 -9.83 -1.06
N PRO A 51 -5.53 -9.22 -2.26
CA PRO A 51 -5.22 -9.93 -3.49
C PRO A 51 -3.73 -9.95 -3.78
N ASN A 52 -3.31 -11.02 -4.44
CA ASN A 52 -1.91 -11.19 -4.80
C ASN A 52 -1.53 -10.21 -5.89
N ASP A 53 -2.53 -9.81 -6.69
CA ASP A 53 -2.32 -8.81 -7.73
C ASP A 53 -1.86 -7.49 -7.11
N ARG A 54 -2.60 -7.02 -6.11
CA ARG A 54 -2.28 -5.78 -5.42
C ARG A 54 -0.94 -5.92 -4.70
N ARG A 55 -0.71 -7.09 -4.13
CA ARG A 55 0.54 -7.36 -3.46
C ARG A 55 1.71 -7.27 -4.43
N LEU A 56 1.56 -7.88 -5.60
CA LEU A 56 2.61 -7.92 -6.61
C LEU A 56 2.86 -6.54 -7.20
N LEU A 57 1.79 -5.80 -7.49
CA LEU A 57 1.92 -4.44 -8.04
C LEU A 57 2.72 -3.55 -7.10
N LEU A 58 2.50 -3.70 -5.80
CA LEU A 58 3.23 -2.95 -4.81
C LEU A 58 4.67 -3.44 -4.72
N ASP A 59 4.85 -4.75 -4.73
CA ASP A 59 6.18 -5.36 -4.67
C ASP A 59 7.03 -4.92 -5.86
N LYS A 60 6.36 -4.62 -6.96
CA LYS A 60 7.01 -4.19 -8.19
C LYS A 60 7.51 -2.74 -8.11
N ILE A 61 6.84 -1.90 -7.33
CA ILE A 61 7.27 -0.51 -7.20
C ILE A 61 8.29 -0.36 -6.09
N GLY A 62 8.64 -1.47 -5.45
CA GLY A 62 9.67 -1.44 -4.43
C GLY A 62 9.11 -1.40 -3.03
N PHE A 63 7.84 -1.72 -2.88
CA PHE A 63 7.18 -1.72 -1.58
C PHE A 63 7.78 -2.82 -0.71
N VAL A 64 8.60 -2.40 0.24
CA VAL A 64 9.28 -3.33 1.11
C VAL A 64 8.30 -3.92 2.14
N TRP A 65 8.52 -5.16 2.52
CA TRP A 65 7.65 -5.83 3.47
C TRP A 65 8.36 -5.99 4.81
N SER A 66 9.47 -5.26 4.98
CA SER A 66 10.31 -5.38 6.17
C SER A 66 10.83 -6.81 6.29
N LEU A 67 11.03 -7.26 7.52
CA LEU A 67 11.40 -8.66 7.74
C LEU A 67 10.14 -9.50 7.85
N GLU A 68 10.32 -10.79 8.07
CA GLU A 68 9.22 -11.75 8.10
C GLU A 68 8.51 -11.83 6.75
N HIS A 69 9.19 -12.44 5.79
CA HIS A 69 8.60 -12.73 4.49
C HIS A 69 8.01 -14.14 4.52
N HIS A 70 7.89 -14.67 5.73
CA HIS A 70 7.37 -16.02 5.94
C HIS A 70 5.87 -16.03 5.70
N HIS A 71 5.34 -17.20 5.35
CA HIS A 71 3.90 -17.35 5.15
C HIS A 71 3.14 -17.06 6.43
N HIS A 72 2.39 -15.96 6.41
CA HIS A 72 1.51 -15.61 7.51
C HIS A 72 0.13 -15.27 6.96
N HIS A 73 -0.90 -15.93 7.50
CA HIS A 73 -2.30 -15.69 7.11
C HIS A 73 -2.65 -16.35 5.78
N HIS A 74 -1.73 -17.12 5.22
CA HIS A 74 -1.96 -17.78 3.94
C HIS A 74 -1.02 -18.97 3.80
N MET A 1 -9.51 14.42 -2.56
CA MET A 1 -9.17 15.43 -3.59
C MET A 1 -10.15 15.36 -4.75
N ASN A 2 -10.21 14.20 -5.40
CA ASN A 2 -11.18 13.96 -6.46
C ASN A 2 -12.06 12.76 -6.11
N GLN A 3 -13.30 12.78 -6.58
CA GLN A 3 -14.25 11.73 -6.25
C GLN A 3 -14.89 11.19 -7.52
N ASN A 4 -15.30 9.91 -7.47
CA ASN A 4 -16.08 9.28 -8.55
C ASN A 4 -15.23 9.12 -9.80
N LEU A 5 -13.93 9.16 -9.59
CA LEU A 5 -12.98 9.00 -10.66
C LEU A 5 -12.57 7.53 -10.76
N GLN A 6 -12.62 6.99 -11.97
CA GLN A 6 -12.31 5.59 -12.19
C GLN A 6 -10.80 5.39 -12.19
N GLY A 7 -10.37 4.16 -11.96
CA GLY A 7 -8.95 3.88 -11.86
C GLY A 7 -8.40 4.41 -10.56
N GLU A 8 -9.19 4.32 -9.50
CA GLU A 8 -8.80 4.85 -8.20
C GLU A 8 -7.55 4.14 -7.69
N TRP A 9 -7.39 2.88 -8.07
CA TRP A 9 -6.18 2.13 -7.77
C TRP A 9 -4.97 2.85 -8.37
N MET A 10 -5.08 3.20 -9.64
CA MET A 10 -4.00 3.91 -10.33
C MET A 10 -3.74 5.26 -9.67
N LYS A 11 -4.82 5.90 -9.24
CA LYS A 11 -4.75 7.21 -8.60
C LYS A 11 -3.83 7.19 -7.38
N ASN A 12 -4.06 6.25 -6.48
CA ASN A 12 -3.21 6.13 -5.31
C ASN A 12 -1.89 5.44 -5.65
N TYR A 13 -1.92 4.61 -6.69
CA TYR A 13 -0.73 3.86 -7.12
C TYR A 13 0.41 4.81 -7.47
N GLU A 14 0.12 5.85 -8.24
CA GLU A 14 1.16 6.79 -8.64
C GLU A 14 1.72 7.54 -7.43
N GLU A 15 0.86 7.82 -6.46
CA GLU A 15 1.26 8.52 -5.24
C GLU A 15 2.11 7.59 -4.38
N LEU A 16 1.79 6.31 -4.43
CA LEU A 16 2.46 5.30 -3.64
C LEU A 16 3.77 4.92 -4.30
N LYS A 17 3.71 4.82 -5.62
CA LYS A 17 4.88 4.57 -6.45
C LYS A 17 5.95 5.62 -6.18
N SER A 18 5.50 6.87 -6.10
CA SER A 18 6.41 7.97 -5.80
C SER A 18 6.85 7.92 -4.34
N PHE A 19 5.95 7.48 -3.46
CA PHE A 19 6.21 7.48 -2.03
C PHE A 19 7.22 6.40 -1.66
N VAL A 20 7.08 5.23 -2.28
CA VAL A 20 8.05 4.15 -2.08
C VAL A 20 9.40 4.56 -2.65
N ARG A 21 9.38 5.23 -3.80
CA ARG A 21 10.60 5.73 -4.41
C ARG A 21 11.26 6.77 -3.49
N LYS A 22 10.43 7.39 -2.65
CA LYS A 22 10.87 8.42 -1.74
C LYS A 22 11.59 7.83 -0.52
N TYR A 23 10.84 7.14 0.34
CA TYR A 23 11.38 6.69 1.62
C TYR A 23 11.33 5.18 1.75
N ARG A 24 10.53 4.55 0.88
CA ARG A 24 10.20 3.13 0.98
C ARG A 24 9.28 2.87 2.16
N ARG A 25 8.05 2.50 1.84
CA ARG A 25 7.03 2.17 2.83
C ARG A 25 6.57 3.43 3.57
N PHE A 26 5.66 3.28 4.53
CA PHE A 26 5.16 4.43 5.29
C PHE A 26 5.75 4.48 6.70
N PRO A 27 6.93 5.10 6.88
CA PRO A 27 7.48 5.30 8.22
C PRO A 27 6.67 6.33 9.00
N LYS A 28 6.08 7.25 8.25
CA LYS A 28 5.22 8.29 8.82
C LYS A 28 3.77 7.83 8.89
N SER A 29 3.18 7.51 7.73
CA SER A 29 1.76 7.16 7.60
C SER A 29 0.87 8.38 7.87
N THR A 30 -0.45 8.18 7.70
CA THR A 30 -1.43 9.22 7.96
C THR A 30 -1.22 10.47 7.09
N GLU A 31 -0.86 10.27 5.82
CA GLU A 31 -0.66 11.39 4.90
C GLU A 31 -1.14 11.05 3.49
N GLY A 32 -1.75 12.03 2.83
CA GLY A 32 -2.18 11.87 1.45
C GLY A 32 -3.31 10.86 1.28
N ASN A 33 -3.49 10.40 0.06
CA ASN A 33 -4.49 9.37 -0.22
C ASN A 33 -4.03 8.06 0.38
N LEU A 34 -2.72 7.96 0.56
CA LEU A 34 -2.10 6.78 1.16
C LEU A 34 -2.50 6.63 2.62
N GLY A 35 -2.76 7.75 3.28
CA GLY A 35 -3.30 7.72 4.63
C GLY A 35 -4.55 6.87 4.73
N GLY A 36 -5.42 7.00 3.73
CA GLY A 36 -6.62 6.19 3.69
C GLY A 36 -6.35 4.80 3.15
N TRP A 37 -5.39 4.74 2.23
CA TRP A 37 -4.97 3.49 1.60
C TRP A 37 -4.58 2.45 2.65
N CYS A 38 -3.65 2.82 3.53
CA CYS A 38 -3.13 1.90 4.53
C CYS A 38 -4.21 1.53 5.55
N HIS A 39 -5.13 2.45 5.82
CA HIS A 39 -6.19 2.22 6.80
C HIS A 39 -7.15 1.13 6.36
N THR A 40 -7.44 1.08 5.06
CA THR A 40 -8.35 0.08 4.51
C THR A 40 -7.71 -1.31 4.53
N GLN A 41 -6.46 -1.37 4.10
CA GLN A 41 -5.76 -2.64 3.99
C GLN A 41 -5.21 -3.09 5.33
N ARG A 42 -5.27 -2.19 6.31
CA ARG A 42 -4.94 -2.52 7.69
C ARG A 42 -5.84 -3.66 8.16
N LYS A 43 -7.02 -3.73 7.57
CA LYS A 43 -7.99 -4.78 7.85
C LYS A 43 -7.75 -6.00 6.95
N MET A 44 -7.81 -5.77 5.64
CA MET A 44 -7.76 -6.84 4.64
C MET A 44 -6.53 -7.70 4.78
N ARG A 45 -5.43 -7.09 5.19
CA ARG A 45 -4.14 -7.79 5.26
C ARG A 45 -4.23 -9.01 6.18
N LYS A 46 -4.75 -8.82 7.38
CA LYS A 46 -4.77 -9.89 8.36
C LYS A 46 -5.93 -10.84 8.13
N GLN A 47 -6.90 -10.40 7.34
CA GLN A 47 -8.08 -11.20 7.06
C GLN A 47 -7.98 -11.89 5.71
N GLY A 48 -6.83 -11.73 5.06
CA GLY A 48 -6.62 -12.35 3.77
C GLY A 48 -7.57 -11.84 2.70
N LYS A 49 -8.02 -10.60 2.89
CA LYS A 49 -8.97 -9.96 1.98
C LYS A 49 -8.24 -9.06 1.02
N LEU A 50 -6.95 -8.90 1.27
CA LEU A 50 -6.09 -8.07 0.42
C LEU A 50 -6.03 -8.64 -1.00
N PRO A 51 -6.03 -7.78 -2.04
CA PRO A 51 -5.94 -8.20 -3.44
C PRO A 51 -4.53 -8.60 -3.85
N ASN A 52 -4.45 -9.46 -4.86
CA ASN A 52 -3.19 -10.03 -5.33
C ASN A 52 -2.33 -8.99 -6.04
N ASP A 53 -2.91 -8.34 -7.06
CA ASP A 53 -2.16 -7.40 -7.90
C ASP A 53 -1.50 -6.33 -7.05
N ARG A 54 -2.19 -5.95 -5.98
CA ARG A 54 -1.73 -4.91 -5.08
C ARG A 54 -0.35 -5.27 -4.54
N ARG A 55 -0.15 -6.52 -4.17
CA ARG A 55 1.13 -6.95 -3.63
C ARG A 55 2.21 -6.89 -4.71
N LEU A 56 1.88 -7.42 -5.88
CA LEU A 56 2.86 -7.57 -6.93
C LEU A 56 3.34 -6.21 -7.44
N LEU A 57 2.40 -5.28 -7.56
CA LEU A 57 2.73 -3.93 -7.99
C LEU A 57 3.58 -3.21 -6.94
N LEU A 58 3.29 -3.46 -5.67
CA LEU A 58 4.09 -2.90 -4.59
C LEU A 58 5.49 -3.51 -4.59
N ASP A 59 5.56 -4.78 -4.93
CA ASP A 59 6.83 -5.48 -5.02
C ASP A 59 7.69 -4.89 -6.14
N LYS A 60 7.05 -4.50 -7.22
CA LYS A 60 7.75 -3.98 -8.39
C LYS A 60 8.31 -2.58 -8.14
N ILE A 61 7.63 -1.78 -7.32
CA ILE A 61 8.11 -0.44 -7.01
C ILE A 61 9.13 -0.48 -5.88
N GLY A 62 9.22 -1.62 -5.21
CA GLY A 62 10.25 -1.81 -4.20
C GLY A 62 9.76 -1.60 -2.78
N PHE A 63 8.52 -1.99 -2.52
CA PHE A 63 7.95 -1.88 -1.18
C PHE A 63 8.53 -2.97 -0.28
N VAL A 64 9.06 -2.55 0.85
CA VAL A 64 9.68 -3.47 1.79
C VAL A 64 8.65 -4.03 2.77
N TRP A 65 8.69 -5.33 2.98
CA TRP A 65 7.72 -6.02 3.82
C TRP A 65 8.32 -6.36 5.18
N SER A 66 9.13 -5.45 5.70
CA SER A 66 9.75 -5.64 6.99
C SER A 66 8.84 -5.15 8.12
N LEU A 67 8.32 -6.08 8.91
CA LEU A 67 7.45 -5.73 10.02
C LEU A 67 8.27 -5.59 11.31
N GLU A 68 8.54 -4.36 11.70
CA GLU A 68 9.25 -4.09 12.94
C GLU A 68 8.23 -3.78 14.05
N HIS A 69 7.10 -3.20 13.64
CA HIS A 69 6.03 -2.88 14.57
C HIS A 69 5.20 -4.13 14.86
N HIS A 70 5.38 -4.69 16.04
CA HIS A 70 4.63 -5.86 16.46
C HIS A 70 3.67 -5.46 17.57
N HIS A 71 3.08 -6.44 18.23
CA HIS A 71 2.13 -6.16 19.30
C HIS A 71 2.43 -6.98 20.53
N HIS A 72 2.77 -6.30 21.61
CA HIS A 72 2.82 -6.92 22.92
C HIS A 72 1.50 -6.68 23.62
N HIS A 73 0.90 -7.73 24.12
CA HIS A 73 -0.44 -7.64 24.69
C HIS A 73 -0.40 -6.86 25.99
N HIS A 74 -1.21 -5.81 26.05
CA HIS A 74 -1.36 -5.05 27.28
C HIS A 74 -2.49 -5.64 28.10
N MET A 1 -3.54 16.50 -9.49
CA MET A 1 -4.96 16.57 -9.88
C MET A 1 -5.79 17.00 -8.69
N ASN A 2 -6.47 18.13 -8.83
CA ASN A 2 -7.21 18.73 -7.72
C ASN A 2 -8.57 18.06 -7.52
N GLN A 3 -9.11 17.50 -8.60
CA GLN A 3 -10.45 16.94 -8.56
C GLN A 3 -10.41 15.44 -8.25
N ASN A 4 -11.40 14.97 -7.50
CA ASN A 4 -11.57 13.55 -7.26
C ASN A 4 -12.54 12.98 -8.31
N LEU A 5 -12.40 11.71 -8.63
CA LEU A 5 -13.21 11.11 -9.68
C LEU A 5 -13.35 9.61 -9.44
N GLN A 6 -14.43 9.01 -9.95
CA GLN A 6 -14.57 7.56 -9.93
C GLN A 6 -13.44 6.92 -10.73
N GLY A 7 -12.61 6.16 -10.04
CA GLY A 7 -11.41 5.64 -10.65
C GLY A 7 -10.19 6.26 -10.02
N GLU A 8 -10.21 6.32 -8.69
CA GLU A 8 -9.18 6.99 -7.94
C GLU A 8 -8.01 6.05 -7.65
N TRP A 9 -8.22 4.76 -7.91
CA TRP A 9 -7.15 3.77 -7.78
C TRP A 9 -5.95 4.17 -8.63
N MET A 10 -6.23 4.49 -9.89
CA MET A 10 -5.18 4.92 -10.81
C MET A 10 -4.44 6.13 -10.26
N LYS A 11 -5.17 7.05 -9.65
CA LYS A 11 -4.58 8.27 -9.12
C LYS A 11 -3.69 7.93 -7.93
N ASN A 12 -4.25 7.22 -6.96
CA ASN A 12 -3.51 6.85 -5.76
C ASN A 12 -2.32 5.98 -6.09
N TYR A 13 -2.45 5.18 -7.15
CA TYR A 13 -1.37 4.31 -7.58
C TYR A 13 -0.17 5.15 -8.03
N GLU A 14 -0.44 6.24 -8.74
CA GLU A 14 0.61 7.15 -9.19
C GLU A 14 1.34 7.76 -8.00
N GLU A 15 0.57 8.16 -6.98
CA GLU A 15 1.14 8.65 -5.73
C GLU A 15 1.97 7.57 -5.07
N LEU A 16 1.39 6.38 -4.96
CA LEU A 16 2.02 5.24 -4.31
C LEU A 16 3.37 4.91 -4.93
N LYS A 17 3.39 4.76 -6.26
CA LYS A 17 4.61 4.43 -6.99
C LYS A 17 5.73 5.38 -6.62
N SER A 18 5.44 6.67 -6.74
CA SER A 18 6.43 7.71 -6.47
C SER A 18 6.87 7.67 -5.01
N PHE A 19 5.91 7.59 -4.10
CA PHE A 19 6.20 7.72 -2.68
C PHE A 19 6.98 6.50 -2.15
N VAL A 20 6.57 5.30 -2.55
CA VAL A 20 7.29 4.09 -2.14
C VAL A 20 8.67 4.04 -2.79
N ARG A 21 8.78 4.48 -4.04
CA ARG A 21 10.07 4.54 -4.71
C ARG A 21 11.02 5.46 -3.94
N LYS A 22 10.45 6.44 -3.25
CA LYS A 22 11.22 7.38 -2.47
C LYS A 22 11.62 6.79 -1.11
N TYR A 23 10.65 6.53 -0.26
CA TYR A 23 10.93 6.19 1.15
C TYR A 23 10.55 4.76 1.50
N ARG A 24 10.03 4.01 0.52
CA ARG A 24 9.66 2.60 0.70
C ARG A 24 8.53 2.42 1.70
N ARG A 25 7.92 3.53 2.11
CA ARG A 25 6.90 3.53 3.15
C ARG A 25 6.38 4.94 3.34
N PHE A 26 5.41 5.09 4.23
CA PHE A 26 4.89 6.41 4.62
C PHE A 26 5.41 6.75 6.02
N PRO A 27 6.61 7.35 6.12
CA PRO A 27 7.27 7.60 7.40
C PRO A 27 6.50 8.58 8.29
N LYS A 28 6.10 9.71 7.71
CA LYS A 28 5.42 10.76 8.44
C LYS A 28 3.96 10.40 8.65
N SER A 29 3.39 9.72 7.67
CA SER A 29 1.96 9.44 7.63
C SER A 29 1.20 10.76 7.48
N THR A 30 -0.08 10.76 7.84
CA THR A 30 -0.99 11.91 7.68
C THR A 30 -1.13 12.37 6.22
N GLU A 31 -0.52 11.62 5.31
CA GLU A 31 -0.78 11.81 3.89
C GLU A 31 -2.25 11.46 3.63
N GLY A 32 -2.95 12.35 2.94
CA GLY A 32 -4.38 12.17 2.75
C GLY A 32 -4.77 10.82 2.18
N ASN A 33 -4.51 10.64 0.89
CA ASN A 33 -4.91 9.42 0.20
C ASN A 33 -4.10 8.21 0.65
N LEU A 34 -2.79 8.35 0.71
CA LEU A 34 -1.89 7.23 1.00
C LEU A 34 -1.91 6.82 2.47
N GLY A 35 -2.06 7.79 3.35
CA GLY A 35 -2.06 7.52 4.78
C GLY A 35 -3.19 6.60 5.16
N GLY A 36 -4.35 6.83 4.56
CA GLY A 36 -5.49 5.97 4.79
C GLY A 36 -5.40 4.70 3.96
N TRP A 37 -4.75 4.80 2.81
CA TRP A 37 -4.60 3.66 1.90
C TRP A 37 -3.92 2.50 2.61
N CYS A 38 -2.73 2.76 3.17
CA CYS A 38 -1.97 1.71 3.86
C CYS A 38 -2.73 1.19 5.07
N HIS A 39 -3.32 2.12 5.83
CA HIS A 39 -4.03 1.76 7.05
C HIS A 39 -5.27 0.90 6.77
N THR A 40 -5.84 1.07 5.59
CA THR A 40 -7.00 0.29 5.19
C THR A 40 -6.57 -1.06 4.61
N GLN A 41 -5.49 -1.05 3.83
CA GLN A 41 -4.98 -2.27 3.20
C GLN A 41 -4.43 -3.26 4.22
N ARG A 42 -3.91 -2.75 5.32
CA ARG A 42 -3.41 -3.60 6.40
C ARG A 42 -4.49 -4.58 6.86
N LYS A 43 -5.72 -4.10 6.90
CA LYS A 43 -6.85 -4.90 7.32
C LYS A 43 -7.20 -5.96 6.28
N MET A 44 -7.07 -5.60 5.00
CA MET A 44 -7.30 -6.56 3.91
C MET A 44 -6.30 -7.70 4.00
N ARG A 45 -5.06 -7.35 4.32
CA ARG A 45 -3.98 -8.33 4.33
C ARG A 45 -4.15 -9.30 5.50
N LYS A 46 -4.40 -8.78 6.70
CA LYS A 46 -4.59 -9.64 7.87
C LYS A 46 -5.82 -10.53 7.67
N GLN A 47 -6.74 -10.07 6.85
CA GLN A 47 -7.95 -10.82 6.55
C GLN A 47 -7.72 -11.77 5.38
N GLY A 48 -6.51 -11.74 4.83
CA GLY A 48 -6.15 -12.64 3.75
C GLY A 48 -7.04 -12.52 2.53
N LYS A 49 -7.55 -11.31 2.29
CA LYS A 49 -8.42 -11.09 1.16
C LYS A 49 -7.85 -10.06 0.20
N LEU A 50 -6.68 -9.53 0.54
CA LEU A 50 -5.95 -8.67 -0.37
C LEU A 50 -5.59 -9.44 -1.64
N PRO A 51 -5.68 -8.79 -2.81
CA PRO A 51 -5.34 -9.43 -4.08
C PRO A 51 -3.84 -9.58 -4.26
N ASN A 52 -3.46 -10.63 -4.99
CA ASN A 52 -2.07 -10.95 -5.20
C ASN A 52 -1.40 -9.91 -6.08
N ASP A 53 -2.19 -9.33 -6.96
CA ASP A 53 -1.67 -8.38 -7.95
C ASP A 53 -1.25 -7.10 -7.27
N ARG A 54 -2.15 -6.56 -6.47
CA ARG A 54 -1.91 -5.34 -5.71
C ARG A 54 -0.68 -5.48 -4.83
N ARG A 55 -0.66 -6.52 -4.01
CA ARG A 55 0.43 -6.72 -3.07
C ARG A 55 1.75 -6.99 -3.80
N LEU A 56 1.65 -7.50 -5.03
CA LEU A 56 2.82 -7.74 -5.85
C LEU A 56 3.36 -6.41 -6.38
N LEU A 57 2.43 -5.51 -6.74
CA LEU A 57 2.79 -4.17 -7.19
C LEU A 57 3.57 -3.45 -6.10
N LEU A 58 3.09 -3.56 -4.86
CA LEU A 58 3.75 -2.96 -3.71
C LEU A 58 5.15 -3.52 -3.52
N ASP A 59 5.28 -4.83 -3.66
CA ASP A 59 6.58 -5.49 -3.49
C ASP A 59 7.53 -5.12 -4.62
N LYS A 60 6.99 -4.91 -5.81
CA LYS A 60 7.78 -4.52 -6.97
C LYS A 60 8.41 -3.14 -6.78
N ILE A 61 7.65 -2.21 -6.21
CA ILE A 61 8.18 -0.88 -5.93
C ILE A 61 8.95 -0.86 -4.61
N GLY A 62 8.91 -1.99 -3.90
CA GLY A 62 9.72 -2.14 -2.70
C GLY A 62 9.05 -1.59 -1.46
N PHE A 63 7.75 -1.83 -1.32
CA PHE A 63 7.01 -1.38 -0.16
C PHE A 63 7.20 -2.32 1.01
N VAL A 64 7.42 -1.75 2.17
CA VAL A 64 7.56 -2.52 3.39
C VAL A 64 6.21 -2.70 4.05
N TRP A 65 5.82 -3.94 4.27
CA TRP A 65 4.54 -4.24 4.90
C TRP A 65 4.66 -4.14 6.41
N SER A 66 5.89 -4.37 6.91
CA SER A 66 6.17 -4.36 8.35
C SER A 66 5.46 -5.50 9.08
N LEU A 67 6.24 -6.36 9.72
CA LEU A 67 5.69 -7.47 10.49
C LEU A 67 5.67 -7.12 11.97
N GLU A 68 4.52 -7.33 12.61
CA GLU A 68 4.35 -7.00 14.01
C GLU A 68 5.09 -8.00 14.89
N HIS A 69 5.82 -7.49 15.87
CA HIS A 69 6.65 -8.32 16.72
C HIS A 69 5.85 -8.97 17.84
N HIS A 70 6.54 -9.73 18.69
CA HIS A 70 5.89 -10.46 19.77
C HIS A 70 5.56 -9.53 20.92
N HIS A 71 4.49 -9.84 21.66
CA HIS A 71 4.10 -9.04 22.80
C HIS A 71 4.71 -9.60 24.08
N HIS A 72 4.92 -8.74 25.07
CA HIS A 72 5.69 -9.11 26.25
C HIS A 72 4.81 -9.77 27.32
N HIS A 73 4.41 -11.00 27.03
CA HIS A 73 3.69 -11.84 28.00
C HIS A 73 3.46 -13.22 27.41
N HIS A 74 3.41 -14.22 28.26
CA HIS A 74 3.10 -15.57 27.83
C HIS A 74 1.85 -16.07 28.54
N MET A 1 -5.10 16.02 -20.35
CA MET A 1 -5.85 15.67 -19.12
C MET A 1 -7.36 15.65 -19.40
N ASN A 2 -8.09 14.83 -18.65
CA ASN A 2 -9.53 14.73 -18.80
C ASN A 2 -10.19 14.55 -17.44
N GLN A 3 -11.40 15.06 -17.29
CA GLN A 3 -12.15 14.86 -16.06
C GLN A 3 -13.14 13.73 -16.27
N ASN A 4 -12.62 12.62 -16.77
CA ASN A 4 -13.44 11.46 -17.10
C ASN A 4 -13.84 10.71 -15.84
N LEU A 5 -13.04 10.87 -14.78
CA LEU A 5 -13.30 10.22 -13.49
C LEU A 5 -13.22 8.70 -13.63
N GLN A 6 -13.48 8.00 -12.52
CA GLN A 6 -13.43 6.54 -12.50
C GLN A 6 -12.02 6.03 -12.77
N GLY A 7 -11.25 5.85 -11.71
CA GLY A 7 -9.90 5.36 -11.86
C GLY A 7 -8.93 6.04 -10.91
N GLU A 8 -9.23 5.99 -9.62
CA GLU A 8 -8.37 6.59 -8.62
C GLU A 8 -7.27 5.61 -8.21
N TRP A 9 -7.49 4.33 -8.52
CA TRP A 9 -6.46 3.31 -8.31
C TRP A 9 -5.16 3.77 -8.95
N MET A 10 -5.23 4.07 -10.24
CA MET A 10 -4.05 4.50 -11.01
C MET A 10 -3.42 5.75 -10.38
N LYS A 11 -4.26 6.63 -9.84
CA LYS A 11 -3.78 7.84 -9.20
C LYS A 11 -2.99 7.49 -7.93
N ASN A 12 -3.62 6.70 -7.07
CA ASN A 12 -3.01 6.30 -5.81
C ASN A 12 -1.75 5.48 -6.04
N TYR A 13 -1.76 4.69 -7.11
CA TYR A 13 -0.61 3.89 -7.48
C TYR A 13 0.60 4.79 -7.74
N GLU A 14 0.41 5.81 -8.57
CA GLU A 14 1.49 6.73 -8.91
C GLU A 14 1.98 7.50 -7.68
N GLU A 15 1.06 7.83 -6.79
CA GLU A 15 1.40 8.57 -5.59
C GLU A 15 2.13 7.66 -4.59
N LEU A 16 1.75 6.39 -4.55
CA LEU A 16 2.41 5.43 -3.66
C LEU A 16 3.78 5.11 -4.21
N LYS A 17 3.81 4.95 -5.52
CA LYS A 17 5.02 4.75 -6.29
C LYS A 17 6.03 5.84 -6.00
N SER A 18 5.57 7.09 -6.05
CA SER A 18 6.41 8.24 -5.77
C SER A 18 6.90 8.19 -4.32
N PHE A 19 6.03 7.76 -3.41
CA PHE A 19 6.38 7.77 -2.00
C PHE A 19 7.35 6.66 -1.66
N VAL A 20 7.16 5.49 -2.26
CA VAL A 20 8.10 4.39 -2.10
C VAL A 20 9.46 4.77 -2.67
N ARG A 21 9.45 5.55 -3.74
CA ARG A 21 10.69 6.06 -4.32
C ARG A 21 11.31 7.12 -3.41
N LYS A 22 10.45 7.94 -2.82
CA LYS A 22 10.87 9.03 -1.95
C LYS A 22 11.54 8.53 -0.67
N TYR A 23 10.81 7.76 0.13
CA TYR A 23 11.29 7.40 1.46
C TYR A 23 11.35 5.89 1.64
N ARG A 24 10.82 5.15 0.66
CA ARG A 24 10.68 3.70 0.77
C ARG A 24 9.70 3.36 1.88
N ARG A 25 8.46 3.05 1.49
CA ARG A 25 7.37 2.87 2.43
C ARG A 25 7.02 4.20 3.10
N PHE A 26 5.95 4.23 3.86
CA PHE A 26 5.54 5.46 4.54
C PHE A 26 6.49 5.77 5.70
N PRO A 27 6.66 7.05 6.06
CA PRO A 27 7.39 7.44 7.26
C PRO A 27 6.69 6.90 8.50
N LYS A 28 7.12 5.70 8.91
CA LYS A 28 6.44 4.93 9.94
C LYS A 28 5.03 4.54 9.45
N SER A 29 4.13 5.50 9.42
CA SER A 29 2.77 5.28 8.95
C SER A 29 1.95 6.58 8.95
N THR A 30 2.64 7.70 9.07
CA THR A 30 1.98 8.99 9.25
C THR A 30 1.74 9.70 7.91
N GLU A 31 1.08 9.02 6.98
CA GLU A 31 0.76 9.62 5.69
C GLU A 31 -0.69 10.09 5.69
N GLY A 32 -1.00 11.08 4.86
CA GLY A 32 -2.35 11.59 4.79
C GLY A 32 -3.20 10.84 3.78
N ASN A 33 -2.99 11.11 2.51
CA ASN A 33 -3.77 10.49 1.43
C ASN A 33 -3.54 8.99 1.40
N LEU A 34 -2.29 8.59 1.31
CA LEU A 34 -1.91 7.19 1.24
C LEU A 34 -2.08 6.53 2.59
N GLY A 35 -1.99 7.35 3.63
CA GLY A 35 -2.22 6.88 4.98
C GLY A 35 -3.61 6.30 5.15
N GLY A 36 -4.58 6.91 4.51
CA GLY A 36 -5.93 6.39 4.54
C GLY A 36 -6.08 5.17 3.66
N TRP A 37 -5.34 5.15 2.55
CA TRP A 37 -5.39 4.06 1.60
C TRP A 37 -4.89 2.76 2.24
N CYS A 38 -3.76 2.84 2.93
CA CYS A 38 -3.17 1.67 3.57
C CYS A 38 -3.99 1.25 4.79
N HIS A 39 -4.64 2.21 5.45
CA HIS A 39 -5.51 1.92 6.59
C HIS A 39 -6.54 0.87 6.24
N THR A 40 -7.07 0.95 5.03
CA THR A 40 -8.05 0.00 4.54
C THR A 40 -7.41 -1.35 4.22
N GLN A 41 -6.22 -1.31 3.64
CA GLN A 41 -5.60 -2.52 3.12
C GLN A 41 -4.81 -3.29 4.18
N ARG A 42 -4.43 -2.62 5.26
CA ARG A 42 -3.78 -3.31 6.36
C ARG A 42 -4.77 -4.28 7.00
N LYS A 43 -6.06 -3.94 6.91
CA LYS A 43 -7.11 -4.85 7.35
C LYS A 43 -7.16 -6.04 6.43
N MET A 44 -7.20 -5.76 5.13
CA MET A 44 -7.26 -6.79 4.09
C MET A 44 -6.10 -7.77 4.24
N ARG A 45 -4.93 -7.27 4.61
CA ARG A 45 -3.75 -8.10 4.77
C ARG A 45 -3.82 -8.88 6.08
N LYS A 46 -4.26 -8.21 7.14
CA LYS A 46 -4.37 -8.84 8.45
C LYS A 46 -5.42 -9.94 8.41
N GLN A 47 -6.52 -9.65 7.71
CA GLN A 47 -7.60 -10.61 7.54
C GLN A 47 -7.17 -11.75 6.63
N GLY A 48 -6.26 -11.44 5.72
CA GLY A 48 -5.77 -12.45 4.80
C GLY A 48 -6.63 -12.56 3.55
N LYS A 49 -7.14 -11.42 3.10
CA LYS A 49 -8.03 -11.40 1.93
C LYS A 49 -7.52 -10.47 0.86
N LEU A 50 -6.36 -9.89 1.08
CA LEU A 50 -5.75 -9.02 0.08
C LEU A 50 -5.44 -9.82 -1.19
N PRO A 51 -5.65 -9.22 -2.36
CA PRO A 51 -5.32 -9.84 -3.65
C PRO A 51 -3.83 -9.81 -3.91
N ASN A 52 -3.30 -10.93 -4.37
CA ASN A 52 -1.87 -11.08 -4.61
C ASN A 52 -1.41 -10.23 -5.79
N ASP A 53 -2.32 -9.94 -6.70
CA ASP A 53 -2.00 -9.08 -7.85
C ASP A 53 -1.67 -7.67 -7.39
N ARG A 54 -2.55 -7.09 -6.58
CA ARG A 54 -2.30 -5.78 -5.99
C ARG A 54 -1.08 -5.84 -5.06
N ARG A 55 -1.00 -6.91 -4.28
CA ARG A 55 0.17 -7.19 -3.46
C ARG A 55 1.46 -7.17 -4.30
N LEU A 56 1.38 -7.74 -5.50
CA LEU A 56 2.52 -7.76 -6.41
C LEU A 56 2.83 -6.36 -6.91
N LEU A 57 1.78 -5.63 -7.30
CA LEU A 57 1.93 -4.27 -7.82
C LEU A 57 2.70 -3.38 -6.85
N LEU A 58 2.30 -3.43 -5.58
CA LEU A 58 2.92 -2.61 -4.55
C LEU A 58 4.33 -3.11 -4.24
N ASP A 59 4.50 -4.42 -4.24
CA ASP A 59 5.79 -5.03 -3.95
C ASP A 59 6.78 -4.76 -5.08
N LYS A 60 6.25 -4.52 -6.28
CA LYS A 60 7.05 -4.32 -7.45
C LYS A 60 7.77 -2.96 -7.37
N ILE A 61 7.05 -1.93 -6.93
CA ILE A 61 7.65 -0.61 -6.75
C ILE A 61 8.56 -0.61 -5.53
N GLY A 62 8.18 -1.37 -4.51
CA GLY A 62 9.03 -1.53 -3.35
C GLY A 62 8.31 -1.34 -2.04
N PHE A 63 7.04 -1.71 -1.99
CA PHE A 63 6.30 -1.63 -0.74
C PHE A 63 6.51 -2.91 0.05
N VAL A 64 7.36 -2.81 1.05
CA VAL A 64 7.73 -3.94 1.86
C VAL A 64 6.62 -4.32 2.83
N TRP A 65 6.25 -5.60 2.81
CA TRP A 65 5.16 -6.09 3.65
C TRP A 65 5.69 -6.54 5.01
N SER A 66 6.93 -7.03 5.02
CA SER A 66 7.57 -7.51 6.24
C SER A 66 6.77 -8.65 6.87
N LEU A 67 6.07 -9.40 6.02
CA LEU A 67 5.28 -10.54 6.47
C LEU A 67 6.19 -11.73 6.73
N GLU A 68 6.74 -11.78 7.93
CA GLU A 68 7.68 -12.82 8.30
C GLU A 68 6.98 -13.94 9.07
N HIS A 69 6.36 -14.85 8.35
CA HIS A 69 5.66 -15.95 8.98
C HIS A 69 6.54 -17.21 8.99
N HIS A 70 6.72 -17.77 10.18
CA HIS A 70 7.56 -18.95 10.35
C HIS A 70 6.81 -20.21 9.93
N HIS A 71 7.49 -21.11 9.26
CA HIS A 71 6.88 -22.36 8.79
C HIS A 71 6.71 -23.34 9.94
N HIS A 72 5.77 -24.26 9.78
CA HIS A 72 5.58 -25.34 10.73
C HIS A 72 4.95 -26.54 10.02
N HIS A 73 5.28 -27.74 10.48
CA HIS A 73 4.68 -28.95 9.94
C HIS A 73 3.85 -29.63 11.03
N HIS A 74 4.04 -29.17 12.24
CA HIS A 74 3.29 -29.67 13.38
C HIS A 74 2.13 -28.72 13.66
N MET A 1 -10.03 13.56 1.33
CA MET A 1 -11.51 13.48 1.23
C MET A 1 -11.97 14.03 -0.11
N ASN A 2 -12.27 13.15 -1.05
CA ASN A 2 -12.70 13.58 -2.38
C ASN A 2 -13.89 12.76 -2.84
N GLN A 3 -15.03 13.41 -2.99
CA GLN A 3 -16.20 12.76 -3.57
C GLN A 3 -16.24 13.01 -5.07
N ASN A 4 -15.18 13.64 -5.56
CA ASN A 4 -14.99 13.85 -6.98
C ASN A 4 -14.70 12.51 -7.67
N LEU A 5 -15.54 12.15 -8.63
CA LEU A 5 -15.40 10.88 -9.33
C LEU A 5 -14.21 10.91 -10.28
N GLN A 6 -13.13 10.32 -9.82
CA GLN A 6 -11.92 10.17 -10.61
C GLN A 6 -11.23 8.90 -10.13
N GLY A 7 -10.62 8.16 -11.06
CA GLY A 7 -10.02 6.88 -10.74
C GLY A 7 -9.13 6.91 -9.52
N GLU A 8 -9.64 6.36 -8.41
CA GLU A 8 -8.90 6.36 -7.15
C GLU A 8 -7.64 5.51 -7.26
N TRP A 9 -7.81 4.29 -7.73
CA TRP A 9 -6.68 3.37 -7.84
C TRP A 9 -5.60 3.96 -8.76
N MET A 10 -6.02 4.49 -9.90
CA MET A 10 -5.08 5.10 -10.84
C MET A 10 -4.35 6.28 -10.19
N LYS A 11 -5.09 7.05 -9.40
CA LYS A 11 -4.52 8.19 -8.70
C LYS A 11 -3.58 7.72 -7.59
N ASN A 12 -4.10 6.87 -6.71
CA ASN A 12 -3.39 6.42 -5.53
C ASN A 12 -2.15 5.61 -5.90
N TYR A 13 -2.23 4.86 -7.00
CA TYR A 13 -1.12 4.02 -7.42
C TYR A 13 0.13 4.87 -7.67
N GLU A 14 -0.03 5.92 -8.48
CA GLU A 14 1.08 6.82 -8.78
C GLU A 14 1.64 7.45 -7.52
N GLU A 15 0.73 7.81 -6.61
CA GLU A 15 1.12 8.42 -5.34
C GLU A 15 1.90 7.41 -4.49
N LEU A 16 1.40 6.19 -4.42
CA LEU A 16 2.05 5.13 -3.66
C LEU A 16 3.42 4.81 -4.24
N LYS A 17 3.49 4.72 -5.57
CA LYS A 17 4.76 4.51 -6.26
C LYS A 17 5.77 5.51 -5.78
N SER A 18 5.41 6.79 -5.93
CA SER A 18 6.28 7.90 -5.55
C SER A 18 6.71 7.80 -4.08
N PHE A 19 5.78 7.46 -3.20
CA PHE A 19 6.07 7.31 -1.78
C PHE A 19 7.08 6.19 -1.54
N VAL A 20 6.83 5.04 -2.15
CA VAL A 20 7.70 3.89 -1.96
C VAL A 20 9.05 4.05 -2.65
N ARG A 21 9.06 4.52 -3.89
CA ARG A 21 10.34 4.69 -4.59
C ARG A 21 11.22 5.72 -3.89
N LYS A 22 10.60 6.50 -3.02
CA LYS A 22 11.33 7.42 -2.15
C LYS A 22 11.77 6.72 -0.87
N TYR A 23 10.80 6.45 0.03
CA TYR A 23 11.13 5.97 1.38
C TYR A 23 10.59 4.56 1.64
N ARG A 24 9.79 4.05 0.70
CA ARG A 24 9.13 2.74 0.85
C ARG A 24 8.09 2.77 1.96
N ARG A 25 7.75 3.97 2.42
CA ARG A 25 6.84 4.10 3.55
C ARG A 25 6.25 5.50 3.61
N PHE A 26 5.34 5.73 4.54
CA PHE A 26 4.75 7.04 4.77
C PHE A 26 5.34 7.69 6.02
N PRO A 27 6.47 8.40 5.90
CA PRO A 27 7.13 9.05 7.04
C PRO A 27 6.33 10.23 7.57
N LYS A 28 5.61 10.89 6.67
CA LYS A 28 4.78 12.03 7.03
C LYS A 28 3.39 11.83 6.46
N SER A 29 2.41 11.66 7.33
CA SER A 29 1.03 11.47 6.90
C SER A 29 0.37 12.82 6.63
N THR A 30 0.75 13.43 5.52
CA THR A 30 0.11 14.66 5.07
C THR A 30 -0.71 14.37 3.82
N GLU A 31 -0.77 13.09 3.47
CA GLU A 31 -1.46 12.64 2.28
C GLU A 31 -2.75 11.91 2.67
N GLY A 32 -3.87 12.42 2.19
CA GLY A 32 -5.16 11.87 2.59
C GLY A 32 -5.45 10.54 1.95
N ASN A 33 -5.05 10.39 0.69
CA ASN A 33 -5.33 9.18 -0.07
C ASN A 33 -4.57 7.99 0.47
N LEU A 34 -3.24 8.14 0.57
CA LEU A 34 -2.41 7.07 1.12
C LEU A 34 -2.71 6.85 2.59
N GLY A 35 -3.10 7.91 3.28
CA GLY A 35 -3.47 7.82 4.68
C GLY A 35 -4.67 6.90 4.87
N GLY A 36 -5.62 6.99 3.95
CA GLY A 36 -6.76 6.08 3.99
C GLY A 36 -6.42 4.73 3.40
N TRP A 37 -5.52 4.74 2.41
CA TRP A 37 -5.11 3.52 1.74
C TRP A 37 -4.51 2.53 2.71
N CYS A 38 -3.53 2.96 3.49
CA CYS A 38 -2.87 2.09 4.44
C CYS A 38 -3.84 1.58 5.50
N HIS A 39 -4.73 2.47 5.96
CA HIS A 39 -5.74 2.10 6.95
C HIS A 39 -6.67 1.03 6.39
N THR A 40 -7.12 1.24 5.16
CA THR A 40 -8.01 0.30 4.49
C THR A 40 -7.29 -1.02 4.21
N GLN A 41 -6.03 -0.93 3.85
CA GLN A 41 -5.25 -2.12 3.49
C GLN A 41 -4.90 -2.94 4.72
N ARG A 42 -4.94 -2.31 5.90
CA ARG A 42 -4.74 -3.04 7.15
C ARG A 42 -5.80 -4.12 7.31
N LYS A 43 -7.06 -3.77 7.00
CA LYS A 43 -8.15 -4.73 7.08
C LYS A 43 -7.94 -5.84 6.05
N MET A 44 -7.51 -5.44 4.86
CA MET A 44 -7.31 -6.38 3.76
C MET A 44 -6.33 -7.47 4.17
N ARG A 45 -5.28 -7.07 4.85
CA ARG A 45 -4.23 -7.99 5.28
C ARG A 45 -4.74 -8.92 6.37
N LYS A 46 -5.36 -8.36 7.41
CA LYS A 46 -5.75 -9.15 8.56
C LYS A 46 -6.98 -10.00 8.27
N GLN A 47 -7.76 -9.59 7.27
CA GLN A 47 -8.94 -10.34 6.87
C GLN A 47 -8.57 -11.43 5.88
N GLY A 48 -7.31 -11.40 5.44
CA GLY A 48 -6.82 -12.40 4.51
C GLY A 48 -7.41 -12.24 3.12
N LYS A 49 -7.59 -11.00 2.70
CA LYS A 49 -8.18 -10.74 1.40
C LYS A 49 -7.38 -9.72 0.60
N LEU A 50 -6.18 -9.42 1.06
CA LEU A 50 -5.31 -8.52 0.32
C LEU A 50 -4.97 -9.16 -1.03
N PRO A 51 -5.04 -8.38 -2.13
CA PRO A 51 -4.78 -8.89 -3.47
C PRO A 51 -3.34 -9.27 -3.71
N ASN A 52 -3.18 -10.39 -4.39
CA ASN A 52 -1.85 -10.88 -4.77
C ASN A 52 -1.24 -9.98 -5.84
N ASP A 53 -2.11 -9.39 -6.65
CA ASP A 53 -1.68 -8.47 -7.68
C ASP A 53 -1.22 -7.16 -7.04
N ARG A 54 -2.03 -6.64 -6.13
CA ARG A 54 -1.72 -5.40 -5.45
C ARG A 54 -0.43 -5.52 -4.64
N ARG A 55 -0.26 -6.64 -3.94
CA ARG A 55 0.95 -6.85 -3.15
C ARG A 55 2.16 -6.97 -4.08
N LEU A 56 1.93 -7.52 -5.28
CA LEU A 56 2.99 -7.69 -6.25
C LEU A 56 3.43 -6.34 -6.80
N LEU A 57 2.46 -5.46 -7.00
CA LEU A 57 2.73 -4.09 -7.47
C LEU A 57 3.64 -3.37 -6.48
N LEU A 58 3.40 -3.61 -5.19
CA LEU A 58 4.23 -3.02 -4.15
C LEU A 58 5.66 -3.51 -4.26
N ASP A 59 5.84 -4.82 -4.41
CA ASP A 59 7.18 -5.39 -4.53
C ASP A 59 7.88 -4.87 -5.79
N LYS A 60 7.09 -4.68 -6.85
CA LYS A 60 7.63 -4.19 -8.12
C LYS A 60 8.11 -2.75 -8.00
N ILE A 61 7.36 -1.90 -7.29
CA ILE A 61 7.77 -0.52 -7.11
C ILE A 61 8.90 -0.41 -6.10
N GLY A 62 9.13 -1.49 -5.35
CA GLY A 62 10.27 -1.53 -4.45
C GLY A 62 9.89 -1.49 -2.99
N PHE A 63 8.65 -1.84 -2.69
CA PHE A 63 8.18 -1.84 -1.30
C PHE A 63 8.86 -2.95 -0.51
N VAL A 64 9.37 -2.57 0.64
CA VAL A 64 10.04 -3.50 1.51
C VAL A 64 9.05 -4.05 2.55
N TRP A 65 9.15 -5.34 2.84
CA TRP A 65 8.25 -5.97 3.80
C TRP A 65 8.78 -5.81 5.22
N SER A 66 9.73 -4.88 5.37
CA SER A 66 10.30 -4.53 6.67
C SER A 66 11.11 -5.71 7.24
N LEU A 67 11.62 -5.53 8.44
CA LEU A 67 12.39 -6.58 9.11
C LEU A 67 11.44 -7.52 9.83
N GLU A 68 11.72 -8.81 9.73
CA GLU A 68 10.89 -9.81 10.39
C GLU A 68 11.77 -10.72 11.24
N HIS A 69 11.17 -11.30 12.27
CA HIS A 69 11.84 -12.32 13.06
C HIS A 69 11.52 -13.69 12.48
N HIS A 70 12.37 -14.15 11.60
CA HIS A 70 12.15 -15.38 10.86
C HIS A 70 12.95 -16.49 11.50
N HIS A 71 12.27 -17.56 11.89
CA HIS A 71 12.93 -18.67 12.55
C HIS A 71 13.88 -19.36 11.59
N HIS A 72 15.15 -19.37 11.96
CA HIS A 72 16.20 -19.86 11.08
C HIS A 72 16.04 -21.34 10.77
N HIS A 73 16.13 -21.67 9.50
CA HIS A 73 16.11 -23.07 9.07
C HIS A 73 17.55 -23.56 8.94
N HIS A 74 18.48 -22.62 8.96
CA HIS A 74 19.90 -22.96 8.98
C HIS A 74 20.47 -22.62 10.35
N MET A 1 -12.31 15.98 -1.24
CA MET A 1 -11.74 14.71 -1.74
C MET A 1 -12.71 14.02 -2.69
N ASN A 2 -12.23 13.73 -3.89
CA ASN A 2 -13.05 13.11 -4.91
C ASN A 2 -12.90 11.60 -4.88
N GLN A 3 -13.79 10.90 -5.56
CA GLN A 3 -13.74 9.45 -5.66
C GLN A 3 -14.20 9.00 -7.04
N ASN A 4 -13.90 7.75 -7.37
CA ASN A 4 -14.24 7.22 -8.67
C ASN A 4 -15.07 5.95 -8.52
N LEU A 5 -15.67 5.51 -9.61
CA LEU A 5 -16.38 4.24 -9.62
C LEU A 5 -15.37 3.11 -9.52
N GLN A 6 -14.32 3.24 -10.31
CA GLN A 6 -13.20 2.30 -10.32
C GLN A 6 -12.06 2.92 -11.11
N GLY A 7 -10.85 2.45 -10.88
CA GLY A 7 -9.71 2.98 -11.58
C GLY A 7 -8.95 3.98 -10.73
N GLU A 8 -9.32 4.05 -9.46
CA GLU A 8 -8.62 4.89 -8.50
C GLU A 8 -7.28 4.26 -8.18
N TRP A 9 -7.17 2.96 -8.46
CA TRP A 9 -5.93 2.22 -8.28
C TRP A 9 -4.78 2.96 -8.93
N MET A 10 -4.95 3.32 -10.20
CA MET A 10 -3.92 4.00 -10.97
C MET A 10 -3.55 5.33 -10.33
N LYS A 11 -4.56 6.02 -9.81
CA LYS A 11 -4.36 7.30 -9.16
C LYS A 11 -3.62 7.12 -7.84
N ASN A 12 -4.10 6.16 -7.03
CA ASN A 12 -3.48 5.84 -5.75
C ASN A 12 -2.07 5.30 -5.95
N TYR A 13 -1.90 4.54 -7.03
CA TYR A 13 -0.62 3.91 -7.35
C TYR A 13 0.45 4.96 -7.55
N GLU A 14 0.20 5.91 -8.46
CA GLU A 14 1.21 6.91 -8.79
C GLU A 14 1.55 7.78 -7.57
N GLU A 15 0.58 7.95 -6.68
CA GLU A 15 0.82 8.69 -5.44
C GLU A 15 1.82 7.94 -4.56
N LEU A 16 1.67 6.61 -4.54
CA LEU A 16 2.46 5.78 -3.65
C LEU A 16 3.77 5.41 -4.31
N LYS A 17 3.72 5.22 -5.62
CA LYS A 17 4.88 4.89 -6.42
C LYS A 17 5.94 5.97 -6.27
N SER A 18 5.53 7.22 -6.42
CA SER A 18 6.43 8.36 -6.26
C SER A 18 6.85 8.51 -4.80
N PHE A 19 5.99 8.05 -3.90
CA PHE A 19 6.26 8.15 -2.47
C PHE A 19 7.30 7.11 -2.05
N VAL A 20 7.05 5.85 -2.41
CA VAL A 20 7.92 4.75 -2.02
C VAL A 20 9.33 4.90 -2.61
N ARG A 21 9.45 5.46 -3.81
CA ARG A 21 10.76 5.63 -4.43
C ARG A 21 11.52 6.79 -3.80
N LYS A 22 10.79 7.69 -3.13
CA LYS A 22 11.42 8.85 -2.50
C LYS A 22 11.71 8.59 -1.04
N TYR A 23 10.68 8.20 -0.28
CA TYR A 23 10.81 8.05 1.17
C TYR A 23 11.13 6.62 1.55
N ARG A 24 10.86 5.69 0.64
CA ARG A 24 11.01 4.27 0.90
C ARG A 24 10.04 3.81 1.98
N ARG A 25 8.83 3.46 1.53
CA ARG A 25 7.71 3.14 2.40
C ARG A 25 7.22 4.35 3.16
N PHE A 26 6.15 4.17 3.92
CA PHE A 26 5.62 5.22 4.77
C PHE A 26 6.51 5.41 5.98
N PRO A 27 6.67 6.67 6.44
CA PRO A 27 7.33 6.97 7.70
C PRO A 27 6.44 6.59 8.88
N LYS A 28 5.14 6.67 8.64
CA LYS A 28 4.13 6.31 9.62
C LYS A 28 2.75 6.41 8.99
N SER A 29 2.20 7.62 9.02
CA SER A 29 0.89 7.92 8.44
C SER A 29 0.52 9.37 8.77
N THR A 30 0.68 10.25 7.80
CA THR A 30 0.44 11.67 8.02
C THR A 30 0.19 12.41 6.70
N GLU A 31 0.18 11.66 5.61
CA GLU A 31 -0.02 12.24 4.28
C GLU A 31 -1.49 12.14 3.88
N GLY A 32 -1.77 12.38 2.59
CA GLY A 32 -3.15 12.43 2.13
C GLY A 32 -3.82 11.07 2.02
N ASN A 33 -4.22 10.72 0.80
CA ASN A 33 -4.96 9.50 0.55
C ASN A 33 -4.17 8.25 0.96
N LEU A 34 -2.85 8.32 0.80
CA LEU A 34 -1.98 7.20 1.12
C LEU A 34 -2.08 6.82 2.60
N GLY A 35 -2.19 7.83 3.46
CA GLY A 35 -2.28 7.59 4.89
C GLY A 35 -3.46 6.71 5.24
N GLY A 36 -4.56 6.92 4.54
CA GLY A 36 -5.74 6.10 4.76
C GLY A 36 -5.65 4.79 4.01
N TRP A 37 -5.10 4.86 2.79
CA TRP A 37 -4.97 3.68 1.93
C TRP A 37 -4.20 2.57 2.62
N CYS A 38 -3.13 2.93 3.33
CA CYS A 38 -2.33 1.98 4.08
C CYS A 38 -3.15 1.37 5.22
N HIS A 39 -3.94 2.21 5.87
CA HIS A 39 -4.73 1.78 7.03
C HIS A 39 -5.87 0.84 6.62
N THR A 40 -6.47 1.11 5.48
CA THR A 40 -7.57 0.29 4.99
C THR A 40 -7.07 -1.09 4.58
N GLN A 41 -5.96 -1.13 3.85
CA GLN A 41 -5.41 -2.37 3.34
C GLN A 41 -4.72 -3.17 4.44
N ARG A 42 -4.39 -2.50 5.54
CA ARG A 42 -3.84 -3.15 6.72
C ARG A 42 -4.83 -4.20 7.25
N LYS A 43 -6.12 -3.87 7.11
CA LYS A 43 -7.19 -4.73 7.55
C LYS A 43 -7.36 -5.92 6.60
N MET A 44 -7.40 -5.64 5.30
CA MET A 44 -7.63 -6.66 4.28
C MET A 44 -6.50 -7.69 4.28
N ARG A 45 -5.31 -7.23 4.66
CA ARG A 45 -4.14 -8.10 4.69
C ARG A 45 -4.34 -9.27 5.66
N LYS A 46 -4.75 -8.95 6.88
CA LYS A 46 -4.87 -9.95 7.92
C LYS A 46 -6.14 -10.79 7.73
N GLN A 47 -7.07 -10.26 6.94
CA GLN A 47 -8.28 -10.98 6.62
C GLN A 47 -8.04 -11.91 5.43
N GLY A 48 -6.92 -11.70 4.73
CA GLY A 48 -6.59 -12.52 3.58
C GLY A 48 -7.50 -12.22 2.40
N LYS A 49 -8.03 -11.02 2.37
CA LYS A 49 -8.95 -10.63 1.31
C LYS A 49 -8.29 -9.60 0.39
N LEU A 50 -7.06 -9.25 0.73
CA LEU A 50 -6.29 -8.34 -0.10
C LEU A 50 -6.06 -8.97 -1.47
N PRO A 51 -6.12 -8.16 -2.53
CA PRO A 51 -5.76 -8.61 -3.88
C PRO A 51 -4.28 -8.94 -3.96
N ASN A 52 -3.98 -10.13 -4.43
CA ASN A 52 -2.61 -10.57 -4.58
C ASN A 52 -1.84 -9.63 -5.51
N ASP A 53 -2.53 -9.10 -6.50
CA ASP A 53 -1.94 -8.11 -7.41
C ASP A 53 -1.61 -6.84 -6.64
N ARG A 54 -2.54 -6.37 -5.85
CA ARG A 54 -2.33 -5.21 -4.96
C ARG A 54 -1.13 -5.44 -4.04
N ARG A 55 -0.93 -6.69 -3.65
CA ARG A 55 0.22 -7.05 -2.83
C ARG A 55 1.51 -7.03 -3.65
N LEU A 56 1.43 -7.49 -4.89
CA LEU A 56 2.59 -7.56 -5.76
C LEU A 56 2.97 -6.19 -6.30
N LEU A 57 1.96 -5.39 -6.66
CA LEU A 57 2.19 -4.05 -7.23
C LEU A 57 2.96 -3.17 -6.26
N LEU A 58 2.72 -3.37 -4.97
CA LEU A 58 3.45 -2.65 -3.94
C LEU A 58 4.89 -3.15 -3.84
N ASP A 59 5.05 -4.47 -3.89
CA ASP A 59 6.37 -5.08 -3.86
C ASP A 59 7.19 -4.64 -5.07
N LYS A 60 6.50 -4.45 -6.19
CA LYS A 60 7.10 -4.03 -7.44
C LYS A 60 7.93 -2.76 -7.25
N ILE A 61 7.34 -1.78 -6.56
CA ILE A 61 7.95 -0.48 -6.39
C ILE A 61 8.85 -0.42 -5.14
N GLY A 62 8.96 -1.53 -4.44
CA GLY A 62 9.87 -1.60 -3.32
C GLY A 62 9.18 -1.47 -1.98
N PHE A 63 7.91 -1.79 -1.91
CA PHE A 63 7.21 -1.83 -0.64
C PHE A 63 7.36 -3.21 -0.04
N VAL A 64 8.26 -3.33 0.91
CA VAL A 64 8.63 -4.61 1.45
C VAL A 64 7.64 -5.11 2.50
N TRP A 65 7.17 -6.33 2.32
CA TRP A 65 6.28 -6.96 3.28
C TRP A 65 7.09 -7.73 4.32
N SER A 66 8.35 -7.99 3.97
CA SER A 66 9.28 -8.73 4.81
C SER A 66 8.92 -10.21 4.88
N LEU A 67 7.91 -10.53 5.67
CA LEU A 67 7.47 -11.91 5.90
C LEU A 67 8.60 -12.77 6.49
N GLU A 68 8.29 -14.02 6.74
CA GLU A 68 9.31 -15.01 7.02
C GLU A 68 9.81 -15.56 5.70
N HIS A 69 11.13 -15.58 5.53
CA HIS A 69 11.75 -15.97 4.27
C HIS A 69 11.39 -17.40 3.86
N HIS A 70 10.37 -17.51 3.04
CA HIS A 70 9.96 -18.78 2.46
C HIS A 70 9.45 -18.54 1.05
N HIS A 71 9.57 -19.52 0.19
CA HIS A 71 9.02 -19.43 -1.15
C HIS A 71 7.72 -20.21 -1.24
N HIS A 72 6.61 -19.48 -1.35
CA HIS A 72 5.29 -20.10 -1.39
C HIS A 72 5.17 -21.01 -2.59
N HIS A 73 5.22 -22.31 -2.32
CA HIS A 73 5.17 -23.31 -3.37
C HIS A 73 4.13 -24.37 -3.03
N HIS A 74 3.39 -24.79 -4.03
CA HIS A 74 2.42 -25.87 -3.86
C HIS A 74 3.08 -27.20 -4.19
N MET A 1 -17.73 16.33 -12.39
CA MET A 1 -17.59 14.85 -12.37
C MET A 1 -17.92 14.31 -10.99
N ASN A 2 -19.14 13.83 -10.84
CA ASN A 2 -19.62 13.28 -9.58
C ASN A 2 -19.98 11.82 -9.75
N GLN A 3 -19.19 11.10 -10.54
CA GLN A 3 -19.44 9.70 -10.83
C GLN A 3 -19.13 8.83 -9.61
N ASN A 4 -19.48 7.55 -9.72
CA ASN A 4 -19.26 6.60 -8.65
C ASN A 4 -17.84 6.01 -8.69
N LEU A 5 -17.36 5.56 -7.54
CA LEU A 5 -16.08 4.86 -7.42
C LEU A 5 -14.87 5.75 -7.66
N GLN A 6 -14.70 6.18 -8.92
CA GLN A 6 -13.52 6.91 -9.38
C GLN A 6 -12.30 5.99 -9.46
N GLY A 7 -11.41 6.29 -10.39
CA GLY A 7 -10.23 5.46 -10.60
C GLY A 7 -9.10 5.87 -9.69
N GLU A 8 -9.29 5.68 -8.39
CA GLU A 8 -8.30 6.10 -7.42
C GLU A 8 -7.11 5.14 -7.40
N TRP A 9 -7.28 3.95 -7.96
CA TRP A 9 -6.18 2.99 -8.02
C TRP A 9 -5.04 3.54 -8.86
N MET A 10 -5.36 4.00 -10.06
CA MET A 10 -4.36 4.60 -10.94
C MET A 10 -3.77 5.85 -10.30
N LYS A 11 -4.61 6.57 -9.58
CA LYS A 11 -4.19 7.81 -8.94
C LYS A 11 -3.28 7.53 -7.74
N ASN A 12 -3.71 6.60 -6.89
CA ASN A 12 -2.96 6.25 -5.69
C ASN A 12 -1.66 5.55 -6.04
N TYR A 13 -1.69 4.69 -7.04
CA TYR A 13 -0.52 3.92 -7.42
C TYR A 13 0.61 4.84 -7.88
N GLU A 14 0.26 5.84 -8.69
CA GLU A 14 1.24 6.81 -9.17
C GLU A 14 1.83 7.62 -8.01
N GLU A 15 0.95 8.02 -7.10
CA GLU A 15 1.35 8.80 -5.94
C GLU A 15 2.23 7.96 -5.00
N LEU A 16 1.90 6.68 -4.90
CA LEU A 16 2.59 5.80 -3.96
C LEU A 16 3.90 5.30 -4.58
N LYS A 17 3.88 5.13 -5.89
CA LYS A 17 5.05 4.78 -6.64
C LYS A 17 6.15 5.81 -6.42
N SER A 18 5.78 7.06 -6.63
CA SER A 18 6.70 8.17 -6.45
C SER A 18 7.06 8.35 -4.98
N PHE A 19 6.12 8.02 -4.10
CA PHE A 19 6.34 8.17 -2.67
C PHE A 19 7.36 7.15 -2.18
N VAL A 20 7.13 5.89 -2.52
CA VAL A 20 8.02 4.81 -2.09
C VAL A 20 9.38 4.92 -2.77
N ARG A 21 9.40 5.32 -4.03
CA ARG A 21 10.66 5.47 -4.74
C ARG A 21 11.51 6.60 -4.12
N LYS A 22 10.85 7.60 -3.57
CA LYS A 22 11.54 8.76 -3.04
C LYS A 22 11.81 8.64 -1.54
N TYR A 23 10.76 8.39 -0.76
CA TYR A 23 10.89 8.36 0.70
C TYR A 23 11.03 6.93 1.21
N ARG A 24 10.83 5.97 0.32
CA ARG A 24 10.81 4.56 0.67
C ARG A 24 9.81 4.26 1.76
N ARG A 25 8.54 4.16 1.35
CA ARG A 25 7.43 3.78 2.23
C ARG A 25 7.13 4.90 3.22
N PHE A 26 6.04 4.75 3.97
CA PHE A 26 5.73 5.67 5.05
C PHE A 26 5.76 4.95 6.39
N PRO A 27 6.97 4.84 6.99
CA PRO A 27 7.14 4.15 8.26
C PRO A 27 6.57 4.94 9.43
N LYS A 28 5.38 4.55 9.87
CA LYS A 28 4.71 5.17 11.02
C LYS A 28 4.52 6.67 10.77
N SER A 29 4.17 7.01 9.55
CA SER A 29 4.02 8.39 9.14
C SER A 29 2.56 8.86 9.29
N THR A 30 2.34 10.16 9.07
CA THR A 30 1.01 10.74 9.13
C THR A 30 0.66 11.37 7.80
N GLU A 31 0.42 10.52 6.83
CA GLU A 31 0.18 10.93 5.46
C GLU A 31 -1.33 11.06 5.18
N GLY A 32 -1.67 11.48 3.97
CA GLY A 32 -3.05 11.74 3.63
C GLY A 32 -3.78 10.53 3.06
N ASN A 33 -4.16 10.63 1.79
CA ASN A 33 -4.94 9.59 1.11
C ASN A 33 -4.25 8.23 1.20
N LEU A 34 -2.93 8.24 1.02
CA LEU A 34 -2.14 7.02 1.08
C LEU A 34 -2.23 6.37 2.45
N GLY A 35 -2.36 7.21 3.48
CA GLY A 35 -2.46 6.71 4.83
C GLY A 35 -3.67 5.84 5.00
N GLY A 36 -4.80 6.35 4.57
CA GLY A 36 -6.04 5.60 4.71
C GLY A 36 -6.05 4.40 3.80
N TRP A 37 -5.38 4.54 2.67
CA TRP A 37 -5.18 3.44 1.73
C TRP A 37 -4.51 2.27 2.44
N CYS A 38 -3.36 2.55 3.04
CA CYS A 38 -2.58 1.52 3.73
C CYS A 38 -3.26 1.08 5.03
N HIS A 39 -3.73 2.05 5.81
CA HIS A 39 -4.34 1.77 7.11
C HIS A 39 -5.53 0.81 6.98
N THR A 40 -6.20 0.85 5.84
CA THR A 40 -7.31 -0.04 5.57
C THR A 40 -6.81 -1.40 5.06
N GLN A 41 -5.97 -1.35 4.03
CA GLN A 41 -5.59 -2.55 3.30
C GLN A 41 -4.58 -3.41 4.05
N ARG A 42 -3.83 -2.78 4.94
CA ARG A 42 -2.93 -3.54 5.82
C ARG A 42 -3.72 -4.60 6.57
N LYS A 43 -4.89 -4.20 7.05
CA LYS A 43 -5.76 -5.09 7.77
C LYS A 43 -6.47 -6.04 6.80
N MET A 44 -6.73 -5.56 5.59
CA MET A 44 -7.32 -6.39 4.54
C MET A 44 -6.44 -7.57 4.20
N ARG A 45 -5.14 -7.32 4.04
CA ARG A 45 -4.22 -8.39 3.66
C ARG A 45 -4.11 -9.43 4.77
N LYS A 46 -4.23 -8.98 6.01
CA LYS A 46 -4.23 -9.89 7.15
C LYS A 46 -5.56 -10.63 7.22
N GLN A 47 -6.62 -9.92 6.87
CA GLN A 47 -7.97 -10.45 6.90
C GLN A 47 -8.19 -11.43 5.75
N GLY A 48 -7.28 -11.39 4.77
CA GLY A 48 -7.40 -12.25 3.60
C GLY A 48 -8.35 -11.67 2.57
N LYS A 49 -8.56 -10.35 2.64
CA LYS A 49 -9.50 -9.67 1.75
C LYS A 49 -8.75 -9.09 0.56
N LEU A 50 -7.45 -9.04 0.67
CA LEU A 50 -6.60 -8.52 -0.39
C LEU A 50 -6.12 -9.67 -1.29
N PRO A 51 -6.06 -9.42 -2.60
CA PRO A 51 -5.43 -10.35 -3.54
C PRO A 51 -3.92 -10.12 -3.62
N ASN A 52 -3.22 -11.12 -4.12
CA ASN A 52 -1.77 -11.04 -4.26
C ASN A 52 -1.42 -10.09 -5.39
N ASP A 53 -2.35 -9.91 -6.31
CA ASP A 53 -2.14 -9.05 -7.48
C ASP A 53 -1.73 -7.64 -7.08
N ARG A 54 -2.51 -7.03 -6.20
CA ARG A 54 -2.21 -5.69 -5.71
C ARG A 54 -0.95 -5.72 -4.85
N ARG A 55 -0.91 -6.65 -3.91
CA ARG A 55 0.24 -6.86 -3.04
C ARG A 55 1.55 -6.96 -3.86
N LEU A 56 1.46 -7.59 -5.02
CA LEU A 56 2.62 -7.77 -5.88
C LEU A 56 3.09 -6.44 -6.47
N LEU A 57 2.15 -5.61 -6.90
CA LEU A 57 2.47 -4.29 -7.44
C LEU A 57 3.14 -3.42 -6.38
N LEU A 58 2.72 -3.60 -5.12
CA LEU A 58 3.34 -2.91 -4.00
C LEU A 58 4.78 -3.36 -3.82
N ASP A 59 5.01 -4.65 -4.01
CA ASP A 59 6.34 -5.22 -3.86
C ASP A 59 7.28 -4.66 -4.91
N LYS A 60 6.75 -4.47 -6.12
CA LYS A 60 7.53 -3.98 -7.24
C LYS A 60 8.06 -2.56 -6.99
N ILE A 61 7.22 -1.70 -6.42
CA ILE A 61 7.64 -0.33 -6.15
C ILE A 61 8.55 -0.28 -4.92
N GLY A 62 8.54 -1.35 -4.13
CA GLY A 62 9.43 -1.42 -2.98
C GLY A 62 8.70 -1.24 -1.66
N PHE A 63 7.46 -1.71 -1.59
CA PHE A 63 6.69 -1.63 -0.37
C PHE A 63 6.84 -2.91 0.45
N VAL A 64 7.07 -2.75 1.74
CA VAL A 64 7.23 -3.87 2.63
C VAL A 64 5.97 -4.03 3.49
N TRP A 65 5.56 -5.27 3.70
CA TRP A 65 4.34 -5.54 4.47
C TRP A 65 4.67 -5.93 5.91
N SER A 66 5.97 -5.93 6.22
CA SER A 66 6.47 -6.23 7.57
C SER A 66 6.33 -7.72 7.90
N LEU A 67 7.19 -8.19 8.80
CA LEU A 67 7.12 -9.56 9.28
C LEU A 67 6.03 -9.66 10.34
N GLU A 68 5.78 -8.52 10.98
CA GLU A 68 4.68 -8.36 11.96
C GLU A 68 4.93 -9.13 13.26
N HIS A 69 4.83 -10.46 13.19
CA HIS A 69 4.85 -11.27 14.41
C HIS A 69 5.96 -12.30 14.38
N HIS A 70 7.16 -11.85 14.72
CA HIS A 70 8.33 -12.70 14.86
C HIS A 70 9.54 -11.82 15.14
N HIS A 71 9.79 -11.56 16.42
CA HIS A 71 10.92 -10.71 16.82
C HIS A 71 12.24 -11.29 16.33
N HIS A 72 12.96 -10.49 15.57
CA HIS A 72 14.26 -10.89 15.05
C HIS A 72 15.32 -10.70 16.12
N HIS A 73 16.27 -11.61 16.18
CA HIS A 73 17.32 -11.53 17.18
C HIS A 73 18.69 -11.44 16.53
N HIS A 74 19.61 -10.74 17.20
CA HIS A 74 20.97 -10.59 16.70
C HIS A 74 21.89 -11.55 17.41
N MET A 1 -15.62 2.40 2.76
CA MET A 1 -14.38 1.73 3.20
C MET A 1 -13.75 0.92 2.06
N ASN A 2 -14.32 -0.24 1.77
CA ASN A 2 -13.77 -1.11 0.74
C ASN A 2 -14.38 -0.82 -0.62
N GLN A 3 -15.58 -0.27 -0.63
CA GLN A 3 -16.28 0.02 -1.88
C GLN A 3 -16.20 1.51 -2.22
N ASN A 4 -15.41 1.83 -3.23
CA ASN A 4 -15.30 3.18 -3.74
C ASN A 4 -15.71 3.21 -5.20
N LEU A 5 -15.07 2.35 -5.98
CA LEU A 5 -15.35 2.20 -7.41
C LEU A 5 -15.06 3.49 -8.17
N GLN A 6 -14.19 4.30 -7.61
CA GLN A 6 -13.82 5.57 -8.20
C GLN A 6 -12.43 5.48 -8.84
N GLY A 7 -12.13 6.39 -9.75
CA GLY A 7 -10.84 6.39 -10.43
C GLY A 7 -9.73 6.96 -9.59
N GLU A 8 -9.56 6.41 -8.40
CA GLU A 8 -8.52 6.87 -7.48
C GLU A 8 -7.28 5.99 -7.63
N TRP A 9 -7.49 4.71 -7.94
CA TRP A 9 -6.41 3.73 -7.99
C TRP A 9 -5.38 4.08 -9.05
N MET A 10 -5.86 4.46 -10.23
CA MET A 10 -4.96 4.82 -11.33
C MET A 10 -3.97 5.90 -10.91
N LYS A 11 -4.43 6.84 -10.11
CA LYS A 11 -3.58 7.87 -9.54
C LYS A 11 -2.80 7.33 -8.36
N ASN A 12 -3.52 6.67 -7.46
CA ASN A 12 -2.98 6.16 -6.21
C ASN A 12 -1.74 5.30 -6.44
N TYR A 13 -1.84 4.39 -7.39
CA TYR A 13 -0.75 3.51 -7.74
C TYR A 13 0.51 4.30 -8.08
N GLU A 14 0.37 5.26 -8.98
CA GLU A 14 1.49 6.09 -9.41
C GLU A 14 2.01 6.98 -8.29
N GLU A 15 1.09 7.46 -7.46
CA GLU A 15 1.44 8.37 -6.38
C GLU A 15 2.18 7.61 -5.27
N LEU A 16 1.77 6.38 -5.02
CA LEU A 16 2.39 5.57 -3.98
C LEU A 16 3.71 5.06 -4.52
N LYS A 17 3.72 4.76 -5.81
CA LYS A 17 4.91 4.36 -6.51
C LYS A 17 6.00 5.41 -6.36
N SER A 18 5.60 6.67 -6.45
CA SER A 18 6.51 7.78 -6.31
C SER A 18 6.89 7.99 -4.83
N PHE A 19 5.97 7.64 -3.94
CA PHE A 19 6.20 7.79 -2.51
C PHE A 19 7.15 6.73 -1.98
N VAL A 20 6.90 5.48 -2.36
CA VAL A 20 7.72 4.37 -1.91
C VAL A 20 9.16 4.48 -2.44
N ARG A 21 9.32 5.01 -3.64
CA ARG A 21 10.65 5.17 -4.22
C ARG A 21 11.33 6.41 -3.64
N LYS A 22 10.53 7.26 -3.01
CA LYS A 22 11.03 8.51 -2.45
C LYS A 22 11.75 8.27 -1.14
N TYR A 23 11.02 7.87 -0.11
CA TYR A 23 11.60 7.68 1.21
C TYR A 23 11.51 6.22 1.66
N ARG A 24 11.19 5.33 0.71
CA ARG A 24 11.01 3.91 1.01
C ARG A 24 9.86 3.70 1.98
N ARG A 25 8.65 3.56 1.43
CA ARG A 25 7.43 3.41 2.22
C ARG A 25 7.10 4.73 2.92
N PHE A 26 5.90 4.86 3.44
CA PHE A 26 5.50 6.09 4.12
C PHE A 26 5.28 5.86 5.61
N PRO A 27 6.35 5.95 6.42
CA PRO A 27 6.28 5.76 7.86
C PRO A 27 5.99 7.05 8.62
N LYS A 28 5.95 8.16 7.88
CA LYS A 28 5.69 9.46 8.47
C LYS A 28 4.73 10.24 7.59
N SER A 29 4.99 10.21 6.29
CA SER A 29 4.10 10.83 5.33
C SER A 29 2.80 10.03 5.23
N THR A 30 1.69 10.73 5.10
CA THR A 30 0.39 10.08 5.01
C THR A 30 -0.33 10.44 3.72
N GLU A 31 -0.18 11.70 3.31
CA GLU A 31 -0.76 12.20 2.04
C GLU A 31 -2.28 12.23 2.10
N GLY A 32 -2.80 11.85 3.25
CA GLY A 32 -4.23 11.76 3.43
C GLY A 32 -4.82 10.52 2.81
N ASN A 33 -4.85 10.47 1.48
CA ASN A 33 -5.46 9.35 0.76
C ASN A 33 -4.62 8.08 0.92
N LEU A 34 -3.32 8.18 0.69
CA LEU A 34 -2.42 7.02 0.82
C LEU A 34 -2.48 6.45 2.23
N GLY A 35 -2.49 7.35 3.22
CA GLY A 35 -2.59 6.92 4.60
C GLY A 35 -3.85 6.10 4.85
N GLY A 36 -4.96 6.56 4.28
CA GLY A 36 -6.21 5.83 4.40
C GLY A 36 -6.17 4.54 3.63
N TRP A 37 -5.59 4.60 2.44
CA TRP A 37 -5.40 3.42 1.60
C TRP A 37 -4.67 2.34 2.39
N CYS A 38 -3.58 2.75 3.03
CA CYS A 38 -2.80 1.86 3.86
C CYS A 38 -3.61 1.37 5.06
N HIS A 39 -4.21 2.30 5.79
CA HIS A 39 -4.92 1.98 7.04
C HIS A 39 -5.96 0.89 6.84
N THR A 40 -6.73 0.98 5.78
CA THR A 40 -7.75 -0.02 5.50
C THR A 40 -7.12 -1.34 5.07
N GLN A 41 -6.15 -1.28 4.17
CA GLN A 41 -5.60 -2.47 3.56
C GLN A 41 -4.49 -3.13 4.37
N ARG A 42 -3.96 -2.44 5.38
CA ARG A 42 -2.98 -3.04 6.29
C ARG A 42 -3.67 -4.02 7.22
N LYS A 43 -5.00 -4.08 7.13
CA LYS A 43 -5.80 -5.06 7.82
C LYS A 43 -6.00 -6.27 6.90
N MET A 44 -6.39 -5.99 5.66
CA MET A 44 -6.73 -7.02 4.69
C MET A 44 -5.51 -7.86 4.32
N ARG A 45 -4.34 -7.24 4.40
CA ARG A 45 -3.09 -7.89 4.04
C ARG A 45 -2.92 -9.23 4.76
N LYS A 46 -3.12 -9.21 6.07
CA LYS A 46 -2.92 -10.37 6.91
C LYS A 46 -4.13 -11.28 6.84
N GLN A 47 -5.31 -10.67 6.92
CA GLN A 47 -6.58 -11.38 6.88
C GLN A 47 -6.76 -12.15 5.56
N GLY A 48 -5.97 -11.78 4.55
CA GLY A 48 -6.06 -12.43 3.27
C GLY A 48 -7.22 -11.91 2.46
N LYS A 49 -7.47 -10.62 2.58
CA LYS A 49 -8.60 -9.99 1.90
C LYS A 49 -8.10 -9.10 0.77
N LEU A 50 -6.79 -8.89 0.74
CA LEU A 50 -6.18 -8.07 -0.28
C LEU A 50 -6.11 -8.80 -1.61
N PRO A 51 -6.32 -8.07 -2.72
CA PRO A 51 -6.14 -8.61 -4.07
C PRO A 51 -4.66 -8.82 -4.37
N ASN A 52 -4.37 -9.94 -4.99
CA ASN A 52 -3.00 -10.30 -5.30
C ASN A 52 -2.35 -9.33 -6.27
N ASP A 53 -3.16 -8.61 -7.02
CA ASP A 53 -2.65 -7.64 -7.96
C ASP A 53 -1.93 -6.53 -7.20
N ARG A 54 -2.64 -5.95 -6.24
CA ARG A 54 -2.11 -4.86 -5.44
C ARG A 54 -0.90 -5.30 -4.62
N ARG A 55 -1.03 -6.45 -3.96
CA ARG A 55 0.03 -6.91 -3.06
C ARG A 55 1.29 -7.25 -3.86
N LEU A 56 1.11 -7.54 -5.14
CA LEU A 56 2.24 -7.82 -6.01
C LEU A 56 2.85 -6.51 -6.50
N LEU A 57 2.00 -5.52 -6.77
CA LEU A 57 2.46 -4.21 -7.22
C LEU A 57 3.24 -3.51 -6.12
N LEU A 58 2.72 -3.58 -4.90
CA LEU A 58 3.37 -2.96 -3.76
C LEU A 58 4.72 -3.62 -3.49
N ASP A 59 4.75 -4.94 -3.54
CA ASP A 59 5.97 -5.70 -3.31
C ASP A 59 6.95 -5.47 -4.48
N LYS A 60 6.41 -5.03 -5.61
CA LYS A 60 7.22 -4.72 -6.78
C LYS A 60 7.86 -3.34 -6.65
N ILE A 61 7.13 -2.38 -6.10
CA ILE A 61 7.66 -1.02 -5.94
C ILE A 61 8.55 -0.91 -4.70
N GLY A 62 8.54 -1.96 -3.88
CA GLY A 62 9.43 -1.99 -2.72
C GLY A 62 8.72 -1.60 -1.43
N PHE A 63 7.43 -1.89 -1.36
CA PHE A 63 6.64 -1.59 -0.17
C PHE A 63 6.81 -2.70 0.86
N VAL A 64 7.30 -2.32 2.03
CA VAL A 64 7.47 -3.24 3.11
C VAL A 64 6.13 -3.52 3.79
N TRP A 65 5.84 -4.79 3.99
CA TRP A 65 4.53 -5.20 4.49
C TRP A 65 4.49 -5.25 6.01
N SER A 66 5.67 -5.35 6.64
CA SER A 66 5.76 -5.59 8.08
C SER A 66 5.15 -6.93 8.41
N LEU A 67 5.20 -7.81 7.41
CA LEU A 67 4.67 -9.15 7.52
C LEU A 67 5.65 -10.10 6.84
N GLU A 68 5.59 -11.37 7.17
CA GLU A 68 6.52 -12.35 6.62
C GLU A 68 6.41 -12.43 5.09
N HIS A 69 7.36 -11.77 4.43
CA HIS A 69 7.44 -11.85 2.97
C HIS A 69 8.09 -13.17 2.59
N HIS A 70 7.29 -14.22 2.61
CA HIS A 70 7.79 -15.56 2.37
C HIS A 70 6.91 -16.28 1.36
N HIS A 71 5.65 -16.52 1.73
CA HIS A 71 4.71 -17.31 0.93
C HIS A 71 5.16 -18.78 0.94
N HIS A 72 4.21 -19.70 0.83
CA HIS A 72 4.55 -21.12 0.83
C HIS A 72 5.19 -21.53 -0.49
N HIS A 73 6.48 -21.25 -0.62
CA HIS A 73 7.26 -21.69 -1.77
C HIS A 73 8.02 -22.96 -1.41
N HIS A 74 8.08 -23.21 -0.11
CA HIS A 74 8.74 -24.38 0.45
C HIS A 74 8.15 -24.69 1.81
N MET A 1 -18.46 7.42 1.57
CA MET A 1 -18.23 7.59 0.13
C MET A 1 -19.15 6.65 -0.65
N ASN A 2 -19.28 6.89 -1.96
CA ASN A 2 -20.06 6.02 -2.82
C ASN A 2 -19.13 5.26 -3.75
N GLN A 3 -18.92 3.99 -3.45
CA GLN A 3 -18.04 3.15 -4.27
C GLN A 3 -18.72 2.78 -5.59
N ASN A 4 -18.15 3.23 -6.68
CA ASN A 4 -18.67 2.96 -8.01
C ASN A 4 -17.54 2.38 -8.87
N LEU A 5 -17.67 2.48 -10.18
CA LEU A 5 -16.60 2.04 -11.05
C LEU A 5 -15.65 3.21 -11.29
N GLN A 6 -14.81 3.50 -10.31
CA GLN A 6 -13.82 4.56 -10.45
C GLN A 6 -12.41 3.98 -10.39
N GLY A 7 -11.59 4.39 -11.35
CA GLY A 7 -10.24 3.88 -11.43
C GLY A 7 -9.27 4.63 -10.54
N GLU A 8 -9.64 4.78 -9.27
CA GLU A 8 -8.79 5.51 -8.33
C GLU A 8 -7.54 4.69 -8.00
N TRP A 9 -7.58 3.41 -8.35
CA TRP A 9 -6.42 2.54 -8.22
C TRP A 9 -5.25 3.12 -9.00
N MET A 10 -5.51 3.52 -10.23
CA MET A 10 -4.49 4.14 -11.06
C MET A 10 -4.06 5.47 -10.49
N LYS A 11 -4.93 6.08 -9.70
CA LYS A 11 -4.65 7.37 -9.07
C LYS A 11 -3.76 7.17 -7.83
N ASN A 12 -4.18 6.27 -6.94
CA ASN A 12 -3.47 6.06 -5.69
C ASN A 12 -2.20 5.23 -5.86
N TYR A 13 -2.15 4.39 -6.89
CA TYR A 13 -0.95 3.59 -7.17
C TYR A 13 0.24 4.49 -7.46
N GLU A 14 0.07 5.41 -8.41
CA GLU A 14 1.14 6.35 -8.73
C GLU A 14 1.34 7.33 -7.58
N GLU A 15 0.30 7.51 -6.79
CA GLU A 15 0.34 8.38 -5.63
C GLU A 15 1.23 7.76 -4.55
N LEU A 16 1.27 6.42 -4.51
CA LEU A 16 2.11 5.71 -3.57
C LEU A 16 3.49 5.49 -4.18
N LYS A 17 3.47 5.18 -5.48
CA LYS A 17 4.68 4.87 -6.23
C LYS A 17 5.71 5.99 -6.09
N SER A 18 5.28 7.21 -6.35
CA SER A 18 6.15 8.38 -6.27
C SER A 18 6.70 8.57 -4.86
N PHE A 19 5.90 8.21 -3.86
CA PHE A 19 6.32 8.39 -2.47
C PHE A 19 7.34 7.32 -2.08
N VAL A 20 7.02 6.06 -2.37
CA VAL A 20 7.91 4.95 -2.07
C VAL A 20 9.22 5.07 -2.85
N ARG A 21 9.12 5.57 -4.07
CA ARG A 21 10.29 5.78 -4.91
C ARG A 21 11.34 6.62 -4.21
N LYS A 22 10.88 7.51 -3.33
CA LYS A 22 11.75 8.47 -2.68
C LYS A 22 12.28 7.95 -1.34
N TYR A 23 11.39 7.57 -0.43
CA TYR A 23 11.79 7.23 0.93
C TYR A 23 11.82 5.74 1.14
N ARG A 24 10.96 5.04 0.40
CA ARG A 24 10.61 3.65 0.67
C ARG A 24 9.94 3.55 2.03
N ARG A 25 8.63 3.37 1.98
CA ARG A 25 7.78 3.30 3.19
C ARG A 25 7.51 4.67 3.78
N PHE A 26 6.39 4.77 4.45
CA PHE A 26 5.97 5.99 5.13
C PHE A 26 5.54 5.65 6.54
N PRO A 27 6.47 5.64 7.49
CA PRO A 27 6.20 5.29 8.89
C PRO A 27 5.29 6.32 9.57
N LYS A 28 4.02 6.32 9.16
CA LYS A 28 3.02 7.22 9.72
C LYS A 28 3.41 8.68 9.44
N SER A 29 3.93 8.90 8.23
CA SER A 29 4.40 10.21 7.81
C SER A 29 3.29 11.26 7.87
N THR A 30 2.37 11.21 6.92
CA THR A 30 1.24 12.13 6.90
C THR A 30 -0.06 11.39 7.17
N GLU A 31 -0.14 10.16 6.66
CA GLU A 31 -1.30 9.30 6.83
C GLU A 31 -2.57 9.95 6.29
N GLY A 32 -2.43 10.72 5.22
CA GLY A 32 -3.60 11.28 4.56
C GLY A 32 -4.22 10.28 3.62
N ASN A 33 -4.01 10.48 2.34
CA ASN A 33 -4.51 9.56 1.31
C ASN A 33 -3.87 8.19 1.45
N LEU A 34 -2.55 8.16 1.45
CA LEU A 34 -1.80 6.92 1.46
C LEU A 34 -1.83 6.29 2.85
N GLY A 35 -1.89 7.12 3.88
CA GLY A 35 -1.99 6.62 5.22
C GLY A 35 -3.25 5.81 5.42
N GLY A 36 -4.36 6.34 4.89
CA GLY A 36 -5.62 5.63 4.97
C GLY A 36 -5.62 4.42 4.07
N TRP A 37 -4.88 4.52 2.96
CA TRP A 37 -4.72 3.43 2.03
C TRP A 37 -4.01 2.27 2.74
N CYS A 38 -2.93 2.60 3.44
CA CYS A 38 -2.19 1.61 4.21
C CYS A 38 -3.11 0.97 5.26
N HIS A 39 -3.86 1.81 5.97
CA HIS A 39 -4.79 1.32 7.00
C HIS A 39 -5.85 0.40 6.42
N THR A 40 -6.27 0.63 5.17
CA THR A 40 -7.30 -0.19 4.57
C THR A 40 -6.75 -1.59 4.26
N GLN A 41 -5.50 -1.65 3.80
CA GLN A 41 -4.87 -2.93 3.50
C GLN A 41 -4.51 -3.66 4.77
N ARG A 42 -4.27 -2.89 5.83
CA ARG A 42 -4.09 -3.45 7.16
C ARG A 42 -5.29 -4.31 7.52
N LYS A 43 -6.47 -3.79 7.22
CA LYS A 43 -7.72 -4.50 7.44
C LYS A 43 -7.86 -5.64 6.44
N MET A 44 -7.81 -5.29 5.16
CA MET A 44 -8.09 -6.25 4.08
C MET A 44 -7.19 -7.48 4.17
N ARG A 45 -5.96 -7.32 4.64
CA ARG A 45 -5.06 -8.46 4.81
C ARG A 45 -5.47 -9.29 6.02
N LYS A 46 -5.72 -8.61 7.14
CA LYS A 46 -6.12 -9.28 8.37
C LYS A 46 -7.49 -9.94 8.19
N GLN A 47 -8.31 -9.35 7.33
CA GLN A 47 -9.62 -9.91 6.99
C GLN A 47 -9.47 -11.04 5.97
N GLY A 48 -8.34 -11.05 5.28
CA GLY A 48 -8.05 -12.11 4.35
C GLY A 48 -8.80 -11.99 3.04
N LYS A 49 -8.74 -10.81 2.43
CA LYS A 49 -9.39 -10.60 1.14
C LYS A 49 -8.58 -9.68 0.24
N LEU A 50 -7.36 -9.40 0.65
CA LEU A 50 -6.46 -8.59 -0.16
C LEU A 50 -6.03 -9.36 -1.42
N PRO A 51 -5.93 -8.68 -2.57
CA PRO A 51 -5.49 -9.30 -3.82
C PRO A 51 -3.97 -9.43 -3.93
N ASN A 52 -3.55 -10.51 -4.55
CA ASN A 52 -2.14 -10.83 -4.74
C ASN A 52 -1.46 -9.81 -5.65
N ASP A 53 -2.12 -9.47 -6.76
CA ASP A 53 -1.55 -8.56 -7.76
C ASP A 53 -1.09 -7.26 -7.15
N ARG A 54 -2.01 -6.62 -6.42
CA ARG A 54 -1.73 -5.33 -5.78
C ARG A 54 -0.51 -5.44 -4.87
N ARG A 55 -0.52 -6.49 -4.06
CA ARG A 55 0.57 -6.77 -3.14
C ARG A 55 1.90 -6.82 -3.89
N LEU A 56 1.93 -7.59 -4.97
CA LEU A 56 3.16 -7.77 -5.76
C LEU A 56 3.58 -6.48 -6.45
N LEU A 57 2.60 -5.69 -6.88
CA LEU A 57 2.89 -4.44 -7.57
C LEU A 57 3.66 -3.47 -6.66
N LEU A 58 3.39 -3.55 -5.36
CA LEU A 58 4.08 -2.71 -4.40
C LEU A 58 5.53 -3.17 -4.24
N ASP A 59 5.74 -4.47 -4.28
CA ASP A 59 7.09 -5.05 -4.24
C ASP A 59 7.91 -4.54 -5.42
N LYS A 60 7.25 -4.33 -6.56
CA LYS A 60 7.92 -3.88 -7.77
C LYS A 60 8.40 -2.44 -7.64
N ILE A 61 7.68 -1.61 -6.89
CA ILE A 61 8.09 -0.21 -6.70
C ILE A 61 9.08 -0.08 -5.55
N GLY A 62 9.29 -1.19 -4.83
CA GLY A 62 10.25 -1.18 -3.75
C GLY A 62 9.61 -1.00 -2.39
N PHE A 63 8.33 -1.33 -2.29
CA PHE A 63 7.62 -1.22 -1.02
C PHE A 63 7.88 -2.46 -0.18
N VAL A 64 8.66 -2.28 0.87
CA VAL A 64 9.01 -3.36 1.75
C VAL A 64 7.88 -3.66 2.72
N TRP A 65 7.68 -4.94 3.02
CA TRP A 65 6.63 -5.35 3.93
C TRP A 65 7.21 -5.59 5.32
N SER A 66 8.43 -6.13 5.35
CA SER A 66 9.14 -6.40 6.60
C SER A 66 8.41 -7.45 7.43
N LEU A 67 8.78 -7.57 8.70
CA LEU A 67 8.19 -8.59 9.57
C LEU A 67 7.49 -7.93 10.75
N GLU A 68 6.44 -8.56 11.23
CA GLU A 68 5.66 -8.04 12.35
C GLU A 68 4.96 -9.18 13.08
N HIS A 69 4.60 -8.94 14.35
CA HIS A 69 3.81 -9.86 15.16
C HIS A 69 4.57 -11.15 15.47
N HIS A 70 5.89 -11.08 15.36
CA HIS A 70 6.73 -12.22 15.70
C HIS A 70 7.65 -11.84 16.84
N HIS A 71 8.11 -12.84 17.58
CA HIS A 71 8.99 -12.62 18.72
C HIS A 71 9.44 -13.97 19.26
N HIS A 72 8.45 -14.84 19.52
CA HIS A 72 8.72 -16.21 19.93
C HIS A 72 7.40 -16.98 19.97
N HIS A 73 6.36 -16.33 20.48
CA HIS A 73 5.02 -16.92 20.46
C HIS A 73 4.35 -16.65 19.12
N HIS A 74 3.26 -17.35 18.86
CA HIS A 74 2.54 -17.17 17.60
C HIS A 74 1.49 -16.07 17.74
N MET A 1 -12.26 0.10 -0.62
CA MET A 1 -13.06 0.27 -1.86
C MET A 1 -13.35 1.74 -2.10
N ASN A 2 -13.24 2.16 -3.35
CA ASN A 2 -13.53 3.54 -3.72
C ASN A 2 -14.50 3.58 -4.89
N GLN A 3 -15.71 4.05 -4.64
CA GLN A 3 -16.73 4.08 -5.67
C GLN A 3 -17.15 5.51 -5.99
N ASN A 4 -16.34 6.46 -5.53
CA ASN A 4 -16.53 7.86 -5.88
C ASN A 4 -15.58 8.21 -7.02
N LEU A 5 -14.55 7.39 -7.15
CA LEU A 5 -13.59 7.49 -8.24
C LEU A 5 -13.35 6.09 -8.81
N GLN A 6 -13.56 5.94 -10.11
CA GLN A 6 -13.44 4.64 -10.74
C GLN A 6 -11.97 4.25 -10.88
N GLY A 7 -11.18 5.17 -11.41
CA GLY A 7 -9.77 4.89 -11.64
C GLY A 7 -8.91 5.44 -10.53
N GLU A 8 -9.38 5.32 -9.31
CA GLU A 8 -8.66 5.83 -8.15
C GLU A 8 -7.37 5.03 -7.96
N TRP A 9 -7.46 3.73 -8.17
CA TRP A 9 -6.32 2.83 -8.03
C TRP A 9 -5.11 3.33 -8.81
N MET A 10 -5.29 3.52 -10.11
CA MET A 10 -4.22 3.99 -10.97
C MET A 10 -3.70 5.33 -10.49
N LYS A 11 -4.60 6.16 -9.98
CA LYS A 11 -4.23 7.49 -9.53
C LYS A 11 -3.36 7.42 -8.28
N ASN A 12 -3.85 6.76 -7.22
CA ASN A 12 -3.07 6.67 -5.99
C ASN A 12 -1.80 5.86 -6.20
N TYR A 13 -1.85 4.86 -7.07
CA TYR A 13 -0.68 4.01 -7.31
C TYR A 13 0.46 4.83 -7.90
N GLU A 14 0.15 5.66 -8.89
CA GLU A 14 1.15 6.53 -9.51
C GLU A 14 1.79 7.45 -8.48
N GLU A 15 1.01 7.90 -7.51
CA GLU A 15 1.53 8.74 -6.44
C GLU A 15 2.33 7.89 -5.45
N LEU A 16 1.82 6.70 -5.18
CA LEU A 16 2.44 5.77 -4.24
C LEU A 16 3.80 5.31 -4.72
N LYS A 17 3.92 5.04 -6.02
CA LYS A 17 5.19 4.63 -6.62
C LYS A 17 6.29 5.60 -6.23
N SER A 18 6.06 6.86 -6.57
CA SER A 18 7.02 7.91 -6.29
C SER A 18 7.23 8.09 -4.78
N PHE A 19 6.16 7.94 -4.00
CA PHE A 19 6.25 8.10 -2.57
C PHE A 19 7.12 7.00 -1.95
N VAL A 20 6.87 5.76 -2.36
CA VAL A 20 7.63 4.61 -1.87
C VAL A 20 9.07 4.66 -2.37
N ARG A 21 9.28 5.16 -3.57
CA ARG A 21 10.62 5.27 -4.12
C ARG A 21 11.40 6.36 -3.38
N LYS A 22 10.73 7.46 -3.06
CA LYS A 22 11.38 8.62 -2.44
C LYS A 22 11.70 8.35 -0.97
N TYR A 23 10.71 7.93 -0.20
CA TYR A 23 10.89 7.77 1.24
C TYR A 23 11.21 6.33 1.61
N ARG A 24 10.86 5.40 0.72
CA ARG A 24 10.89 3.97 1.01
C ARG A 24 9.89 3.65 2.11
N ARG A 25 8.68 3.28 1.67
CA ARG A 25 7.52 2.99 2.54
C ARG A 25 7.13 4.23 3.36
N PHE A 26 6.00 4.15 4.03
CA PHE A 26 5.50 5.27 4.82
C PHE A 26 4.86 4.76 6.12
N PRO A 27 5.67 4.56 7.15
CA PRO A 27 5.23 3.98 8.43
C PRO A 27 4.35 4.92 9.23
N LYS A 28 4.69 6.21 9.23
CA LYS A 28 3.98 7.18 10.07
C LYS A 28 3.26 8.22 9.22
N SER A 29 3.28 8.02 7.91
CA SER A 29 2.67 8.97 7.00
C SER A 29 1.19 8.66 6.79
N THR A 30 0.34 9.56 7.24
CA THR A 30 -1.10 9.38 7.12
C THR A 30 -1.71 10.50 6.27
N GLU A 31 -0.88 11.09 5.43
CA GLU A 31 -1.29 12.20 4.57
C GLU A 31 -2.18 11.72 3.42
N GLY A 32 -3.22 12.50 3.15
CA GLY A 32 -4.09 12.25 2.02
C GLY A 32 -4.73 10.88 2.05
N ASN A 33 -5.05 10.36 0.87
CA ASN A 33 -5.68 9.05 0.75
C ASN A 33 -4.70 7.94 1.12
N LEU A 34 -3.41 8.19 0.93
CA LEU A 34 -2.38 7.19 1.21
C LEU A 34 -2.39 6.80 2.68
N GLY A 35 -2.60 7.79 3.54
CA GLY A 35 -2.63 7.55 4.97
C GLY A 35 -3.69 6.54 5.36
N GLY A 36 -4.87 6.67 4.77
CA GLY A 36 -5.93 5.73 5.04
C GLY A 36 -5.78 4.48 4.21
N TRP A 37 -5.13 4.63 3.07
CA TRP A 37 -4.89 3.54 2.13
C TRP A 37 -4.15 2.41 2.83
N CYS A 38 -2.98 2.74 3.38
CA CYS A 38 -2.14 1.73 4.03
C CYS A 38 -2.82 1.14 5.26
N HIS A 39 -3.54 1.97 5.99
CA HIS A 39 -4.17 1.56 7.24
C HIS A 39 -5.40 0.67 6.99
N THR A 40 -6.18 1.01 5.98
CA THR A 40 -7.37 0.23 5.63
C THR A 40 -6.98 -1.18 5.19
N GLN A 41 -5.88 -1.28 4.46
CA GLN A 41 -5.42 -2.56 3.94
C GLN A 41 -4.76 -3.42 5.02
N ARG A 42 -4.51 -2.83 6.19
CA ARG A 42 -4.05 -3.61 7.34
C ARG A 42 -5.12 -4.62 7.72
N LYS A 43 -6.38 -4.20 7.64
CA LYS A 43 -7.50 -5.06 7.97
C LYS A 43 -7.70 -6.11 6.88
N MET A 44 -7.48 -5.71 5.64
CA MET A 44 -7.63 -6.61 4.50
C MET A 44 -6.50 -7.65 4.48
N ARG A 45 -5.31 -7.21 4.90
CA ARG A 45 -4.18 -8.10 5.08
C ARG A 45 -4.49 -9.12 6.17
N LYS A 46 -5.03 -8.60 7.26
CA LYS A 46 -5.38 -9.39 8.43
C LYS A 46 -6.44 -10.44 8.09
N GLN A 47 -7.49 -9.99 7.42
CA GLN A 47 -8.55 -10.89 6.97
C GLN A 47 -8.02 -11.90 5.97
N GLY A 48 -7.02 -11.48 5.20
CA GLY A 48 -6.37 -12.37 4.25
C GLY A 48 -7.06 -12.40 2.92
N LYS A 49 -7.65 -11.28 2.52
CA LYS A 49 -8.37 -11.21 1.26
C LYS A 49 -7.80 -10.12 0.36
N LEU A 50 -6.70 -9.55 0.78
CA LEU A 50 -6.04 -8.49 0.02
C LEU A 50 -5.64 -9.00 -1.38
N PRO A 51 -5.84 -8.16 -2.41
CA PRO A 51 -5.51 -8.51 -3.79
C PRO A 51 -4.04 -8.81 -4.01
N ASN A 52 -3.78 -9.92 -4.68
CA ASN A 52 -2.42 -10.35 -4.98
C ASN A 52 -1.79 -9.48 -6.05
N ASP A 53 -2.58 -9.10 -7.06
CA ASP A 53 -2.06 -8.26 -8.15
C ASP A 53 -1.52 -6.96 -7.59
N ARG A 54 -2.36 -6.27 -6.83
CA ARG A 54 -1.98 -5.04 -6.14
C ARG A 54 -0.82 -5.29 -5.18
N ARG A 55 -0.86 -6.44 -4.49
CA ARG A 55 0.19 -6.83 -3.58
C ARG A 55 1.54 -6.85 -4.29
N LEU A 56 1.57 -7.53 -5.43
CA LEU A 56 2.80 -7.70 -6.17
C LEU A 56 3.27 -6.36 -6.73
N LEU A 57 2.31 -5.52 -7.14
CA LEU A 57 2.63 -4.20 -7.69
C LEU A 57 3.33 -3.33 -6.64
N LEU A 58 2.95 -3.52 -5.38
CA LEU A 58 3.56 -2.77 -4.29
C LEU A 58 4.99 -3.26 -4.06
N ASP A 59 5.19 -4.56 -4.11
CA ASP A 59 6.51 -5.15 -3.96
C ASP A 59 7.41 -4.71 -5.11
N LYS A 60 6.82 -4.53 -6.29
CA LYS A 60 7.52 -4.04 -7.46
C LYS A 60 8.17 -2.69 -7.21
N ILE A 61 7.41 -1.75 -6.65
CA ILE A 61 7.93 -0.41 -6.39
C ILE A 61 8.83 -0.38 -5.16
N GLY A 62 8.85 -1.48 -4.41
CA GLY A 62 9.77 -1.59 -3.29
C GLY A 62 9.09 -1.48 -1.94
N PHE A 63 7.77 -1.60 -1.93
CA PHE A 63 7.02 -1.57 -0.68
C PHE A 63 7.25 -2.86 0.08
N VAL A 64 7.71 -2.73 1.31
CA VAL A 64 8.03 -3.88 2.14
C VAL A 64 6.79 -4.40 2.88
N TRP A 65 6.60 -5.70 2.85
CA TRP A 65 5.44 -6.32 3.48
C TRP A 65 5.75 -6.74 4.91
N SER A 66 6.80 -6.12 5.46
CA SER A 66 7.20 -6.31 6.86
C SER A 66 7.79 -7.69 7.12
N LEU A 67 9.01 -7.72 7.65
CA LEU A 67 9.65 -8.96 8.04
C LEU A 67 9.00 -9.48 9.31
N GLU A 68 9.55 -10.55 9.88
CA GLU A 68 8.89 -11.28 10.95
C GLU A 68 7.54 -11.78 10.44
N HIS A 69 7.61 -12.82 9.61
CA HIS A 69 6.44 -13.28 8.87
C HIS A 69 6.10 -14.72 9.25
N HIS A 70 4.92 -14.93 9.81
CA HIS A 70 4.47 -16.26 10.20
C HIS A 70 3.39 -16.77 9.25
N HIS A 71 3.24 -18.09 9.22
CA HIS A 71 2.25 -18.72 8.35
C HIS A 71 1.03 -19.17 9.14
N HIS A 72 -0.13 -19.04 8.52
CA HIS A 72 -1.40 -19.46 9.12
C HIS A 72 -2.50 -19.39 8.06
N HIS A 73 -3.36 -20.38 8.03
CA HIS A 73 -4.42 -20.44 7.02
C HIS A 73 -5.60 -21.29 7.47
N HIS A 74 -6.41 -20.73 8.35
CA HIS A 74 -7.63 -21.40 8.81
C HIS A 74 -8.50 -20.40 9.54
N MET A 1 -17.16 -5.56 -11.99
CA MET A 1 -16.63 -4.24 -11.52
C MET A 1 -17.48 -3.69 -10.38
N ASN A 2 -16.89 -3.55 -9.21
CA ASN A 2 -17.57 -2.92 -8.07
C ASN A 2 -17.79 -1.44 -8.35
N GLN A 3 -16.77 -0.80 -8.90
CA GLN A 3 -16.83 0.62 -9.23
C GLN A 3 -16.19 0.87 -10.59
N ASN A 4 -16.73 1.80 -11.35
CA ASN A 4 -16.18 2.13 -12.65
C ASN A 4 -15.70 3.58 -12.69
N LEU A 5 -16.21 4.37 -11.76
CA LEU A 5 -15.80 5.77 -11.64
C LEU A 5 -15.05 6.00 -10.34
N GLN A 6 -14.19 7.00 -10.34
CA GLN A 6 -13.36 7.34 -9.19
C GLN A 6 -12.41 6.20 -8.85
N GLY A 7 -11.69 5.73 -9.86
CA GLY A 7 -10.66 4.72 -9.64
C GLY A 7 -9.45 5.30 -8.93
N GLU A 8 -9.63 5.59 -7.64
CA GLU A 8 -8.59 6.22 -6.83
C GLU A 8 -7.31 5.40 -6.81
N TRP A 9 -7.44 4.09 -7.03
CA TRP A 9 -6.31 3.18 -7.04
C TRP A 9 -5.28 3.60 -8.09
N MET A 10 -5.75 4.00 -9.27
CA MET A 10 -4.84 4.42 -10.34
C MET A 10 -3.99 5.60 -9.89
N LYS A 11 -4.62 6.52 -9.18
CA LYS A 11 -3.96 7.70 -8.67
C LYS A 11 -2.98 7.34 -7.55
N ASN A 12 -3.53 6.72 -6.52
CA ASN A 12 -2.76 6.29 -5.35
C ASN A 12 -1.58 5.43 -5.75
N TYR A 13 -1.74 4.66 -6.82
CA TYR A 13 -0.69 3.81 -7.35
C TYR A 13 0.54 4.64 -7.69
N GLU A 14 0.36 5.65 -8.54
CA GLU A 14 1.47 6.50 -8.97
C GLU A 14 2.06 7.27 -7.80
N GLU A 15 1.19 7.70 -6.89
CA GLU A 15 1.62 8.44 -5.71
C GLU A 15 2.48 7.54 -4.82
N LEU A 16 2.01 6.31 -4.60
CA LEU A 16 2.70 5.36 -3.75
C LEU A 16 4.05 4.97 -4.34
N LYS A 17 4.09 4.80 -5.66
CA LYS A 17 5.34 4.48 -6.35
C LYS A 17 6.41 5.48 -6.00
N SER A 18 6.12 6.74 -6.28
CA SER A 18 7.05 7.83 -6.02
C SER A 18 7.35 7.96 -4.53
N PHE A 19 6.33 7.72 -3.71
CA PHE A 19 6.47 7.83 -2.26
C PHE A 19 7.48 6.82 -1.74
N VAL A 20 7.33 5.57 -2.15
CA VAL A 20 8.26 4.51 -1.76
C VAL A 20 9.61 4.69 -2.46
N ARG A 21 9.56 5.10 -3.72
CA ARG A 21 10.75 5.34 -4.53
C ARG A 21 11.69 6.35 -3.87
N LYS A 22 11.13 7.44 -3.39
CA LYS A 22 11.94 8.51 -2.82
C LYS A 22 12.07 8.41 -1.30
N TYR A 23 10.95 8.23 -0.61
CA TYR A 23 10.95 8.31 0.85
C TYR A 23 10.97 6.93 1.50
N ARG A 24 10.66 5.91 0.72
CA ARG A 24 10.55 4.54 1.21
C ARG A 24 9.39 4.40 2.19
N ARG A 25 8.25 3.96 1.65
CA ARG A 25 7.01 3.70 2.40
C ARG A 25 6.61 4.89 3.28
N PHE A 26 5.59 4.68 4.10
CA PHE A 26 5.09 5.73 4.99
C PHE A 26 6.06 5.96 6.14
N PRO A 27 6.22 7.22 6.58
CA PRO A 27 7.02 7.56 7.75
C PRO A 27 6.46 6.90 9.02
N LYS A 28 5.14 7.03 9.18
CA LYS A 28 4.43 6.36 10.26
C LYS A 28 2.94 6.31 9.90
N SER A 29 2.67 6.06 8.62
CA SER A 29 1.30 5.96 8.10
C SER A 29 0.58 7.31 8.14
N THR A 30 -0.70 7.27 7.72
CA THR A 30 -1.56 8.45 7.72
C THR A 30 -0.96 9.63 6.94
N GLU A 31 -0.50 9.33 5.72
CA GLU A 31 0.04 10.37 4.84
C GLU A 31 -0.85 10.53 3.61
N GLY A 32 -1.54 11.67 3.54
CA GLY A 32 -2.36 12.00 2.38
C GLY A 32 -3.43 10.97 2.09
N ASN A 33 -3.70 10.78 0.81
CA ASN A 33 -4.71 9.84 0.35
C ASN A 33 -4.25 8.41 0.64
N LEU A 34 -2.94 8.22 0.53
CA LEU A 34 -2.31 6.94 0.80
C LEU A 34 -2.57 6.48 2.22
N GLY A 35 -2.67 7.44 3.13
CA GLY A 35 -2.96 7.13 4.52
C GLY A 35 -4.31 6.45 4.67
N GLY A 36 -5.28 6.91 3.91
CA GLY A 36 -6.60 6.31 3.95
C GLY A 36 -6.63 5.00 3.21
N TRP A 37 -5.83 4.93 2.15
CA TRP A 37 -5.66 3.71 1.37
C TRP A 37 -5.13 2.59 2.27
N CYS A 38 -4.00 2.86 2.92
CA CYS A 38 -3.33 1.89 3.76
C CYS A 38 -4.20 1.47 4.94
N HIS A 39 -4.88 2.44 5.56
CA HIS A 39 -5.69 2.17 6.75
C HIS A 39 -6.69 1.05 6.51
N THR A 40 -7.30 1.04 5.35
CA THR A 40 -8.30 0.04 5.03
C THR A 40 -7.65 -1.32 4.74
N GLN A 41 -6.65 -1.32 3.86
CA GLN A 41 -6.14 -2.55 3.31
C GLN A 41 -5.06 -3.21 4.17
N ARG A 42 -4.53 -2.48 5.15
CA ARG A 42 -3.60 -3.09 6.10
C ARG A 42 -4.33 -4.16 6.92
N LYS A 43 -5.64 -4.00 7.01
CA LYS A 43 -6.50 -4.94 7.68
C LYS A 43 -6.76 -6.14 6.76
N MET A 44 -7.07 -5.84 5.50
CA MET A 44 -7.29 -6.88 4.49
C MET A 44 -6.03 -7.73 4.32
N ARG A 45 -4.89 -7.08 4.52
CA ARG A 45 -3.59 -7.77 4.50
C ARG A 45 -3.55 -8.87 5.55
N LYS A 46 -4.00 -8.54 6.75
CA LYS A 46 -4.00 -9.49 7.85
C LYS A 46 -5.05 -10.57 7.61
N GLN A 47 -6.23 -10.13 7.18
CA GLN A 47 -7.34 -11.03 6.87
C GLN A 47 -7.02 -11.95 5.69
N GLY A 48 -5.98 -11.61 4.93
CA GLY A 48 -5.57 -12.41 3.80
C GLY A 48 -6.54 -12.32 2.65
N LYS A 49 -7.25 -11.21 2.56
CA LYS A 49 -8.27 -11.03 1.54
C LYS A 49 -7.84 -9.99 0.51
N LEU A 50 -6.69 -9.38 0.76
CA LEU A 50 -6.09 -8.45 -0.19
C LEU A 50 -5.83 -9.16 -1.52
N PRO A 51 -6.05 -8.48 -2.65
CA PRO A 51 -5.78 -9.03 -3.98
C PRO A 51 -4.29 -9.16 -4.25
N ASN A 52 -3.92 -10.35 -4.72
CA ASN A 52 -2.53 -10.63 -5.08
C ASN A 52 -2.05 -9.67 -6.17
N ASP A 53 -2.95 -9.28 -7.08
CA ASP A 53 -2.64 -8.31 -8.13
C ASP A 53 -2.01 -7.07 -7.50
N ARG A 54 -2.72 -6.52 -6.54
CA ARG A 54 -2.31 -5.32 -5.84
C ARG A 54 -1.07 -5.58 -4.98
N ARG A 55 -1.14 -6.65 -4.21
CA ARG A 55 -0.02 -7.08 -3.38
C ARG A 55 1.28 -7.17 -4.20
N LEU A 56 1.18 -7.68 -5.42
CA LEU A 56 2.34 -7.82 -6.28
C LEU A 56 2.83 -6.45 -6.77
N LEU A 57 1.90 -5.54 -7.02
CA LEU A 57 2.24 -4.20 -7.49
C LEU A 57 3.08 -3.47 -6.45
N LEU A 58 2.68 -3.59 -5.18
CA LEU A 58 3.40 -2.96 -4.09
C LEU A 58 4.79 -3.57 -3.90
N ASP A 59 4.88 -4.88 -4.05
CA ASP A 59 6.16 -5.57 -3.90
C ASP A 59 7.08 -5.24 -5.07
N LYS A 60 6.48 -4.96 -6.23
CA LYS A 60 7.21 -4.61 -7.42
C LYS A 60 7.91 -3.26 -7.23
N ILE A 61 7.18 -2.29 -6.71
CA ILE A 61 7.74 -0.95 -6.50
C ILE A 61 8.73 -0.94 -5.34
N GLY A 62 8.59 -1.90 -4.43
CA GLY A 62 9.53 -2.02 -3.34
C GLY A 62 8.94 -1.62 -2.00
N PHE A 63 7.65 -1.87 -1.84
CA PHE A 63 6.98 -1.57 -0.58
C PHE A 63 7.35 -2.60 0.48
N VAL A 64 7.76 -2.12 1.64
CA VAL A 64 8.15 -2.98 2.74
C VAL A 64 6.89 -3.58 3.40
N TRP A 65 6.94 -4.88 3.65
CA TRP A 65 5.80 -5.57 4.23
C TRP A 65 5.86 -5.55 5.75
N SER A 66 7.00 -5.17 6.28
CA SER A 66 7.16 -5.05 7.72
C SER A 66 6.98 -3.60 8.16
N LEU A 67 5.73 -3.20 8.28
CA LEU A 67 5.38 -1.86 8.74
C LEU A 67 5.17 -1.91 10.25
N GLU A 68 5.98 -1.15 10.99
CA GLU A 68 5.99 -1.23 12.45
C GLU A 68 6.43 -2.62 12.89
N HIS A 69 6.06 -2.98 14.13
CA HIS A 69 6.30 -4.31 14.68
C HIS A 69 7.79 -4.57 14.92
N HIS A 70 8.10 -5.17 16.05
CA HIS A 70 9.47 -5.52 16.39
C HIS A 70 9.52 -6.74 17.29
N HIS A 71 10.15 -7.79 16.80
CA HIS A 71 10.31 -9.02 17.56
C HIS A 71 11.77 -9.15 18.00
N HIS A 72 11.97 -9.57 19.23
CA HIS A 72 13.32 -9.67 19.79
C HIS A 72 14.12 -10.80 19.16
N HIS A 73 15.13 -10.42 18.39
CA HIS A 73 16.06 -11.39 17.83
C HIS A 73 17.40 -11.21 18.51
N HIS A 74 17.55 -11.82 19.67
CA HIS A 74 18.73 -11.67 20.50
C HIS A 74 19.04 -12.98 21.21
N MET A 1 -15.31 19.16 -1.59
CA MET A 1 -14.54 18.35 -2.56
C MET A 1 -15.48 17.65 -3.53
N ASN A 2 -15.47 18.09 -4.78
CA ASN A 2 -16.30 17.47 -5.81
C ASN A 2 -15.71 16.12 -6.21
N GLN A 3 -16.57 15.12 -6.33
CA GLN A 3 -16.13 13.80 -6.72
C GLN A 3 -15.85 13.75 -8.22
N ASN A 4 -14.57 13.73 -8.56
CA ASN A 4 -14.14 13.77 -9.94
C ASN A 4 -14.02 12.36 -10.51
N LEU A 5 -14.97 12.00 -11.37
CA LEU A 5 -14.94 10.74 -12.11
C LEU A 5 -14.92 9.53 -11.16
N GLN A 6 -14.39 8.42 -11.67
CA GLN A 6 -14.31 7.19 -10.93
C GLN A 6 -13.03 6.45 -11.28
N GLY A 7 -12.68 5.46 -10.48
CA GLY A 7 -11.45 4.73 -10.70
C GLY A 7 -10.31 5.32 -9.91
N GLU A 8 -10.59 5.68 -8.66
CA GLU A 8 -9.61 6.32 -7.81
C GLU A 8 -8.43 5.40 -7.53
N TRP A 9 -8.63 4.09 -7.71
CA TRP A 9 -7.58 3.11 -7.48
C TRP A 9 -6.36 3.44 -8.33
N MET A 10 -6.59 3.70 -9.62
CA MET A 10 -5.51 4.07 -10.53
C MET A 10 -4.75 5.28 -9.99
N LYS A 11 -5.51 6.24 -9.50
CA LYS A 11 -4.94 7.48 -8.97
C LYS A 11 -4.13 7.18 -7.70
N ASN A 12 -4.69 6.36 -6.81
CA ASN A 12 -4.00 5.99 -5.58
C ASN A 12 -2.75 5.19 -5.88
N TYR A 13 -2.80 4.40 -6.94
CA TYR A 13 -1.67 3.56 -7.34
C TYR A 13 -0.48 4.43 -7.73
N GLU A 14 -0.69 5.36 -8.65
CA GLU A 14 0.39 6.20 -9.17
C GLU A 14 0.99 7.07 -8.07
N GLU A 15 0.16 7.47 -7.10
CA GLU A 15 0.64 8.25 -5.97
C GLU A 15 1.64 7.46 -5.14
N LEU A 16 1.33 6.18 -4.92
CA LEU A 16 2.13 5.35 -4.04
C LEU A 16 3.35 4.88 -4.80
N LYS A 17 3.15 4.63 -6.08
CA LYS A 17 4.20 4.17 -6.97
C LYS A 17 5.40 5.11 -6.93
N SER A 18 5.12 6.40 -6.97
CA SER A 18 6.18 7.40 -6.89
C SER A 18 6.61 7.67 -5.46
N PHE A 19 5.65 7.56 -4.53
CA PHE A 19 5.94 7.86 -3.12
C PHE A 19 6.94 6.86 -2.55
N VAL A 20 6.70 5.58 -2.80
CA VAL A 20 7.59 4.54 -2.31
C VAL A 20 8.96 4.65 -2.97
N ARG A 21 8.97 5.07 -4.23
CA ARG A 21 10.22 5.23 -4.97
C ARG A 21 11.01 6.42 -4.42
N LYS A 22 10.29 7.35 -3.81
CA LYS A 22 10.89 8.57 -3.30
C LYS A 22 11.27 8.44 -1.83
N TYR A 23 10.29 8.08 -1.00
CA TYR A 23 10.49 8.03 0.45
C TYR A 23 10.96 6.66 0.90
N ARG A 24 10.80 5.67 0.02
CA ARG A 24 11.08 4.28 0.33
C ARG A 24 10.24 3.82 1.52
N ARG A 25 9.04 3.33 1.19
CA ARG A 25 8.07 2.89 2.17
C ARG A 25 7.53 4.08 2.98
N PHE A 26 6.45 3.85 3.72
CA PHE A 26 5.93 4.84 4.63
C PHE A 26 6.77 4.85 5.89
N PRO A 27 6.96 6.03 6.51
CA PRO A 27 7.63 6.13 7.81
C PRO A 27 6.99 5.21 8.83
N LYS A 28 5.67 5.32 8.95
CA LYS A 28 4.89 4.42 9.79
C LYS A 28 3.40 4.68 9.57
N SER A 29 3.02 5.95 9.60
CA SER A 29 1.65 6.36 9.36
C SER A 29 1.56 7.89 9.43
N THR A 30 0.35 8.41 9.60
CA THR A 30 0.11 9.85 9.66
C THR A 30 0.43 10.53 8.32
N GLU A 31 0.46 9.74 7.25
CA GLU A 31 0.57 10.28 5.90
C GLU A 31 -0.79 10.77 5.42
N GLY A 32 -0.88 11.15 4.15
CA GLY A 32 -2.14 11.57 3.58
C GLY A 32 -3.05 10.41 3.27
N ASN A 33 -3.63 10.41 2.07
CA ASN A 33 -4.53 9.33 1.65
C ASN A 33 -3.79 8.00 1.62
N LEU A 34 -2.49 8.06 1.36
CA LEU A 34 -1.65 6.86 1.37
C LEU A 34 -1.53 6.30 2.77
N GLY A 35 -1.59 7.18 3.76
CA GLY A 35 -1.61 6.73 5.14
C GLY A 35 -2.88 5.98 5.46
N GLY A 36 -3.97 6.44 4.86
CA GLY A 36 -5.23 5.74 4.99
C GLY A 36 -5.22 4.44 4.21
N TRP A 37 -4.60 4.47 3.04
CA TRP A 37 -4.40 3.27 2.22
C TRP A 37 -3.69 2.21 3.04
N CYS A 38 -2.59 2.61 3.67
CA CYS A 38 -1.81 1.71 4.52
C CYS A 38 -2.68 1.17 5.65
N HIS A 39 -3.35 2.07 6.37
CA HIS A 39 -4.23 1.67 7.46
C HIS A 39 -5.30 0.69 7.00
N THR A 40 -5.93 1.01 5.88
CA THR A 40 -6.98 0.16 5.33
C THR A 40 -6.43 -1.21 4.95
N GLN A 41 -5.24 -1.23 4.35
CA GLN A 41 -4.65 -2.45 3.84
C GLN A 41 -4.32 -3.43 4.97
N ARG A 42 -4.08 -2.90 6.17
CA ARG A 42 -3.83 -3.72 7.34
C ARG A 42 -5.00 -4.65 7.60
N LYS A 43 -6.22 -4.16 7.37
CA LYS A 43 -7.41 -4.97 7.55
C LYS A 43 -7.67 -5.81 6.31
N MET A 44 -7.36 -5.25 5.14
CA MET A 44 -7.63 -5.92 3.86
C MET A 44 -7.01 -7.30 3.80
N ARG A 45 -5.80 -7.43 4.36
CA ARG A 45 -5.09 -8.70 4.34
C ARG A 45 -5.73 -9.70 5.30
N LYS A 46 -6.24 -9.18 6.42
CA LYS A 46 -6.89 -10.02 7.42
C LYS A 46 -8.28 -10.41 6.93
N GLN A 47 -8.87 -9.53 6.13
CA GLN A 47 -10.15 -9.79 5.48
C GLN A 47 -9.95 -10.71 4.27
N GLY A 48 -8.70 -10.81 3.82
CA GLY A 48 -8.38 -11.68 2.70
C GLY A 48 -8.84 -11.11 1.37
N LYS A 49 -8.98 -9.79 1.31
CA LYS A 49 -9.47 -9.14 0.11
C LYS A 49 -8.36 -8.37 -0.59
N LEU A 50 -7.19 -8.35 0.01
CA LEU A 50 -6.04 -7.69 -0.61
C LEU A 50 -5.67 -8.42 -1.90
N PRO A 51 -5.32 -7.67 -2.97
CA PRO A 51 -4.88 -8.25 -4.22
C PRO A 51 -3.44 -8.69 -4.15
N ASN A 52 -3.21 -9.95 -4.45
CA ASN A 52 -1.85 -10.51 -4.52
C ASN A 52 -1.06 -9.78 -5.59
N ASP A 53 -1.76 -9.33 -6.62
CA ASP A 53 -1.17 -8.52 -7.68
C ASP A 53 -0.55 -7.27 -7.07
N ARG A 54 -1.36 -6.56 -6.28
CA ARG A 54 -0.91 -5.32 -5.66
C ARG A 54 0.16 -5.62 -4.60
N ARG A 55 0.05 -6.79 -3.98
CA ARG A 55 1.04 -7.23 -3.01
C ARG A 55 2.40 -7.34 -3.68
N LEU A 56 2.40 -7.92 -4.89
CA LEU A 56 3.62 -8.06 -5.66
C LEU A 56 4.07 -6.71 -6.20
N LEU A 57 3.12 -5.92 -6.69
CA LEU A 57 3.41 -4.59 -7.20
C LEU A 57 4.06 -3.74 -6.12
N LEU A 58 3.51 -3.82 -4.91
CA LEU A 58 4.00 -3.05 -3.78
C LEU A 58 5.42 -3.47 -3.42
N ASP A 59 5.67 -4.77 -3.39
CA ASP A 59 7.00 -5.30 -3.11
C ASP A 59 7.98 -4.87 -4.20
N LYS A 60 7.51 -4.84 -5.44
CA LYS A 60 8.34 -4.53 -6.59
C LYS A 60 8.74 -3.05 -6.63
N ILE A 61 7.84 -2.16 -6.22
CA ILE A 61 8.12 -0.73 -6.25
C ILE A 61 9.08 -0.31 -5.13
N GLY A 62 9.45 -1.26 -4.28
CA GLY A 62 10.46 -0.98 -3.27
C GLY A 62 9.90 -0.90 -1.86
N PHE A 63 8.73 -1.46 -1.66
CA PHE A 63 8.10 -1.44 -0.34
C PHE A 63 8.56 -2.61 0.48
N VAL A 64 9.19 -2.31 1.61
CA VAL A 64 9.64 -3.34 2.52
C VAL A 64 8.58 -3.60 3.59
N TRP A 65 8.23 -4.86 3.77
CA TRP A 65 7.16 -5.26 4.67
C TRP A 65 7.65 -5.30 6.10
N SER A 66 8.91 -5.65 6.27
CA SER A 66 9.51 -5.78 7.59
C SER A 66 9.74 -4.40 8.20
N LEU A 67 9.28 -4.22 9.42
CA LEU A 67 9.40 -2.94 10.12
C LEU A 67 10.71 -2.88 10.90
N GLU A 68 11.48 -1.82 10.67
CA GLU A 68 12.72 -1.57 11.39
C GLU A 68 13.76 -2.66 11.10
N HIS A 69 13.51 -3.43 10.05
CA HIS A 69 14.43 -4.47 9.64
C HIS A 69 15.24 -4.00 8.44
N HIS A 70 15.82 -2.82 8.59
CA HIS A 70 16.63 -2.21 7.54
C HIS A 70 17.89 -3.04 7.31
N HIS A 71 18.03 -3.57 6.10
CA HIS A 71 19.12 -4.50 5.80
C HIS A 71 20.48 -3.81 5.89
N HIS A 72 21.36 -4.37 6.70
CA HIS A 72 22.72 -3.89 6.79
C HIS A 72 23.70 -5.05 6.84
N HIS A 73 24.20 -5.45 5.68
CA HIS A 73 25.22 -6.48 5.60
C HIS A 73 26.56 -5.91 6.03
N HIS A 74 26.64 -4.59 6.01
CA HIS A 74 27.82 -3.88 6.48
C HIS A 74 27.37 -2.63 7.21
N MET A 1 -16.79 16.30 -27.54
CA MET A 1 -15.62 16.44 -26.63
C MET A 1 -15.66 15.35 -25.57
N ASN A 2 -14.50 15.08 -24.96
CA ASN A 2 -14.41 14.10 -23.89
C ASN A 2 -13.40 14.54 -22.86
N GLN A 3 -13.66 14.18 -21.61
CA GLN A 3 -12.78 14.51 -20.51
C GLN A 3 -13.11 13.60 -19.33
N ASN A 4 -12.32 12.55 -19.17
CA ASN A 4 -12.59 11.54 -18.14
C ASN A 4 -12.58 12.14 -16.75
N LEU A 5 -13.37 11.54 -15.88
CA LEU A 5 -13.41 11.94 -14.48
C LEU A 5 -12.13 11.51 -13.80
N GLN A 6 -11.57 12.38 -12.97
CA GLN A 6 -10.32 12.08 -12.29
C GLN A 6 -10.54 11.06 -11.19
N GLY A 7 -10.29 9.79 -11.51
CA GLY A 7 -10.38 8.75 -10.50
C GLY A 7 -9.19 8.81 -9.58
N GLU A 8 -9.43 8.68 -8.28
CA GLU A 8 -8.37 8.83 -7.31
C GLU A 8 -7.35 7.70 -7.43
N TRP A 9 -7.80 6.55 -7.92
CA TRP A 9 -6.94 5.39 -8.06
C TRP A 9 -5.75 5.71 -8.97
N MET A 10 -6.03 6.24 -10.15
CA MET A 10 -4.97 6.57 -11.10
C MET A 10 -4.00 7.57 -10.48
N LYS A 11 -4.51 8.43 -9.62
CA LYS A 11 -3.70 9.44 -8.96
C LYS A 11 -2.91 8.81 -7.81
N ASN A 12 -3.59 8.04 -6.97
CA ASN A 12 -2.98 7.38 -5.83
C ASN A 12 -1.95 6.34 -6.27
N TYR A 13 -2.19 5.68 -7.40
CA TYR A 13 -1.26 4.67 -7.89
C TYR A 13 0.06 5.32 -8.27
N GLU A 14 -0.01 6.35 -9.11
CA GLU A 14 1.18 7.11 -9.49
C GLU A 14 1.81 7.75 -8.26
N GLU A 15 0.94 8.10 -7.31
CA GLU A 15 1.37 8.66 -6.04
C GLU A 15 2.21 7.64 -5.28
N LEU A 16 1.65 6.43 -5.13
CA LEU A 16 2.31 5.35 -4.40
C LEU A 16 3.63 4.97 -5.04
N LYS A 17 3.63 4.86 -6.37
CA LYS A 17 4.85 4.58 -7.12
C LYS A 17 5.94 5.56 -6.73
N SER A 18 5.62 6.83 -6.92
CA SER A 18 6.55 7.92 -6.62
C SER A 18 6.92 7.97 -5.15
N PHE A 19 5.93 7.79 -4.26
CA PHE A 19 6.16 7.89 -2.83
C PHE A 19 7.07 6.77 -2.35
N VAL A 20 6.78 5.54 -2.76
CA VAL A 20 7.62 4.41 -2.41
C VAL A 20 8.99 4.54 -3.06
N ARG A 21 9.01 5.00 -4.29
CA ARG A 21 10.27 5.21 -5.01
C ARG A 21 11.14 6.24 -4.27
N LYS A 22 10.48 7.11 -3.51
CA LYS A 22 11.16 8.17 -2.79
C LYS A 22 11.52 7.76 -1.36
N TYR A 23 10.52 7.38 -0.57
CA TYR A 23 10.73 7.16 0.87
C TYR A 23 10.85 5.68 1.20
N ARG A 24 10.18 4.85 0.41
CA ARG A 24 9.99 3.43 0.73
C ARG A 24 9.14 3.28 1.98
N ARG A 25 7.84 3.12 1.75
CA ARG A 25 6.84 3.01 2.83
C ARG A 25 6.55 4.37 3.44
N PHE A 26 5.50 4.42 4.25
CA PHE A 26 5.13 5.62 4.96
C PHE A 26 4.85 5.31 6.42
N PRO A 27 5.91 5.28 7.25
CA PRO A 27 5.80 4.97 8.66
C PRO A 27 4.98 6.02 9.40
N LYS A 28 4.03 5.56 10.22
CA LYS A 28 3.20 6.45 11.02
C LYS A 28 2.31 7.28 10.09
N SER A 29 2.03 6.70 8.92
CA SER A 29 1.25 7.35 7.87
C SER A 29 1.76 8.75 7.56
N THR A 30 2.95 8.81 6.98
CA THR A 30 3.58 10.06 6.60
C THR A 30 2.71 10.81 5.57
N GLU A 31 2.07 10.05 4.70
CA GLU A 31 1.17 10.61 3.71
C GLU A 31 -0.26 10.18 4.02
N GLY A 32 -1.13 11.16 4.22
CA GLY A 32 -2.51 10.87 4.55
C GLY A 32 -3.23 10.16 3.42
N ASN A 33 -2.89 10.50 2.18
CA ASN A 33 -3.51 9.88 1.01
C ASN A 33 -3.26 8.38 0.99
N LEU A 34 -2.00 7.98 1.06
CA LEU A 34 -1.64 6.57 1.05
C LEU A 34 -1.96 5.92 2.38
N GLY A 35 -1.96 6.73 3.44
CA GLY A 35 -2.33 6.24 4.76
C GLY A 35 -3.74 5.71 4.78
N GLY A 36 -4.64 6.40 4.09
CA GLY A 36 -6.01 5.95 3.98
C GLY A 36 -6.12 4.71 3.12
N TRP A 37 -5.28 4.66 2.09
CA TRP A 37 -5.23 3.52 1.20
C TRP A 37 -4.86 2.26 1.98
N CYS A 38 -3.80 2.37 2.78
CA CYS A 38 -3.35 1.25 3.60
C CYS A 38 -4.31 0.96 4.75
N HIS A 39 -4.95 2.00 5.28
CA HIS A 39 -5.90 1.83 6.40
C HIS A 39 -6.96 0.79 6.07
N THR A 40 -7.38 0.78 4.83
CA THR A 40 -8.40 -0.16 4.37
C THR A 40 -7.80 -1.56 4.14
N GLN A 41 -6.64 -1.61 3.49
CA GLN A 41 -6.08 -2.88 3.04
C GLN A 41 -5.27 -3.60 4.12
N ARG A 42 -4.84 -2.88 5.16
CA ARG A 42 -4.15 -3.51 6.28
C ARG A 42 -5.07 -4.51 6.97
N LYS A 43 -6.37 -4.25 6.86
CA LYS A 43 -7.36 -5.14 7.41
C LYS A 43 -7.42 -6.42 6.58
N MET A 44 -7.41 -6.25 5.26
CA MET A 44 -7.48 -7.38 4.32
C MET A 44 -6.23 -8.23 4.42
N ARG A 45 -5.10 -7.60 4.69
CA ARG A 45 -3.84 -8.31 4.84
C ARG A 45 -3.86 -9.16 6.10
N LYS A 46 -4.30 -8.56 7.19
CA LYS A 46 -4.38 -9.25 8.47
C LYS A 46 -5.39 -10.40 8.36
N GLN A 47 -6.54 -10.10 7.77
CA GLN A 47 -7.60 -11.07 7.61
C GLN A 47 -7.19 -12.18 6.64
N GLY A 48 -6.36 -11.83 5.68
CA GLY A 48 -5.81 -12.81 4.76
C GLY A 48 -6.62 -12.98 3.49
N LYS A 49 -7.09 -11.87 2.92
CA LYS A 49 -7.85 -11.94 1.67
C LYS A 49 -7.35 -10.91 0.67
N LEU A 50 -6.31 -10.18 1.04
CA LEU A 50 -5.71 -9.21 0.11
C LEU A 50 -5.34 -9.90 -1.21
N PRO A 51 -5.57 -9.22 -2.35
CA PRO A 51 -5.23 -9.74 -3.67
C PRO A 51 -3.73 -9.96 -3.86
N ASN A 52 -3.41 -11.05 -4.52
CA ASN A 52 -2.02 -11.40 -4.83
C ASN A 52 -1.39 -10.36 -5.75
N ASP A 53 -2.22 -9.73 -6.58
CA ASP A 53 -1.74 -8.71 -7.51
C ASP A 53 -1.32 -7.47 -6.76
N ARG A 54 -2.15 -7.08 -5.80
CA ARG A 54 -1.86 -5.93 -4.95
C ARG A 54 -0.56 -6.13 -4.19
N ARG A 55 -0.44 -7.27 -3.51
CA ARG A 55 0.72 -7.54 -2.68
C ARG A 55 1.98 -7.67 -3.54
N LEU A 56 1.80 -8.09 -4.79
CA LEU A 56 2.92 -8.18 -5.73
C LEU A 56 3.31 -6.81 -6.26
N LEU A 57 2.29 -6.02 -6.61
CA LEU A 57 2.50 -4.69 -7.16
C LEU A 57 3.26 -3.81 -6.17
N LEU A 58 2.84 -3.86 -4.92
CA LEU A 58 3.50 -3.10 -3.86
C LEU A 58 4.91 -3.61 -3.63
N ASP A 59 5.04 -4.93 -3.57
CA ASP A 59 6.34 -5.57 -3.36
C ASP A 59 7.29 -5.25 -4.51
N LYS A 60 6.72 -5.00 -5.68
CA LYS A 60 7.47 -4.67 -6.88
C LYS A 60 8.10 -3.29 -6.75
N ILE A 61 7.29 -2.27 -6.45
CA ILE A 61 7.78 -0.90 -6.38
C ILE A 61 8.73 -0.70 -5.19
N GLY A 62 8.65 -1.59 -4.21
CA GLY A 62 9.55 -1.51 -3.07
C GLY A 62 8.82 -1.28 -1.77
N PHE A 63 7.54 -1.61 -1.74
CA PHE A 63 6.74 -1.45 -0.54
C PHE A 63 6.94 -2.64 0.37
N VAL A 64 7.71 -2.43 1.42
CA VAL A 64 8.00 -3.47 2.38
C VAL A 64 6.87 -3.57 3.39
N TRP A 65 6.67 -4.75 3.95
CA TRP A 65 5.56 -5.00 4.86
C TRP A 65 5.99 -4.79 6.31
N SER A 66 7.00 -3.97 6.51
CA SER A 66 7.49 -3.66 7.85
C SER A 66 6.48 -2.79 8.59
N LEU A 67 5.65 -3.43 9.39
CA LEU A 67 4.66 -2.75 10.20
C LEU A 67 4.50 -3.49 11.52
N GLU A 68 4.07 -2.79 12.55
CA GLU A 68 3.95 -3.41 13.85
C GLU A 68 2.50 -3.74 14.19
N HIS A 69 2.25 -5.02 14.41
CA HIS A 69 0.93 -5.50 14.77
C HIS A 69 1.05 -6.89 15.39
N HIS A 70 0.75 -6.97 16.69
CA HIS A 70 0.85 -8.23 17.41
C HIS A 70 -0.08 -9.29 16.79
N HIS A 71 0.47 -10.47 16.53
CA HIS A 71 -0.31 -11.55 15.96
C HIS A 71 -0.61 -12.59 17.04
N HIS A 72 -1.88 -12.86 17.24
CA HIS A 72 -2.30 -13.72 18.34
C HIS A 72 -2.99 -14.98 17.81
N HIS A 73 -2.62 -16.13 18.36
CA HIS A 73 -3.26 -17.38 17.99
C HIS A 73 -3.37 -18.32 19.19
N HIS A 74 -4.38 -19.18 19.16
CA HIS A 74 -4.54 -20.25 20.14
C HIS A 74 -4.93 -21.54 19.44
N MET A 1 -24.41 11.22 -13.46
CA MET A 1 -23.39 12.18 -13.01
C MET A 1 -22.33 11.48 -12.18
N ASN A 2 -21.10 11.94 -12.27
CA ASN A 2 -20.01 11.40 -11.48
C ASN A 2 -19.19 12.52 -10.87
N GLN A 3 -19.37 12.73 -9.58
CA GLN A 3 -18.58 13.71 -8.84
C GLN A 3 -17.82 13.01 -7.71
N ASN A 4 -18.34 11.86 -7.31
CA ASN A 4 -17.74 11.08 -6.22
C ASN A 4 -17.29 9.72 -6.73
N LEU A 5 -16.23 9.21 -6.12
CA LEU A 5 -15.65 7.91 -6.51
C LEU A 5 -15.19 7.97 -7.96
N GLN A 6 -14.52 9.06 -8.28
CA GLN A 6 -14.02 9.31 -9.63
C GLN A 6 -12.80 8.43 -9.91
N GLY A 7 -12.13 8.70 -11.02
CA GLY A 7 -10.92 7.97 -11.35
C GLY A 7 -9.73 8.42 -10.52
N GLU A 8 -9.90 8.38 -9.21
CA GLU A 8 -8.85 8.80 -8.28
C GLU A 8 -7.78 7.71 -8.20
N TRP A 9 -8.24 6.46 -8.33
CA TRP A 9 -7.38 5.29 -8.27
C TRP A 9 -6.14 5.41 -9.15
N MET A 10 -6.34 5.78 -10.42
CA MET A 10 -5.24 5.89 -11.36
C MET A 10 -4.15 6.80 -10.81
N LYS A 11 -4.57 7.87 -10.16
CA LYS A 11 -3.65 8.81 -9.54
C LYS A 11 -3.06 8.22 -8.28
N ASN A 12 -3.91 7.57 -7.49
CA ASN A 12 -3.49 6.96 -6.23
C ASN A 12 -2.41 5.92 -6.45
N TYR A 13 -2.54 5.16 -7.54
CA TYR A 13 -1.53 4.18 -7.91
C TYR A 13 -0.18 4.85 -8.15
N GLU A 14 -0.20 5.92 -8.94
CA GLU A 14 1.01 6.69 -9.23
C GLU A 14 1.54 7.35 -7.96
N GLU A 15 0.63 7.83 -7.13
CA GLU A 15 1.00 8.44 -5.86
C GLU A 15 1.74 7.43 -4.99
N LEU A 16 1.19 6.22 -4.94
CA LEU A 16 1.80 5.13 -4.18
C LEU A 16 3.21 4.85 -4.68
N LYS A 17 3.36 4.74 -6.00
CA LYS A 17 4.67 4.51 -6.60
C LYS A 17 5.67 5.56 -6.16
N SER A 18 5.31 6.80 -6.39
CA SER A 18 6.15 7.93 -6.00
C SER A 18 6.46 7.88 -4.50
N PHE A 19 5.44 7.65 -3.68
CA PHE A 19 5.59 7.66 -2.22
C PHE A 19 6.48 6.51 -1.76
N VAL A 20 6.23 5.31 -2.29
CA VAL A 20 7.00 4.14 -1.90
C VAL A 20 8.44 4.23 -2.41
N ARG A 21 8.63 4.87 -3.55
CA ARG A 21 9.97 5.06 -4.10
C ARG A 21 10.76 6.06 -3.25
N LYS A 22 10.04 6.86 -2.47
CA LYS A 22 10.64 7.91 -1.69
C LYS A 22 11.15 7.39 -0.36
N TYR A 23 10.25 6.88 0.47
CA TYR A 23 10.62 6.40 1.80
C TYR A 23 10.85 4.90 1.79
N ARG A 24 10.32 4.24 0.76
CA ARG A 24 10.22 2.79 0.72
C ARG A 24 9.38 2.28 1.88
N ARG A 25 8.08 2.10 1.58
CA ARG A 25 7.08 1.76 2.56
C ARG A 25 6.88 2.88 3.58
N PHE A 26 5.71 2.84 4.21
CA PHE A 26 5.38 3.75 5.30
C PHE A 26 5.10 2.94 6.56
N PRO A 27 5.49 3.47 7.73
CA PRO A 27 5.25 2.80 8.99
C PRO A 27 3.79 2.90 9.42
N LYS A 28 3.31 4.13 9.47
CA LYS A 28 1.94 4.43 9.85
C LYS A 28 1.51 5.72 9.17
N SER A 29 0.80 5.61 8.07
CA SER A 29 0.53 6.76 7.22
C SER A 29 -0.91 7.24 7.36
N THR A 30 -1.05 8.55 7.44
CA THR A 30 -2.35 9.21 7.38
C THR A 30 -2.29 10.35 6.36
N GLU A 31 -1.35 10.23 5.44
CA GLU A 31 -1.11 11.27 4.44
C GLU A 31 -2.05 11.12 3.24
N GLY A 32 -3.25 11.69 3.37
CA GLY A 32 -4.20 11.74 2.27
C GLY A 32 -4.45 10.40 1.60
N ASN A 33 -3.94 10.28 0.38
CA ASN A 33 -4.17 9.11 -0.46
C ASN A 33 -3.57 7.86 0.17
N LEU A 34 -2.35 7.98 0.67
CA LEU A 34 -1.65 6.86 1.27
C LEU A 34 -2.22 6.55 2.65
N GLY A 35 -2.81 7.57 3.26
CA GLY A 35 -3.48 7.40 4.54
C GLY A 35 -4.64 6.43 4.44
N GLY A 36 -5.34 6.48 3.33
CA GLY A 36 -6.44 5.54 3.11
C GLY A 36 -5.94 4.15 2.79
N TRP A 37 -4.83 4.08 2.05
CA TRP A 37 -4.19 2.82 1.74
C TRP A 37 -3.79 2.10 3.03
N CYS A 38 -3.11 2.84 3.90
CA CYS A 38 -2.63 2.30 5.17
C CYS A 38 -3.81 1.84 6.04
N HIS A 39 -4.89 2.61 6.03
CA HIS A 39 -6.04 2.30 6.86
C HIS A 39 -6.78 1.06 6.38
N THR A 40 -7.03 0.99 5.09
CA THR A 40 -7.87 -0.07 4.54
C THR A 40 -7.11 -1.38 4.35
N GLN A 41 -6.04 -1.35 3.59
CA GLN A 41 -5.41 -2.59 3.11
C GLN A 41 -4.53 -3.26 4.16
N ARG A 42 -4.11 -2.52 5.19
CA ARG A 42 -3.32 -3.12 6.27
C ARG A 42 -4.16 -4.14 7.02
N LYS A 43 -5.47 -3.88 7.08
CA LYS A 43 -6.40 -4.77 7.74
C LYS A 43 -6.69 -5.98 6.85
N MET A 44 -6.94 -5.70 5.56
CA MET A 44 -7.28 -6.74 4.60
C MET A 44 -6.17 -7.77 4.47
N ARG A 45 -4.94 -7.33 4.72
CA ARG A 45 -3.80 -8.24 4.67
C ARG A 45 -3.90 -9.29 5.77
N LYS A 46 -4.17 -8.84 6.99
CA LYS A 46 -4.29 -9.73 8.14
C LYS A 46 -5.50 -10.64 7.95
N GLN A 47 -6.54 -10.10 7.34
CA GLN A 47 -7.78 -10.83 7.10
C GLN A 47 -7.69 -11.69 5.84
N GLY A 48 -6.54 -11.67 5.18
CA GLY A 48 -6.31 -12.49 4.01
C GLY A 48 -7.30 -12.23 2.88
N LYS A 49 -7.72 -10.98 2.75
CA LYS A 49 -8.66 -10.62 1.70
C LYS A 49 -8.06 -9.59 0.75
N LEU A 50 -6.80 -9.25 1.00
CA LEU A 50 -6.03 -8.40 0.11
C LEU A 50 -5.88 -9.08 -1.25
N PRO A 51 -5.94 -8.31 -2.35
CA PRO A 51 -5.59 -8.81 -3.67
C PRO A 51 -4.13 -9.19 -3.74
N ASN A 52 -3.85 -10.45 -4.05
CA ASN A 52 -2.50 -10.95 -4.18
C ASN A 52 -1.73 -10.13 -5.23
N ASP A 53 -2.45 -9.67 -6.24
CA ASP A 53 -1.88 -8.83 -7.29
C ASP A 53 -1.26 -7.57 -6.68
N ARG A 54 -1.96 -6.98 -5.70
CA ARG A 54 -1.48 -5.78 -5.04
C ARG A 54 -0.17 -6.04 -4.32
N ARG A 55 -0.16 -7.11 -3.54
CA ARG A 55 1.04 -7.49 -2.79
C ARG A 55 2.24 -7.64 -3.73
N LEU A 56 1.99 -8.16 -4.92
CA LEU A 56 3.04 -8.32 -5.92
C LEU A 56 3.51 -6.96 -6.44
N LEU A 57 2.57 -6.14 -6.88
CA LEU A 57 2.88 -4.82 -7.42
C LEU A 57 3.56 -3.93 -6.38
N LEU A 58 3.11 -4.02 -5.14
CA LEU A 58 3.70 -3.26 -4.04
C LEU A 58 5.16 -3.64 -3.84
N ASP A 59 5.44 -4.93 -3.95
CA ASP A 59 6.80 -5.42 -3.81
C ASP A 59 7.68 -4.92 -4.96
N LYS A 60 7.09 -4.83 -6.14
CA LYS A 60 7.81 -4.39 -7.33
C LYS A 60 8.26 -2.94 -7.19
N ILE A 61 7.39 -2.08 -6.66
CA ILE A 61 7.71 -0.66 -6.53
C ILE A 61 8.62 -0.40 -5.33
N GLY A 62 8.72 -1.36 -4.43
CA GLY A 62 9.68 -1.26 -3.35
C GLY A 62 9.06 -1.20 -1.97
N PHE A 63 7.90 -1.82 -1.80
CA PHE A 63 7.28 -1.89 -0.49
C PHE A 63 7.85 -3.06 0.29
N VAL A 64 8.68 -2.76 1.26
CA VAL A 64 9.35 -3.77 2.06
C VAL A 64 8.38 -4.43 3.04
N TRP A 65 8.40 -5.75 3.12
CA TRP A 65 7.41 -6.48 3.90
C TRP A 65 7.98 -6.94 5.25
N SER A 66 9.18 -6.45 5.56
CA SER A 66 9.85 -6.80 6.81
C SER A 66 9.01 -6.44 8.03
N LEU A 67 8.53 -7.46 8.72
CA LEU A 67 7.78 -7.28 9.95
C LEU A 67 8.28 -8.26 11.00
N GLU A 68 7.76 -8.14 12.22
CA GLU A 68 8.07 -9.07 13.30
C GLU A 68 9.55 -9.03 13.66
N HIS A 69 10.19 -7.90 13.37
CA HIS A 69 11.60 -7.72 13.67
C HIS A 69 11.82 -7.86 15.17
N HIS A 70 12.54 -8.91 15.53
CA HIS A 70 12.73 -9.30 16.93
C HIS A 70 13.25 -8.14 17.78
N HIS A 71 12.37 -7.58 18.58
CA HIS A 71 12.75 -6.59 19.56
C HIS A 71 12.75 -7.25 20.93
N HIS A 72 11.57 -7.34 21.53
CA HIS A 72 11.38 -8.02 22.80
C HIS A 72 9.94 -8.52 22.88
N HIS A 73 9.64 -9.26 23.94
CA HIS A 73 8.27 -9.71 24.16
C HIS A 73 7.83 -9.22 25.53
N HIS A 74 6.53 -9.19 25.76
CA HIS A 74 6.02 -8.77 27.05
C HIS A 74 5.32 -9.92 27.76
N MET A 1 -15.94 19.01 0.05
CA MET A 1 -14.69 19.76 0.35
C MET A 1 -13.45 18.95 -0.01
N ASN A 2 -13.58 17.64 -0.04
CA ASN A 2 -12.50 16.77 -0.45
C ASN A 2 -12.97 15.86 -1.57
N GLN A 3 -12.31 15.93 -2.72
CA GLN A 3 -12.68 15.13 -3.87
C GLN A 3 -12.30 13.68 -3.67
N ASN A 4 -13.13 12.78 -4.16
CA ASN A 4 -12.85 11.35 -4.08
C ASN A 4 -12.04 10.93 -5.30
N LEU A 5 -12.29 11.64 -6.42
CA LEU A 5 -11.69 11.34 -7.72
C LEU A 5 -12.25 10.05 -8.30
N GLN A 6 -12.29 9.96 -9.62
CA GLN A 6 -12.79 8.77 -10.28
C GLN A 6 -11.65 7.79 -10.50
N GLY A 7 -11.57 6.80 -9.63
CA GLY A 7 -10.50 5.84 -9.69
C GLY A 7 -9.60 5.93 -8.48
N GLU A 8 -9.99 5.26 -7.40
CA GLU A 8 -9.25 5.31 -6.15
C GLU A 8 -7.84 4.78 -6.34
N TRP A 9 -7.72 3.64 -7.01
CA TRP A 9 -6.42 3.00 -7.18
C TRP A 9 -5.62 3.71 -8.25
N MET A 10 -6.31 4.29 -9.24
CA MET A 10 -5.63 5.07 -10.26
C MET A 10 -4.92 6.26 -9.63
N LYS A 11 -5.57 6.84 -8.62
CA LYS A 11 -4.98 7.91 -7.84
C LYS A 11 -3.86 7.36 -6.96
N ASN A 12 -4.16 6.28 -6.26
CA ASN A 12 -3.20 5.64 -5.35
C ASN A 12 -1.91 5.29 -6.06
N TYR A 13 -2.04 4.70 -7.23
CA TYR A 13 -0.89 4.19 -7.98
C TYR A 13 0.17 5.27 -8.22
N GLU A 14 -0.26 6.43 -8.69
CA GLU A 14 0.68 7.49 -9.04
C GLU A 14 1.37 8.06 -7.81
N GLU A 15 0.64 8.13 -6.69
CA GLU A 15 1.21 8.61 -5.43
C GLU A 15 2.10 7.53 -4.82
N LEU A 16 1.62 6.30 -4.89
CA LEU A 16 2.30 5.14 -4.32
C LEU A 16 3.72 4.99 -4.88
N LYS A 17 3.81 4.95 -6.21
CA LYS A 17 5.11 4.81 -6.89
C LYS A 17 6.08 5.85 -6.38
N SER A 18 5.64 7.08 -6.42
CA SER A 18 6.43 8.23 -5.98
C SER A 18 6.84 8.10 -4.51
N PHE A 19 5.89 7.70 -3.68
CA PHE A 19 6.12 7.60 -2.25
C PHE A 19 7.12 6.49 -1.94
N VAL A 20 6.84 5.29 -2.45
CA VAL A 20 7.72 4.14 -2.27
C VAL A 20 9.11 4.40 -2.85
N ARG A 21 9.17 5.16 -3.93
CA ARG A 21 10.44 5.47 -4.59
C ARG A 21 11.37 6.23 -3.64
N LYS A 22 10.78 6.96 -2.69
CA LYS A 22 11.56 7.77 -1.76
C LYS A 22 11.54 7.16 -0.35
N TYR A 23 10.35 6.90 0.17
CA TYR A 23 10.18 6.43 1.54
C TYR A 23 10.20 4.91 1.63
N ARG A 24 10.04 4.26 0.48
CA ARG A 24 10.01 2.78 0.38
C ARG A 24 8.70 2.18 0.87
N ARG A 25 7.95 2.95 1.65
CA ARG A 25 6.66 2.51 2.18
C ARG A 25 6.08 3.58 3.10
N PHE A 26 4.86 3.36 3.56
CA PHE A 26 4.23 4.28 4.48
C PHE A 26 3.46 3.55 5.58
N PRO A 27 4.17 3.17 6.66
CA PRO A 27 3.53 2.59 7.84
C PRO A 27 2.83 3.65 8.67
N LYS A 28 3.18 4.90 8.38
CA LYS A 28 2.60 6.04 9.06
C LYS A 28 2.49 7.19 8.06
N SER A 29 1.43 7.16 7.25
CA SER A 29 1.27 8.13 6.18
C SER A 29 0.39 9.29 6.62
N THR A 30 -0.77 8.95 7.21
CA THR A 30 -1.75 9.90 7.70
C THR A 30 -2.40 10.75 6.59
N GLU A 31 -1.59 11.28 5.69
CA GLU A 31 -2.06 12.24 4.70
C GLU A 31 -2.37 11.59 3.34
N GLY A 32 -3.13 12.33 2.54
CA GLY A 32 -3.42 11.90 1.20
C GLY A 32 -4.33 10.69 1.15
N ASN A 33 -4.57 10.20 -0.06
CA ASN A 33 -5.36 9.00 -0.24
C ASN A 33 -4.58 7.80 0.29
N LEU A 34 -3.25 7.93 0.25
CA LEU A 34 -2.36 6.89 0.77
C LEU A 34 -2.55 6.70 2.27
N GLY A 35 -2.65 7.81 3.01
CA GLY A 35 -2.89 7.74 4.44
C GLY A 35 -4.09 6.87 4.77
N GLY A 36 -5.16 7.01 4.01
CA GLY A 36 -6.35 6.21 4.26
C GLY A 36 -6.24 4.82 3.67
N TRP A 37 -5.57 4.71 2.53
CA TRP A 37 -5.33 3.43 1.89
C TRP A 37 -4.60 2.50 2.85
N CYS A 38 -3.53 3.00 3.44
CA CYS A 38 -2.74 2.23 4.39
C CYS A 38 -3.60 1.77 5.56
N HIS A 39 -4.32 2.71 6.15
CA HIS A 39 -5.14 2.43 7.33
C HIS A 39 -6.24 1.41 7.04
N THR A 40 -6.82 1.47 5.86
CA THR A 40 -7.92 0.58 5.51
C THR A 40 -7.41 -0.78 5.02
N GLN A 41 -6.28 -0.77 4.31
CA GLN A 41 -5.73 -1.99 3.74
C GLN A 41 -5.12 -2.89 4.80
N ARG A 42 -4.84 -2.32 5.97
CA ARG A 42 -4.40 -3.09 7.11
C ARG A 42 -5.37 -4.23 7.38
N LYS A 43 -6.64 -3.89 7.40
CA LYS A 43 -7.69 -4.84 7.69
C LYS A 43 -7.85 -5.85 6.54
N MET A 44 -7.79 -5.36 5.31
CA MET A 44 -7.98 -6.23 4.13
C MET A 44 -6.86 -7.26 4.05
N ARG A 45 -5.67 -6.84 4.43
CA ARG A 45 -4.49 -7.69 4.39
C ARG A 45 -4.61 -8.78 5.45
N LYS A 46 -4.92 -8.38 6.67
CA LYS A 46 -5.01 -9.33 7.78
C LYS A 46 -6.23 -10.22 7.63
N GLN A 47 -7.29 -9.68 7.03
CA GLN A 47 -8.52 -10.42 6.81
C GLN A 47 -8.34 -11.45 5.71
N GLY A 48 -7.35 -11.22 4.86
CA GLY A 48 -7.10 -12.12 3.75
C GLY A 48 -8.06 -11.87 2.60
N LYS A 49 -8.40 -10.62 2.36
CA LYS A 49 -9.29 -10.26 1.26
C LYS A 49 -8.60 -9.31 0.30
N LEU A 50 -7.37 -8.95 0.62
CA LEU A 50 -6.53 -8.16 -0.28
C LEU A 50 -6.15 -9.00 -1.50
N PRO A 51 -6.09 -8.38 -2.69
CA PRO A 51 -5.62 -9.04 -3.90
C PRO A 51 -4.11 -9.21 -3.89
N ASN A 52 -3.68 -10.36 -4.34
CA ASN A 52 -2.26 -10.73 -4.33
C ASN A 52 -1.47 -9.98 -5.39
N ASP A 53 -2.08 -9.70 -6.53
CA ASP A 53 -1.37 -9.01 -7.63
C ASP A 53 -0.76 -7.70 -7.15
N ARG A 54 -1.60 -6.89 -6.52
CA ARG A 54 -1.18 -5.62 -5.95
C ARG A 54 -0.02 -5.81 -4.97
N ARG A 55 -0.08 -6.88 -4.19
CA ARG A 55 0.95 -7.16 -3.20
C ARG A 55 2.31 -7.32 -3.87
N LEU A 56 2.32 -8.05 -4.99
CA LEU A 56 3.55 -8.32 -5.69
C LEU A 56 4.04 -7.08 -6.44
N LEU A 57 3.09 -6.28 -6.91
CA LEU A 57 3.40 -5.04 -7.61
C LEU A 57 4.16 -4.08 -6.69
N LEU A 58 3.80 -4.09 -5.42
CA LEU A 58 4.44 -3.23 -4.43
C LEU A 58 5.92 -3.61 -4.29
N ASP A 59 6.21 -4.90 -4.36
CA ASP A 59 7.57 -5.40 -4.26
C ASP A 59 8.42 -4.92 -5.43
N LYS A 60 7.77 -4.63 -6.56
CA LYS A 60 8.47 -4.25 -7.76
C LYS A 60 8.95 -2.80 -7.69
N ILE A 61 8.15 -1.94 -7.06
CA ILE A 61 8.53 -0.53 -6.88
C ILE A 61 9.47 -0.37 -5.68
N GLY A 62 9.58 -1.41 -4.87
CA GLY A 62 10.49 -1.39 -3.75
C GLY A 62 9.79 -1.24 -2.41
N PHE A 63 8.51 -1.55 -2.38
CA PHE A 63 7.75 -1.53 -1.15
C PHE A 63 8.09 -2.76 -0.33
N VAL A 64 8.83 -2.55 0.73
CA VAL A 64 9.31 -3.64 1.54
C VAL A 64 8.22 -4.16 2.47
N TRP A 65 8.05 -5.48 2.47
CA TRP A 65 7.07 -6.12 3.33
C TRP A 65 7.71 -6.57 4.63
N SER A 66 8.86 -5.98 4.92
CA SER A 66 9.62 -6.29 6.13
C SER A 66 10.11 -7.75 6.11
N LEU A 67 10.55 -8.23 7.28
CA LEU A 67 11.08 -9.58 7.43
C LEU A 67 12.40 -9.71 6.64
N GLU A 68 13.03 -10.87 6.71
CA GLU A 68 14.30 -11.07 6.03
C GLU A 68 14.08 -11.42 4.56
N HIS A 69 13.79 -10.39 3.76
CA HIS A 69 13.71 -10.56 2.33
C HIS A 69 15.00 -10.10 1.69
N HIS A 70 15.93 -11.02 1.54
CA HIS A 70 17.21 -10.70 0.92
C HIS A 70 17.01 -10.59 -0.59
N HIS A 71 16.95 -9.36 -1.07
CA HIS A 71 16.62 -9.08 -2.46
C HIS A 71 17.85 -9.27 -3.35
N HIS A 72 17.87 -10.35 -4.11
CA HIS A 72 18.97 -10.65 -5.01
C HIS A 72 18.76 -9.98 -6.36
N HIS A 73 19.80 -9.32 -6.87
CA HIS A 73 19.69 -8.66 -8.17
C HIS A 73 19.82 -9.67 -9.29
N HIS A 74 19.17 -9.40 -10.40
CA HIS A 74 19.21 -10.28 -11.56
C HIS A 74 19.02 -9.44 -12.82
#